data_3HBB
#
_entry.id   3HBB
#
_cell.length_a   176.571
_cell.length_b   176.571
_cell.length_c   251.848
_cell.angle_alpha   90.00
_cell.angle_beta   90.00
_cell.angle_gamma   90.00
#
_symmetry.space_group_name_H-M   'P 43 21 2'
#
loop_
_entity.id
_entity.type
_entity.pdbx_description
1 polymer 'Dihydrofolate reductase-thymidylate synthase'
2 non-polymer 'NADP NICOTINAMIDE-ADENINE-DINUCLEOTIDE PHOSPHATE'
3 non-polymer TRIMETREXATE
4 non-polymer 'SULFATE ION'
5 non-polymer 1,2-ETHANEDIOL
6 water water
#
_entity_poly.entity_id   1
_entity_poly.type   'polypeptide(L)'
_entity_poly.pdbx_seq_one_letter_code
;MSLFKIRMPETVAEGTRLALRAFSLVVAVDERGGIGDGRSIPWNVPEDMKFFRDVTTKLRGKNVKPSPAKRNAVVMGRKT
WDSIPPKFRPLPGRLNVVLSSTLTTQHLLDGLPDEEKRNLHADSIVAVNGGLEQALQLLASPNYTPSIETVYCIGGGSVY
AEALRPPCVHLLQAIYRTTIRASESSCSVFFRVPESGTEAAAGIEWQRETISEELTSANGNETKYYFEKLIPRNREEEQY
LSLVDRIIREGNVKHDRTGVGTLSIFGAQMRFSLRNNRLPLLTTKRVFWRGVCEELLWFLRGETYAKKLSDKGVHIWDDN
GSRAFLDSRGLTEYEEMDLGPVYGFQWRHFGAAYTHHDANYDGQGVDQIKAIVETLKTNPDDRRMLFTAWNPSALPRMAL
PPCHLLAQFYVSNGELSCMLYQRSCDMGLGVPFNIASYALLTILIAKATGLRPGELVHTLGDAHVYSNHVEPCNEQLKRV
PRAFPYLVFRREREFLEDYEEGDMEVIDYAPYPPISMKMAV
;
_entity_poly.pdbx_strand_id   A,B,C,D
#
loop_
_chem_comp.id
_chem_comp.type
_chem_comp.name
_chem_comp.formula
EDO non-polymer 1,2-ETHANEDIOL 'C2 H6 O2'
NAP non-polymer 'NADP NICOTINAMIDE-ADENINE-DINUCLEOTIDE PHOSPHATE' 'C21 H28 N7 O17 P3'
SO4 non-polymer 'SULFATE ION' 'O4 S -2'
TMQ non-polymer TRIMETREXATE 'C19 H24 N5 O3 1'
#
# COMPACT_ATOMS: atom_id res chain seq x y z
N SER A 2 50.63 14.30 -3.92
CA SER A 2 51.04 12.88 -4.14
C SER A 2 50.72 12.41 -5.56
N LEU A 3 49.59 12.85 -6.10
CA LEU A 3 49.25 12.61 -7.50
C LEU A 3 49.10 11.11 -7.81
N PHE A 4 49.14 10.31 -6.74
CA PHE A 4 48.48 9.01 -6.70
C PHE A 4 47.05 9.26 -6.24
N LYS A 5 46.77 10.55 -5.97
CA LYS A 5 45.47 11.01 -5.52
C LYS A 5 44.54 11.28 -6.69
N ILE A 6 43.27 11.53 -6.38
CA ILE A 6 42.25 11.85 -7.38
C ILE A 6 42.07 13.36 -7.48
N ARG A 7 42.33 13.92 -8.65
CA ARG A 7 42.23 15.36 -8.87
C ARG A 7 40.78 15.79 -9.10
N MET A 8 40.31 16.71 -8.27
CA MET A 8 38.94 17.21 -8.35
C MET A 8 38.70 18.00 -9.64
N PRO A 9 37.44 18.05 -10.12
CA PRO A 9 37.14 18.81 -11.32
C PRO A 9 37.26 20.30 -11.10
N GLU A 10 37.35 21.03 -12.20
CA GLU A 10 37.53 22.47 -12.22
C GLU A 10 36.27 23.24 -11.77
N THR A 11 35.09 22.75 -12.14
CA THR A 11 33.83 23.50 -11.94
C THR A 11 32.77 22.76 -11.12
N VAL A 12 31.79 23.51 -10.61
CA VAL A 12 30.60 22.93 -9.95
C VAL A 12 29.70 22.27 -10.98
N ALA A 13 29.16 21.10 -10.62
CA ALA A 13 28.34 20.28 -11.52
C ALA A 13 27.13 21.03 -12.09
N GLU A 14 26.96 20.95 -13.41
CA GLU A 14 25.87 21.69 -14.09
C GLU A 14 24.51 21.46 -13.45
N GLY A 15 23.93 22.54 -12.92
CA GLY A 15 22.66 22.48 -12.22
C GLY A 15 22.72 22.75 -10.72
N THR A 16 23.93 22.73 -10.15
CA THR A 16 24.10 22.95 -8.71
C THR A 16 23.72 24.35 -8.27
N ARG A 17 23.42 24.48 -6.97
CA ARG A 17 22.67 25.60 -6.44
C ARG A 17 23.35 26.17 -5.18
N LEU A 18 23.19 27.48 -4.96
CA LEU A 18 23.64 28.12 -3.72
C LEU A 18 22.83 27.62 -2.52
N ALA A 19 23.53 27.29 -1.44
CA ALA A 19 22.90 26.73 -0.24
C ALA A 19 21.76 27.59 0.31
N LEU A 20 20.61 26.95 0.55
CA LEU A 20 19.43 27.63 1.09
C LEU A 20 19.20 27.29 2.55
N ARG A 21 18.76 28.29 3.30
CA ARG A 21 18.52 28.13 4.73
C ARG A 21 17.14 27.52 5.03
N ALA A 22 17.04 26.74 6.10
CA ALA A 22 15.74 26.20 6.52
C ALA A 22 14.99 27.25 7.33
N PHE A 23 13.69 27.36 7.08
CA PHE A 23 12.89 28.37 7.75
C PHE A 23 11.52 27.85 8.17
N SER A 24 10.94 28.49 9.17
CA SER A 24 9.56 28.27 9.56
C SER A 24 8.75 29.49 9.10
N LEU A 25 7.43 29.32 8.98
CA LEU A 25 6.54 30.38 8.56
C LEU A 25 5.56 30.72 9.69
N VAL A 26 5.40 32.01 9.97
CA VAL A 26 4.46 32.46 11.02
C VAL A 26 3.39 33.38 10.43
N VAL A 27 2.13 33.00 10.61
CA VAL A 27 1.02 33.65 9.93
C VAL A 27 -0.22 33.71 10.81
N ALA A 28 -1.02 34.76 10.63
CA ALA A 28 -2.34 34.89 11.26
C ALA A 28 -3.39 35.04 10.16
N VAL A 29 -4.39 34.18 10.17
CA VAL A 29 -5.42 34.15 9.13
C VAL A 29 -6.81 34.19 9.74
N ASP A 30 -7.78 34.73 9.00
CA ASP A 30 -9.18 34.50 9.37
C ASP A 30 -9.67 33.20 8.75
N GLU A 31 -10.92 32.83 9.00
CA GLU A 31 -11.45 31.53 8.57
C GLU A 31 -11.56 31.39 7.04
N ARG A 32 -11.78 32.51 6.36
CA ARG A 32 -11.79 32.57 4.90
C ARG A 32 -10.37 32.47 4.33
N GLY A 33 -9.38 32.51 5.22
CA GLY A 33 -7.98 32.47 4.82
C GLY A 33 -7.31 33.82 4.62
N GLY A 34 -8.03 34.91 4.91
CA GLY A 34 -7.51 36.25 4.68
C GLY A 34 -6.48 36.69 5.70
N ILE A 35 -5.42 37.34 5.25
CA ILE A 35 -4.34 37.79 6.15
C ILE A 35 -4.25 39.30 6.36
N GLY A 36 -4.68 40.07 5.37
CA GLY A 36 -4.61 41.52 5.44
C GLY A 36 -5.34 42.20 4.30
N ASP A 37 -5.45 43.53 4.37
CA ASP A 37 -6.14 44.33 3.36
C ASP A 37 -5.17 44.85 2.29
N GLY A 38 -3.96 44.30 2.28
CA GLY A 38 -2.87 44.82 1.47
C GLY A 38 -2.08 45.92 2.18
N ARG A 39 -2.72 46.54 3.19
CA ARG A 39 -2.12 47.64 3.92
C ARG A 39 -1.90 47.32 5.41
N SER A 40 -2.85 46.60 6.01
CA SER A 40 -2.83 46.33 7.46
C SER A 40 -3.60 45.07 7.87
N ILE A 41 -3.50 44.72 9.15
CA ILE A 41 -4.27 43.62 9.74
C ILE A 41 -5.64 44.15 10.19
N PRO A 42 -6.74 43.50 9.75
CA PRO A 42 -8.11 43.98 10.01
C PRO A 42 -8.61 43.82 11.45
N TRP A 43 -7.95 42.97 12.23
CA TRP A 43 -8.44 42.59 13.56
C TRP A 43 -7.43 42.93 14.66
N ASN A 44 -7.90 42.96 15.91
CA ASN A 44 -7.03 43.25 17.06
C ASN A 44 -7.05 42.18 18.15
N VAL A 45 -6.05 41.30 18.13
CA VAL A 45 -5.96 40.15 19.03
C VAL A 45 -4.57 40.07 19.68
N PRO A 46 -4.40 40.74 20.84
CA PRO A 46 -3.12 40.86 21.54
C PRO A 46 -2.46 39.52 21.81
N GLU A 47 -3.27 38.47 21.91
CA GLU A 47 -2.79 37.14 22.21
C GLU A 47 -1.99 36.54 21.06
N ASP A 48 -2.33 36.93 19.84
CA ASP A 48 -1.58 36.54 18.67
C ASP A 48 -0.27 37.32 18.64
N MET A 49 -0.34 38.60 18.98
CA MET A 49 0.84 39.43 19.05
C MET A 49 1.88 38.80 19.96
N LYS A 50 1.45 38.36 21.15
CA LYS A 50 2.32 37.72 22.12
C LYS A 50 2.90 36.42 21.57
N PHE A 51 2.04 35.57 20.99
CA PHE A 51 2.48 34.34 20.38
C PHE A 51 3.55 34.59 19.31
N PHE A 52 3.32 35.62 18.51
CA PHE A 52 4.25 35.98 17.43
C PHE A 52 5.59 36.41 18.00
N ARG A 53 5.56 37.26 19.02
CA ARG A 53 6.79 37.72 19.64
C ARG A 53 7.57 36.53 20.17
N ASP A 54 6.89 35.66 20.90
CA ASP A 54 7.53 34.56 21.61
C ASP A 54 8.10 33.49 20.70
N VAL A 55 7.41 33.20 19.61
CA VAL A 55 7.84 32.15 18.69
C VAL A 55 9.06 32.58 17.87
N THR A 56 9.11 33.86 17.51
CA THR A 56 10.18 34.38 16.65
C THR A 56 11.40 34.87 17.44
N THR A 57 11.20 35.16 18.72
CA THR A 57 12.28 35.67 19.55
C THR A 57 13.05 34.53 20.24
N LYS A 58 12.32 33.61 20.87
CA LYS A 58 12.93 32.59 21.72
C LYS A 58 13.89 31.63 21.01
N LEU A 59 14.93 31.23 21.73
CA LEU A 59 15.96 30.32 21.22
C LEU A 59 15.84 28.94 21.91
N ARG A 60 16.65 27.98 21.48
CA ARG A 60 16.51 26.60 21.98
C ARG A 60 16.97 26.40 23.43
N GLY A 61 17.84 27.29 23.92
CA GLY A 61 18.48 27.13 25.21
C GLY A 61 17.60 27.21 26.45
N LYS A 62 18.25 27.26 27.60
CA LYS A 62 17.58 27.29 28.90
C LYS A 62 16.86 28.63 29.08
N ASN A 63 17.65 29.67 29.34
CA ASN A 63 17.20 31.05 29.28
C ASN A 63 18.23 31.87 28.51
N VAL A 64 18.34 31.57 27.23
CA VAL A 64 19.32 32.23 26.36
C VAL A 64 18.78 33.56 25.83
N LYS A 65 19.22 34.67 26.44
CA LYS A 65 18.92 36.01 25.95
C LYS A 65 19.39 36.14 24.49
N PRO A 66 18.51 36.64 23.61
CA PRO A 66 18.94 36.84 22.23
C PRO A 66 20.02 37.91 22.15
N SER A 67 21.08 37.62 21.40
CA SER A 67 22.20 38.54 21.19
C SER A 67 22.64 38.50 19.74
N PRO A 68 23.36 39.53 19.25
CA PRO A 68 23.96 39.49 17.91
C PRO A 68 24.81 38.25 17.65
N ALA A 69 25.26 37.59 18.72
CA ALA A 69 26.05 36.37 18.64
C ALA A 69 25.21 35.14 18.27
N LYS A 70 24.04 35.02 18.90
CA LYS A 70 23.12 33.91 18.64
C LYS A 70 21.68 34.42 18.78
N ARG A 71 20.98 34.48 17.65
CA ARG A 71 19.61 34.99 17.59
C ARG A 71 18.85 34.44 16.40
N ASN A 72 17.57 34.76 16.32
CA ASN A 72 16.76 34.39 15.16
C ASN A 72 16.68 35.52 14.16
N ALA A 73 16.22 35.18 12.96
CA ALA A 73 15.96 36.18 11.93
C ALA A 73 14.52 36.09 11.47
N VAL A 74 13.97 37.24 11.11
CA VAL A 74 12.64 37.33 10.54
C VAL A 74 12.76 37.95 9.16
N VAL A 75 12.17 37.29 8.16
CA VAL A 75 12.16 37.83 6.81
C VAL A 75 10.76 38.34 6.49
N MET A 76 10.69 39.57 5.99
CA MET A 76 9.41 40.20 5.68
C MET A 76 9.46 40.99 4.37
N GLY A 77 8.30 41.12 3.73
CA GLY A 77 8.14 42.02 2.60
C GLY A 77 8.15 43.46 3.07
N ARG A 78 8.45 44.36 2.14
CA ARG A 78 8.60 45.79 2.46
C ARG A 78 7.32 46.41 3.01
N LYS A 79 6.18 45.97 2.48
CA LYS A 79 4.87 46.49 2.88
C LYS A 79 4.56 46.16 4.34
N THR A 80 4.92 44.94 4.73
CA THR A 80 4.77 44.48 6.11
C THR A 80 5.60 45.33 7.07
N TRP A 81 6.84 45.61 6.67
CA TRP A 81 7.72 46.52 7.41
C TRP A 81 7.07 47.89 7.56
N ASP A 82 6.48 48.37 6.47
CA ASP A 82 5.80 49.66 6.44
C ASP A 82 4.56 49.70 7.31
N SER A 83 3.90 48.54 7.46
CA SER A 83 2.72 48.43 8.31
C SER A 83 3.08 48.49 9.80
N ILE A 84 4.29 48.08 10.16
CA ILE A 84 4.74 48.17 11.55
C ILE A 84 5.15 49.61 11.84
N PRO A 85 4.46 50.26 12.79
CA PRO A 85 4.66 51.68 13.09
C PRO A 85 6.13 51.99 13.42
N PRO A 86 6.70 53.03 12.79
CA PRO A 86 8.12 53.39 12.88
C PRO A 86 8.76 53.22 14.26
N LYS A 87 8.02 53.54 15.31
CA LYS A 87 8.55 53.46 16.69
C LYS A 87 8.64 52.02 17.25
N PHE A 88 8.38 51.02 16.41
CA PHE A 88 8.58 49.62 16.79
C PHE A 88 9.50 48.87 15.85
N ARG A 89 10.14 49.60 14.94
CA ARG A 89 11.15 49.03 14.06
C ARG A 89 12.53 49.30 14.66
N PRO A 90 13.43 48.29 14.67
CA PRO A 90 13.19 46.91 14.24
C PRO A 90 12.61 46.05 15.37
N LEU A 91 12.10 44.87 15.04
CA LEU A 91 11.59 43.96 16.04
C LEU A 91 12.74 43.42 16.88
N PRO A 92 12.71 43.69 18.20
CA PRO A 92 13.80 43.41 19.15
C PRO A 92 14.20 41.95 19.21
N GLY A 93 15.49 41.70 19.43
CA GLY A 93 16.02 40.35 19.60
C GLY A 93 15.98 39.47 18.37
N ARG A 94 15.76 40.09 17.21
CA ARG A 94 15.69 39.35 15.94
C ARG A 94 16.34 40.17 14.83
N LEU A 95 17.07 39.48 13.96
CA LEU A 95 17.58 40.11 12.75
C LEU A 95 16.38 40.44 11.85
N ASN A 96 16.25 41.71 11.49
CA ASN A 96 15.16 42.11 10.61
C ASN A 96 15.62 42.13 9.16
N VAL A 97 15.14 41.17 8.37
CA VAL A 97 15.46 41.10 6.95
C VAL A 97 14.29 41.59 6.11
N VAL A 98 14.48 42.71 5.41
CA VAL A 98 13.41 43.28 4.60
C VAL A 98 13.68 43.09 3.12
N LEU A 99 12.65 42.66 2.39
CA LEU A 99 12.75 42.45 0.95
C LEU A 99 12.23 43.67 0.20
N SER A 100 13.11 44.28 -0.58
CA SER A 100 12.75 45.45 -1.39
C SER A 100 13.78 45.70 -2.48
N SER A 101 13.29 46.11 -3.65
CA SER A 101 14.16 46.47 -4.75
C SER A 101 14.46 47.97 -4.70
N THR A 102 13.56 48.73 -4.07
CA THR A 102 13.75 50.17 -3.91
C THR A 102 14.61 50.53 -2.69
N LEU A 103 14.16 50.13 -1.50
CA LEU A 103 14.82 50.53 -0.25
C LEU A 103 16.04 49.67 0.09
N THR A 104 17.11 50.34 0.52
CA THR A 104 18.35 49.69 0.92
C THR A 104 18.45 49.69 2.44
N THR A 105 19.45 49.00 2.98
CA THR A 105 19.67 48.97 4.43
C THR A 105 19.69 50.40 4.97
N GLN A 106 20.54 51.24 4.38
CA GLN A 106 20.64 52.65 4.76
C GLN A 106 19.34 53.42 4.55
N HIS A 107 18.48 52.95 3.65
CA HIS A 107 17.16 53.55 3.47
C HIS A 107 16.24 53.16 4.61
N LEU A 108 16.38 51.93 5.10
CA LEU A 108 15.48 51.37 6.12
C LEU A 108 15.68 52.00 7.49
N LEU A 109 16.91 51.93 8.01
CA LEU A 109 17.28 52.75 9.16
C LEU A 109 17.48 54.14 8.57
N ASP A 110 16.88 55.14 9.21
CA ASP A 110 16.42 56.38 8.55
C ASP A 110 14.98 56.11 8.14
N GLY A 111 14.05 56.91 8.63
CA GLY A 111 12.65 56.52 8.63
C GLY A 111 12.31 56.04 10.03
N LEU A 112 13.32 55.60 10.76
CA LEU A 112 13.23 55.39 12.20
C LEU A 112 13.18 56.75 12.90
N PRO A 113 12.44 56.84 14.03
CA PRO A 113 12.21 58.11 14.74
C PRO A 113 13.46 58.85 15.25
N ASP A 114 14.34 58.17 16.00
CA ASP A 114 15.48 58.87 16.60
C ASP A 114 16.77 58.04 16.73
N GLU A 115 16.64 56.83 17.28
CA GLU A 115 17.81 55.95 17.49
C GLU A 115 17.83 54.74 16.59
N HIS A 121 23.77 51.18 16.98
CA HIS A 121 22.37 51.22 17.37
C HIS A 121 21.60 50.04 16.76
N ALA A 122 20.61 50.33 15.93
CA ALA A 122 19.91 49.29 15.17
C ALA A 122 20.72 48.89 13.93
N ASP A 123 21.67 47.98 14.12
CA ASP A 123 22.38 47.32 13.02
C ASP A 123 21.83 45.90 12.89
N SER A 124 20.59 45.73 13.35
CA SER A 124 19.84 44.48 13.28
C SER A 124 18.85 44.57 12.13
N ILE A 125 19.24 45.27 11.08
CA ILE A 125 18.42 45.46 9.89
C ILE A 125 19.29 45.20 8.67
N VAL A 126 18.75 44.48 7.70
CA VAL A 126 19.42 44.29 6.42
C VAL A 126 18.39 44.22 5.29
N ALA A 127 18.52 45.11 4.31
CA ALA A 127 17.68 45.04 3.13
C ALA A 127 18.20 43.95 2.21
N VAL A 128 17.28 43.32 1.47
CA VAL A 128 17.64 42.30 0.50
C VAL A 128 16.91 42.62 -0.81
N ASN A 129 17.70 42.88 -1.85
CA ASN A 129 17.14 43.16 -3.18
C ASN A 129 16.85 41.87 -3.93
N GLY A 130 15.75 41.22 -3.54
CA GLY A 130 15.35 39.92 -4.05
C GLY A 130 14.25 39.42 -3.16
N GLY A 131 13.76 38.20 -3.44
CA GLY A 131 12.68 37.61 -2.66
C GLY A 131 13.17 36.77 -1.49
N LEU A 132 12.35 35.80 -1.10
CA LEU A 132 12.68 34.92 0.01
C LEU A 132 13.87 34.01 -0.30
N GLU A 133 14.00 33.59 -1.56
CA GLU A 133 15.12 32.74 -1.97
C GLU A 133 16.46 33.42 -1.70
N GLN A 134 16.56 34.68 -2.11
CA GLN A 134 17.77 35.49 -1.91
C GLN A 134 18.10 35.65 -0.43
N ALA A 135 17.07 35.86 0.40
CA ALA A 135 17.23 36.00 1.83
C ALA A 135 17.68 34.69 2.50
N LEU A 136 17.18 33.57 1.99
CA LEU A 136 17.57 32.25 2.50
C LEU A 136 18.99 31.88 2.07
N GLN A 137 19.39 32.35 0.89
CA GLN A 137 20.77 32.25 0.43
C GLN A 137 21.68 33.08 1.34
N LEU A 138 21.33 34.35 1.53
CA LEU A 138 22.09 35.27 2.36
C LEU A 138 22.31 34.72 3.77
N LEU A 139 21.26 34.18 4.36
CA LEU A 139 21.35 33.67 5.73
C LEU A 139 22.10 32.34 5.82
N ALA A 140 22.56 31.84 4.66
CA ALA A 140 23.38 30.63 4.63
C ALA A 140 24.86 30.99 4.55
N SER A 141 25.17 32.27 4.36
CA SER A 141 26.55 32.77 4.32
C SER A 141 27.32 32.37 5.57
N PRO A 142 28.65 32.13 5.43
CA PRO A 142 29.50 31.91 6.59
C PRO A 142 29.39 33.04 7.61
N ASN A 143 28.90 34.19 7.17
CA ASN A 143 28.67 35.33 8.07
C ASN A 143 27.48 35.12 9.01
N TYR A 144 26.45 34.44 8.52
CA TYR A 144 25.19 34.36 9.24
C TYR A 144 24.94 33.05 9.99
N THR A 145 25.47 31.94 9.47
CA THR A 145 25.24 30.61 10.07
C THR A 145 25.73 30.44 11.51
N PRO A 146 26.76 31.19 11.95
CA PRO A 146 26.99 31.15 13.40
C PRO A 146 25.84 31.83 14.16
N SER A 147 25.66 33.13 13.89
CA SER A 147 24.69 33.98 14.60
C SER A 147 23.22 33.54 14.49
N ILE A 148 22.74 33.29 13.28
CA ILE A 148 21.31 33.06 13.05
C ILE A 148 20.89 31.60 13.29
N GLU A 149 20.11 31.38 14.35
CA GLU A 149 19.72 30.03 14.80
C GLU A 149 18.49 29.48 14.06
N THR A 150 17.41 30.25 14.02
CA THR A 150 16.20 29.86 13.32
C THR A 150 15.75 31.03 12.45
N VAL A 151 15.19 30.72 11.28
CA VAL A 151 14.74 31.76 10.36
C VAL A 151 13.22 31.71 10.26
N TYR A 152 12.58 32.85 10.45
CA TYR A 152 11.13 32.91 10.34
C TYR A 152 10.68 33.74 9.17
N CYS A 153 9.66 33.23 8.47
CA CYS A 153 9.02 34.00 7.42
C CYS A 153 7.75 34.60 7.99
N ILE A 154 7.83 35.90 8.30
CA ILE A 154 6.75 36.64 8.93
C ILE A 154 5.91 37.35 7.87
N GLY A 155 6.39 37.25 6.64
CA GLY A 155 5.55 37.34 5.47
C GLY A 155 5.25 38.64 4.80
N GLY A 156 3.95 38.83 4.60
CA GLY A 156 3.40 39.60 3.51
C GLY A 156 2.86 38.56 2.55
N GLY A 157 1.71 38.84 1.93
CA GLY A 157 1.09 37.90 1.00
C GLY A 157 2.03 37.36 -0.06
N SER A 158 2.83 38.26 -0.66
CA SER A 158 3.77 37.90 -1.72
C SER A 158 4.90 37.00 -1.20
N VAL A 159 5.33 37.25 0.03
CA VAL A 159 6.40 36.47 0.64
C VAL A 159 5.91 35.07 1.00
N TYR A 160 4.70 34.99 1.56
CA TYR A 160 4.06 33.71 1.84
C TYR A 160 3.87 32.89 0.56
N ALA A 161 3.44 33.56 -0.51
CA ALA A 161 3.30 32.91 -1.82
C ALA A 161 4.60 32.25 -2.25
N GLU A 162 5.70 33.02 -2.19
CA GLU A 162 7.00 32.50 -2.59
C GLU A 162 7.43 31.37 -1.69
N ALA A 163 7.12 31.48 -0.39
CA ALA A 163 7.50 30.45 0.59
C ALA A 163 6.81 29.12 0.33
N LEU A 164 5.64 29.17 -0.30
CA LEU A 164 4.82 27.99 -0.51
C LEU A 164 5.07 27.26 -1.83
N ARG A 165 5.99 27.77 -2.64
CA ARG A 165 6.32 27.11 -3.91
C ARG A 165 7.82 26.81 -4.07
N PRO A 166 8.17 25.90 -5.01
CA PRO A 166 9.57 25.59 -5.27
C PRO A 166 10.29 26.80 -5.86
N PRO A 167 11.57 27.01 -5.46
CA PRO A 167 12.39 26.13 -4.63
C PRO A 167 12.15 26.20 -3.12
N CYS A 168 11.56 27.31 -2.66
CA CYS A 168 11.49 27.63 -1.23
C CYS A 168 10.73 26.64 -0.36
N VAL A 169 9.57 26.18 -0.85
CA VAL A 169 8.67 25.32 -0.08
C VAL A 169 9.38 24.08 0.48
N HIS A 170 10.49 23.70 -0.16
CA HIS A 170 11.24 22.52 0.26
C HIS A 170 12.15 22.77 1.46
N LEU A 171 12.28 24.03 1.85
CA LEU A 171 13.04 24.37 3.04
C LEU A 171 12.13 24.74 4.21
N LEU A 172 10.83 24.63 4.01
CA LEU A 172 9.85 24.99 5.03
C LEU A 172 9.73 23.90 6.08
N GLN A 173 10.28 24.16 7.27
CA GLN A 173 10.34 23.15 8.32
C GLN A 173 9.06 23.05 9.17
N ALA A 174 8.32 24.16 9.27
CA ALA A 174 7.06 24.22 10.01
C ALA A 174 6.24 25.48 9.69
N ILE A 175 4.93 25.41 9.99
CA ILE A 175 4.00 26.53 9.83
C ILE A 175 3.27 26.77 11.14
N TYR A 176 3.43 27.98 11.68
CA TYR A 176 2.74 28.40 12.88
C TYR A 176 1.60 29.30 12.47
N ARG A 177 0.39 28.76 12.52
CA ARG A 177 -0.78 29.49 12.05
C ARG A 177 -1.74 29.82 13.18
N THR A 178 -2.13 31.10 13.25
CA THR A 178 -3.16 31.54 14.16
C THR A 178 -4.43 31.75 13.34
N THR A 179 -5.51 31.11 13.76
CA THR A 179 -6.81 31.31 13.13
C THR A 179 -7.65 32.23 13.99
N ILE A 180 -8.01 33.38 13.42
CA ILE A 180 -8.92 34.30 14.09
C ILE A 180 -10.34 34.04 13.57
N ARG A 181 -11.23 33.70 14.50
CA ARG A 181 -12.62 33.36 14.18
C ARG A 181 -13.50 34.60 13.99
N ALA A 182 -12.94 35.61 13.34
CA ALA A 182 -13.73 36.70 12.78
C ALA A 182 -13.82 36.48 11.27
N SER A 183 -14.92 36.93 10.66
CA SER A 183 -15.02 36.97 9.19
C SER A 183 -15.12 38.40 8.70
N GLU A 184 -14.04 38.87 8.08
CA GLU A 184 -13.99 40.22 7.52
C GLU A 184 -14.05 40.13 6.00
N SER A 185 -15.07 40.76 5.43
CA SER A 185 -15.20 40.90 3.99
C SER A 185 -14.11 41.84 3.44
N SER A 186 -13.35 42.44 4.34
CA SER A 186 -12.29 43.39 4.01
C SER A 186 -11.14 42.71 3.28
N CYS A 187 -10.64 41.63 3.88
CA CYS A 187 -9.41 40.99 3.48
C CYS A 187 -9.36 40.68 1.99
N SER A 188 -8.32 41.21 1.34
CA SER A 188 -8.09 41.02 -0.10
C SER A 188 -6.87 40.15 -0.36
N VAL A 189 -6.07 39.93 0.68
CA VAL A 189 -4.88 39.10 0.62
C VAL A 189 -5.14 37.82 1.43
N PHE A 190 -4.73 36.68 0.88
CA PHE A 190 -5.12 35.39 1.42
C PHE A 190 -3.94 34.43 1.65
N PHE A 191 -4.13 33.49 2.57
CA PHE A 191 -3.16 32.43 2.80
C PHE A 191 -3.85 31.10 3.04
N ARG A 192 -3.57 30.12 2.17
CA ARG A 192 -4.12 28.78 2.31
C ARG A 192 -3.00 27.76 2.36
N VAL A 193 -2.94 27.00 3.45
CA VAL A 193 -2.05 25.85 3.54
C VAL A 193 -2.61 24.76 2.64
N PRO A 194 -1.84 24.31 1.64
CA PRO A 194 -2.31 23.29 0.72
C PRO A 194 -2.43 21.94 1.42
N GLU A 195 -3.50 21.21 1.13
CA GLU A 195 -3.73 19.94 1.78
C GLU A 195 -3.02 18.76 1.12
N SER A 196 -2.56 17.83 1.95
CA SER A 196 -1.89 16.62 1.49
C SER A 196 -2.63 16.00 0.29
N GLY A 197 -1.88 15.72 -0.77
CA GLY A 197 -2.43 15.06 -1.95
C GLY A 197 -2.91 15.98 -3.04
N THR A 198 -3.17 17.24 -2.69
CA THR A 198 -3.66 18.21 -3.68
C THR A 198 -2.49 18.76 -4.49
N GLU A 199 -2.77 19.34 -5.65
CA GLU A 199 -1.73 19.88 -6.53
C GLU A 199 -0.91 20.99 -5.88
N ALA A 200 -1.58 21.92 -5.21
CA ALA A 200 -0.91 23.03 -4.55
C ALA A 200 0.08 22.57 -3.47
N ALA A 201 -0.07 21.33 -3.00
CA ALA A 201 0.84 20.74 -2.02
C ALA A 201 2.16 20.32 -2.64
N ALA A 202 2.18 20.26 -3.97
CA ALA A 202 3.38 19.94 -4.74
C ALA A 202 4.22 18.81 -4.16
N GLY A 203 3.57 17.74 -3.71
CA GLY A 203 4.28 16.56 -3.22
C GLY A 203 4.64 16.57 -1.74
N ILE A 204 4.30 17.66 -1.04
CA ILE A 204 4.48 17.74 0.41
C ILE A 204 3.23 17.23 1.12
N GLU A 205 3.42 16.48 2.21
CA GLU A 205 2.31 16.02 3.04
C GLU A 205 2.28 16.77 4.36
N TRP A 206 1.41 17.77 4.44
CA TRP A 206 1.30 18.58 5.63
C TRP A 206 0.47 17.90 6.72
N GLN A 207 1.00 17.92 7.94
CA GLN A 207 0.34 17.30 9.08
C GLN A 207 0.28 18.25 10.27
N ARG A 208 -0.77 18.09 11.06
CA ARG A 208 -0.98 18.89 12.25
C ARG A 208 -0.19 18.29 13.42
N GLU A 209 0.89 18.95 13.83
CA GLU A 209 1.68 18.49 14.96
C GLU A 209 0.97 18.79 16.27
N THR A 210 0.45 20.00 16.40
CA THR A 210 -0.32 20.39 17.59
C THR A 210 -1.43 21.36 17.22
N ILE A 211 -2.42 21.47 18.10
CA ILE A 211 -3.51 22.44 17.96
C ILE A 211 -3.99 22.84 19.36
N SER A 212 -4.05 24.14 19.62
CA SER A 212 -4.53 24.62 20.89
C SER A 212 -6.03 24.43 20.99
N GLU A 213 -6.54 24.41 22.21
CA GLU A 213 -7.97 24.50 22.42
C GLU A 213 -8.40 25.88 21.94
N GLU A 214 -9.67 26.01 21.56
CA GLU A 214 -10.19 27.30 21.17
C GLU A 214 -10.09 28.28 22.34
N LEU A 215 -9.48 29.43 22.09
CA LEU A 215 -9.34 30.45 23.11
C LEU A 215 -10.18 31.68 22.79
N THR A 216 -10.42 32.51 23.79
CA THR A 216 -11.16 33.75 23.62
C THR A 216 -10.21 34.89 23.90
N SER A 217 -10.19 35.89 23.04
CA SER A 217 -9.32 37.05 23.24
C SER A 217 -9.91 38.02 24.27
N ALA A 218 -9.02 38.71 24.98
CA ALA A 218 -9.42 39.72 25.95
C ALA A 218 -9.40 41.13 25.34
N ASN A 219 -9.66 41.19 24.04
CA ASN A 219 -9.78 42.46 23.33
C ASN A 219 -11.15 43.14 23.54
N GLY A 220 -12.00 42.48 24.33
CA GLY A 220 -13.33 43.02 24.64
C GLY A 220 -14.32 42.83 23.50
N ASN A 221 -14.09 41.82 22.68
CA ASN A 221 -15.04 41.45 21.64
C ASN A 221 -15.37 39.98 21.68
N GLU A 222 -14.86 39.28 22.69
CA GLU A 222 -14.94 37.82 22.82
C GLU A 222 -14.47 37.09 21.56
N THR A 223 -13.56 37.71 20.80
CA THR A 223 -13.03 37.13 19.56
C THR A 223 -12.40 35.77 19.82
N LYS A 224 -12.94 34.74 19.18
CA LYS A 224 -12.40 33.39 19.32
C LYS A 224 -11.18 33.24 18.42
N TYR A 225 -10.21 32.45 18.88
CA TYR A 225 -8.99 32.20 18.12
C TYR A 225 -8.37 30.88 18.58
N TYR A 226 -7.43 30.36 17.79
CA TYR A 226 -6.65 29.18 18.17
C TYR A 226 -5.34 29.05 17.40
N PHE A 227 -4.37 28.37 18.02
CA PHE A 227 -3.07 28.13 17.40
C PHE A 227 -2.97 26.70 16.90
N GLU A 228 -2.26 26.52 15.78
CA GLU A 228 -1.85 25.18 15.35
C GLU A 228 -0.49 25.18 14.66
N LYS A 229 0.27 24.12 14.88
CA LYS A 229 1.57 23.93 14.24
C LYS A 229 1.46 22.86 13.16
N LEU A 230 1.81 23.24 11.93
CA LEU A 230 1.76 22.33 10.79
C LEU A 230 3.15 22.05 10.27
N ILE A 231 3.46 20.77 10.07
CA ILE A 231 4.80 20.34 9.66
C ILE A 231 4.73 19.47 8.41
N PRO A 232 5.82 19.48 7.60
CA PRO A 232 5.84 18.55 6.47
C PRO A 232 6.32 17.19 6.95
N ARG A 233 5.68 16.14 6.43
CA ARG A 233 5.99 14.78 6.80
C ARG A 233 7.36 14.34 6.25
N ASN A 234 8.22 13.83 7.12
CA ASN A 234 9.51 13.29 6.69
C ASN A 234 9.39 11.79 6.43
N ARG A 235 8.91 11.48 5.23
CA ARG A 235 8.64 10.11 4.79
C ARG A 235 9.79 9.14 5.01
N GLU A 236 11.02 9.63 4.81
CA GLU A 236 12.20 8.76 4.81
C GLU A 236 12.59 8.32 6.22
N GLU A 237 12.55 9.24 7.18
CA GLU A 237 12.75 8.86 8.58
C GLU A 237 11.60 7.99 9.11
N GLU A 238 10.38 8.26 8.64
CA GLU A 238 9.24 7.41 8.91
C GLU A 238 9.52 5.99 8.44
N GLN A 239 10.17 5.89 7.28
CA GLN A 239 10.52 4.62 6.64
C GLN A 239 11.51 3.82 7.50
N TYR A 240 12.46 4.55 8.10
CA TYR A 240 13.43 3.98 9.03
C TYR A 240 12.73 3.49 10.28
N LEU A 241 11.96 4.38 10.92
CA LEU A 241 11.26 4.09 12.16
C LEU A 241 10.31 2.90 12.03
N SER A 242 9.59 2.81 10.90
CA SER A 242 8.69 1.70 10.63
C SER A 242 9.43 0.38 10.60
N LEU A 243 10.64 0.38 10.05
CA LEU A 243 11.50 -0.79 10.07
C LEU A 243 11.86 -1.15 11.52
N VAL A 244 12.38 -0.17 12.27
CA VAL A 244 12.68 -0.36 13.69
C VAL A 244 11.48 -0.97 14.42
N ASP A 245 10.32 -0.34 14.27
CA ASP A 245 9.08 -0.83 14.87
C ASP A 245 8.69 -2.25 14.39
N ARG A 246 8.96 -2.56 13.13
CA ARG A 246 8.66 -3.89 12.61
C ARG A 246 9.56 -4.94 13.22
N ILE A 247 10.84 -4.58 13.40
CA ILE A 247 11.82 -5.44 14.07
C ILE A 247 11.41 -5.78 15.51
N ILE A 248 11.05 -4.76 16.28
CA ILE A 248 10.62 -4.97 17.67
C ILE A 248 9.38 -5.87 17.78
N ARG A 249 8.46 -5.72 16.82
CA ARG A 249 7.21 -6.48 16.84
C ARG A 249 7.28 -7.86 16.20
N GLU A 250 8.21 -8.03 15.25
CA GLU A 250 8.25 -9.28 14.47
C GLU A 250 9.62 -9.96 14.42
N GLY A 251 10.64 -9.29 14.92
CA GLY A 251 11.99 -9.82 14.87
C GLY A 251 12.19 -11.01 15.77
N ASN A 252 13.12 -11.89 15.39
CA ASN A 252 13.47 -13.06 16.17
C ASN A 252 14.50 -12.74 17.25
N VAL A 253 14.42 -13.47 18.35
CA VAL A 253 15.44 -13.36 19.39
C VAL A 253 16.72 -14.06 18.93
N LYS A 254 17.79 -13.27 18.84
CA LYS A 254 19.10 -13.77 18.42
C LYS A 254 20.13 -13.27 19.42
N HIS A 255 21.35 -13.79 19.31
CA HIS A 255 22.41 -13.44 20.25
C HIS A 255 23.76 -13.27 19.55
N ASP A 256 24.38 -12.12 19.74
CA ASP A 256 25.68 -11.82 19.13
C ASP A 256 26.85 -12.60 19.76
N ARG A 257 28.05 -12.35 19.24
CA ARG A 257 29.28 -13.03 19.64
C ARG A 257 29.50 -13.07 21.15
N THR A 258 29.23 -11.96 21.83
CA THR A 258 29.40 -11.88 23.29
C THR A 258 28.31 -12.68 24.01
N GLY A 259 27.12 -12.72 23.42
CA GLY A 259 25.98 -13.43 23.99
C GLY A 259 24.87 -12.48 24.42
N VAL A 260 24.86 -11.30 23.82
CA VAL A 260 23.87 -10.27 24.11
C VAL A 260 22.63 -10.50 23.24
N GLY A 261 21.46 -10.26 23.83
CA GLY A 261 20.19 -10.45 23.13
C GLY A 261 19.88 -9.39 22.10
N THR A 262 19.32 -9.82 20.97
CA THR A 262 18.85 -8.93 19.92
C THR A 262 17.51 -9.43 19.37
N LEU A 263 16.67 -8.50 18.94
CA LEU A 263 15.55 -8.83 18.06
C LEU A 263 16.03 -8.50 16.64
N SER A 264 15.84 -9.43 15.69
CA SER A 264 16.34 -9.20 14.34
C SER A 264 15.45 -9.70 13.21
N ILE A 265 15.58 -9.05 12.05
CA ILE A 265 14.96 -9.48 10.78
C ILE A 265 16.02 -9.52 9.67
N PHE A 266 15.76 -10.31 8.64
CA PHE A 266 16.72 -10.51 7.56
C PHE A 266 16.23 -9.91 6.23
N GLY A 267 17.01 -8.99 5.68
CA GLY A 267 16.72 -8.37 4.39
C GLY A 267 15.69 -7.27 4.45
N ALA A 268 16.16 -6.04 4.29
CA ALA A 268 15.31 -4.85 4.18
C ALA A 268 16.00 -3.84 3.29
N GLN A 269 15.26 -2.87 2.77
CA GLN A 269 15.85 -1.84 1.92
C GLN A 269 15.25 -0.46 2.13
N MET A 270 16.11 0.54 2.31
CA MET A 270 15.68 1.93 2.49
C MET A 270 16.30 2.86 1.44
N ARG A 271 15.61 3.94 1.11
CA ARG A 271 16.12 4.97 0.18
C ARG A 271 16.04 6.36 0.79
N PHE A 272 17.06 7.17 0.51
CA PHE A 272 17.18 8.55 0.99
C PHE A 272 17.59 9.44 -0.17
N SER A 273 17.01 10.64 -0.25
CA SER A 273 17.39 11.59 -1.30
C SER A 273 18.56 12.46 -0.85
N LEU A 274 19.55 12.57 -1.73
CA LEU A 274 20.75 13.38 -1.48
C LEU A 274 20.71 14.68 -2.28
N ARG A 275 19.71 14.80 -3.15
CA ARG A 275 19.59 15.93 -4.09
C ARG A 275 19.83 17.30 -3.46
N ASN A 276 20.74 18.06 -4.07
CA ASN A 276 21.20 19.36 -3.58
C ASN A 276 21.88 19.29 -2.23
N ASN A 277 22.61 18.20 -2.02
CA ASN A 277 23.37 17.91 -0.79
C ASN A 277 22.51 17.75 0.47
N ARG A 278 21.29 17.25 0.31
CA ARG A 278 20.47 16.89 1.44
C ARG A 278 21.17 15.74 2.17
N LEU A 279 21.41 15.94 3.45
CA LEU A 279 22.12 14.97 4.26
C LEU A 279 21.14 14.25 5.20
N PRO A 280 20.89 12.95 4.95
CA PRO A 280 19.97 12.19 5.79
C PRO A 280 20.57 11.84 7.16
N LEU A 281 20.83 12.87 7.97
CA LEU A 281 21.16 12.66 9.38
C LEU A 281 19.86 12.56 10.17
N LEU A 282 19.60 11.40 10.77
CA LEU A 282 18.34 11.17 11.46
C LEU A 282 18.07 12.16 12.59
N THR A 283 16.83 12.63 12.68
CA THR A 283 16.46 13.70 13.59
C THR A 283 16.01 13.22 14.98
N THR A 284 15.39 12.05 15.04
CA THR A 284 14.81 11.55 16.30
C THR A 284 15.85 10.99 17.30
N LYS A 285 17.12 10.94 16.88
CA LYS A 285 18.24 10.61 17.75
C LYS A 285 19.51 11.14 17.10
N ARG A 286 20.19 12.05 17.78
CA ARG A 286 21.35 12.75 17.21
C ARG A 286 22.45 11.79 16.71
N VAL A 287 22.88 12.00 15.46
CA VAL A 287 23.95 11.21 14.86
C VAL A 287 25.25 11.99 15.09
N PHE A 288 26.32 11.28 15.43
CA PHE A 288 27.64 11.90 15.70
C PHE A 288 28.35 12.28 14.39
N TRP A 289 27.90 13.38 13.78
CA TRP A 289 28.34 13.75 12.44
C TRP A 289 29.85 13.87 12.29
N ARG A 290 30.48 14.58 13.23
CA ARG A 290 31.92 14.78 13.19
C ARG A 290 32.65 13.45 13.03
N GLY A 291 32.26 12.46 13.81
CA GLY A 291 32.82 11.10 13.72
C GLY A 291 32.62 10.47 12.35
N VAL A 292 31.40 10.56 11.84
CA VAL A 292 31.04 10.07 10.50
C VAL A 292 31.98 10.67 9.45
N CYS A 293 32.19 11.97 9.55
CA CYS A 293 32.97 12.68 8.57
C CYS A 293 34.45 12.27 8.61
N GLU A 294 35.05 12.40 9.79
CA GLU A 294 36.46 12.03 9.99
C GLU A 294 36.78 10.60 9.56
N GLU A 295 35.89 9.66 9.87
CA GLU A 295 36.08 8.25 9.52
C GLU A 295 36.03 8.03 8.00
N LEU A 296 35.17 8.79 7.31
CA LEU A 296 35.02 8.57 5.88
C LEU A 296 36.23 9.06 5.12
N LEU A 297 36.70 10.25 5.46
CA LEU A 297 37.88 10.82 4.81
C LEU A 297 39.07 9.92 5.10
N TRP A 298 39.08 9.37 6.31
CA TRP A 298 40.00 8.33 6.75
C TRP A 298 39.89 7.09 5.86
N PHE A 299 38.66 6.66 5.56
CA PHE A 299 38.43 5.55 4.62
C PHE A 299 38.97 5.88 3.23
N LEU A 300 38.56 7.03 2.69
CA LEU A 300 38.91 7.47 1.34
C LEU A 300 40.41 7.55 1.08
N ARG A 301 41.15 7.93 2.12
CA ARG A 301 42.59 8.06 2.03
C ARG A 301 43.30 6.72 2.13
N GLY A 302 42.53 5.65 2.35
CA GLY A 302 43.06 4.30 2.47
C GLY A 302 43.77 3.99 3.77
N GLU A 303 43.48 4.78 4.81
CA GLU A 303 44.15 4.69 6.12
C GLU A 303 43.77 3.43 6.90
N THR A 304 44.71 2.94 7.71
CA THR A 304 44.45 1.78 8.60
C THR A 304 45.02 1.99 10.01
N TYR A 305 45.39 3.23 10.33
CA TYR A 305 45.94 3.56 11.64
C TYR A 305 44.91 4.36 12.44
N ALA A 306 44.23 3.66 13.36
CA ALA A 306 43.14 4.23 14.15
C ALA A 306 43.55 5.40 15.04
N LYS A 307 44.84 5.50 15.34
CA LYS A 307 45.37 6.60 16.15
C LYS A 307 45.17 7.94 15.43
N LYS A 308 45.14 7.90 14.10
CA LYS A 308 44.81 9.07 13.28
C LYS A 308 43.42 9.59 13.59
N LEU A 309 42.55 8.68 14.02
CA LEU A 309 41.15 9.00 14.27
C LEU A 309 40.93 9.40 15.72
N SER A 310 41.59 8.70 16.64
CA SER A 310 41.42 8.96 18.07
C SER A 310 42.15 10.23 18.52
N ASP A 311 43.15 10.65 17.76
CA ASP A 311 43.81 11.93 18.03
C ASP A 311 42.91 13.11 17.66
N LYS A 312 42.02 12.89 16.70
CA LYS A 312 41.04 13.91 16.31
C LYS A 312 39.79 13.79 17.18
N GLY A 313 39.95 13.16 18.34
CA GLY A 313 38.86 13.02 19.31
C GLY A 313 37.71 12.15 18.85
N VAL A 314 38.04 11.16 18.01
CA VAL A 314 37.04 10.22 17.49
C VAL A 314 37.46 8.81 17.87
N HIS A 315 36.80 8.26 18.90
CA HIS A 315 37.27 7.05 19.55
C HIS A 315 36.51 5.78 19.18
N ILE A 316 35.84 5.77 18.04
CA ILE A 316 35.02 4.61 17.65
C ILE A 316 35.82 3.31 17.47
N TRP A 317 37.08 3.42 17.08
CA TRP A 317 37.90 2.25 16.78
C TRP A 317 38.77 1.77 17.95
N ASP A 318 38.60 2.41 19.10
CA ASP A 318 39.50 2.24 20.24
C ASP A 318 39.63 0.81 20.75
N ASP A 319 38.48 0.20 21.08
CA ASP A 319 38.43 -1.18 21.56
C ASP A 319 39.09 -2.14 20.56
N ASN A 320 38.77 -1.94 19.29
CA ASN A 320 39.26 -2.78 18.19
C ASN A 320 40.73 -2.59 17.82
N GLY A 321 41.37 -1.57 18.38
CA GLY A 321 42.77 -1.28 18.05
C GLY A 321 43.75 -1.60 19.16
N SER A 322 43.23 -1.89 20.36
CA SER A 322 44.07 -2.12 21.55
C SER A 322 44.99 -3.35 21.43
N ARG A 323 46.07 -3.33 22.22
CA ARG A 323 47.03 -4.45 22.31
C ARG A 323 46.34 -5.77 22.63
N ALA A 324 45.43 -5.74 23.61
CA ALA A 324 44.65 -6.91 24.01
C ALA A 324 43.84 -7.49 22.86
N PHE A 325 43.10 -6.63 22.16
CA PHE A 325 42.21 -7.08 21.09
C PHE A 325 42.94 -7.61 19.86
N LEU A 326 44.01 -6.91 19.47
CA LEU A 326 44.79 -7.33 18.30
C LEU A 326 45.45 -8.68 18.54
N ASP A 327 45.90 -8.92 19.77
CA ASP A 327 46.47 -10.20 20.16
C ASP A 327 45.46 -11.34 20.07
N SER A 328 44.23 -11.05 20.47
CA SER A 328 43.14 -12.03 20.44
C SER A 328 42.74 -12.43 19.01
N ARG A 329 42.79 -11.48 18.09
CA ARG A 329 42.55 -11.79 16.68
C ARG A 329 43.78 -12.45 16.03
N GLY A 330 44.81 -12.71 16.82
CA GLY A 330 46.02 -13.37 16.35
C GLY A 330 47.04 -12.43 15.73
N LEU A 331 46.75 -11.14 15.72
CA LEU A 331 47.57 -10.13 15.04
C LEU A 331 48.65 -9.56 15.95
N THR A 332 49.57 -10.44 16.35
CA THR A 332 50.61 -10.12 17.33
C THR A 332 51.64 -9.12 16.80
N GLU A 333 51.66 -8.94 15.48
CA GLU A 333 52.65 -8.09 14.81
C GLU A 333 52.25 -6.62 14.69
N TYR A 334 50.97 -6.34 14.56
CA TYR A 334 50.49 -4.96 14.46
C TYR A 334 50.72 -4.20 15.75
N GLU A 335 51.16 -2.94 15.63
CA GLU A 335 51.29 -2.09 16.80
C GLU A 335 49.91 -1.58 17.18
N GLU A 336 49.77 -1.04 18.38
CA GLU A 336 48.48 -0.59 18.87
C GLU A 336 47.86 0.42 17.91
N MET A 337 46.59 0.20 17.59
CA MET A 337 45.80 1.04 16.68
C MET A 337 45.98 0.73 15.18
N ASP A 338 46.93 -0.15 14.86
CA ASP A 338 47.09 -0.64 13.48
C ASP A 338 46.04 -1.73 13.22
N LEU A 339 45.06 -1.39 12.40
CA LEU A 339 43.87 -2.24 12.26
C LEU A 339 43.94 -3.30 11.17
N GLY A 340 45.09 -3.39 10.48
CA GLY A 340 45.21 -4.28 9.34
C GLY A 340 44.56 -3.72 8.08
N PRO A 341 44.58 -4.51 6.98
CA PRO A 341 44.08 -4.08 5.66
C PRO A 341 42.55 -3.89 5.58
N VAL A 342 42.01 -3.06 6.48
CA VAL A 342 40.55 -2.83 6.61
C VAL A 342 39.98 -1.74 5.68
N TYR A 343 38.66 -1.75 5.57
CA TYR A 343 37.89 -0.74 4.83
C TYR A 343 38.64 0.03 3.75
N GLY A 344 39.14 1.21 4.11
CA GLY A 344 39.83 2.10 3.16
C GLY A 344 40.98 1.48 2.40
N PHE A 345 41.73 0.60 3.06
CA PHE A 345 42.84 -0.10 2.41
C PHE A 345 42.34 -0.92 1.23
N GLN A 346 41.22 -1.61 1.41
CA GLN A 346 40.67 -2.41 0.34
C GLN A 346 40.11 -1.54 -0.77
N TRP A 347 39.49 -0.42 -0.40
CA TRP A 347 38.94 0.53 -1.36
C TRP A 347 40.02 1.03 -2.32
N ARG A 348 41.19 1.37 -1.78
CA ARG A 348 42.25 2.02 -2.55
C ARG A 348 43.38 1.08 -2.96
N HIS A 349 43.48 -0.07 -2.30
CA HIS A 349 44.56 -1.04 -2.56
C HIS A 349 44.06 -2.48 -2.47
N PHE A 350 42.93 -2.78 -3.10
CA PHE A 350 42.39 -4.13 -3.00
C PHE A 350 43.42 -5.17 -3.38
N GLY A 351 43.71 -6.07 -2.45
CA GLY A 351 44.55 -7.24 -2.71
C GLY A 351 46.04 -7.05 -2.45
N ALA A 352 46.44 -5.82 -2.14
CA ALA A 352 47.83 -5.52 -1.82
C ALA A 352 48.23 -6.21 -0.52
N ALA A 353 49.42 -6.81 -0.53
CA ALA A 353 49.99 -7.43 0.67
C ALA A 353 50.19 -6.35 1.72
N TYR A 354 49.78 -6.66 2.95
CA TYR A 354 49.85 -5.71 4.03
C TYR A 354 51.01 -6.06 4.94
N THR A 355 51.65 -5.06 5.51
CA THR A 355 52.71 -5.25 6.50
C THR A 355 52.40 -4.37 7.70
N HIS A 356 52.52 -3.07 7.54
CA HIS A 356 52.20 -2.12 8.59
C HIS A 356 51.55 -0.84 8.07
N HIS A 357 50.91 -0.11 8.98
CA HIS A 357 50.17 1.11 8.63
C HIS A 357 51.06 2.20 8.03
N ASP A 358 52.29 2.30 8.52
CA ASP A 358 53.23 3.34 8.10
C ASP A 358 53.99 3.01 6.80
N ALA A 359 53.72 1.85 6.22
CA ALA A 359 54.40 1.42 4.98
C ALA A 359 53.81 2.11 3.76
N ASN A 360 54.63 2.26 2.71
CA ASN A 360 54.19 2.85 1.45
C ASN A 360 53.44 1.84 0.60
N TYR A 361 52.23 2.19 0.18
CA TYR A 361 51.41 1.26 -0.59
C TYR A 361 51.01 1.80 -1.97
N ASP A 362 51.66 2.89 -2.39
CA ASP A 362 51.40 3.51 -3.67
C ASP A 362 51.52 2.53 -4.82
N GLY A 363 50.54 2.57 -5.71
CA GLY A 363 50.54 1.74 -6.91
C GLY A 363 50.17 0.30 -6.64
N GLN A 364 50.22 -0.11 -5.37
CA GLN A 364 49.91 -1.48 -4.98
C GLN A 364 48.41 -1.77 -4.85
N GLY A 365 48.04 -2.99 -5.22
CA GLY A 365 46.65 -3.43 -5.18
C GLY A 365 45.83 -2.85 -6.32
N VAL A 366 44.51 -2.80 -6.12
CA VAL A 366 43.60 -2.18 -7.08
C VAL A 366 42.98 -0.95 -6.45
N ASP A 367 43.05 0.19 -7.14
CA ASP A 367 42.42 1.42 -6.66
C ASP A 367 40.98 1.51 -7.16
N GLN A 368 40.10 0.80 -6.47
CA GLN A 368 38.69 0.72 -6.83
C GLN A 368 38.02 2.09 -6.96
N ILE A 369 38.29 2.99 -6.02
CA ILE A 369 37.71 4.33 -6.06
C ILE A 369 38.16 5.12 -7.29
N LYS A 370 39.46 5.09 -7.58
CA LYS A 370 40.00 5.83 -8.71
C LYS A 370 39.39 5.35 -10.03
N ALA A 371 39.17 4.05 -10.15
CA ALA A 371 38.58 3.46 -11.34
C ALA A 371 37.11 3.88 -11.48
N ILE A 372 36.38 3.83 -10.37
CA ILE A 372 34.97 4.22 -10.36
C ILE A 372 34.81 5.69 -10.78
N VAL A 373 35.63 6.57 -10.22
CA VAL A 373 35.61 7.99 -10.55
C VAL A 373 35.83 8.16 -12.06
N GLU A 374 36.81 7.44 -12.57
CA GLU A 374 37.19 7.44 -13.98
C GLU A 374 36.04 7.03 -14.90
N THR A 375 35.37 5.93 -14.56
CA THR A 375 34.27 5.40 -15.38
C THR A 375 33.09 6.36 -15.39
N LEU A 376 32.72 6.88 -14.22
CA LEU A 376 31.61 7.84 -14.10
C LEU A 376 31.79 9.02 -15.04
N LYS A 377 33.00 9.55 -15.10
CA LYS A 377 33.31 10.66 -15.98
C LYS A 377 33.17 10.33 -17.46
N THR A 378 33.49 9.09 -17.85
CA THR A 378 33.56 8.75 -19.28
C THR A 378 32.39 7.90 -19.77
N ASN A 379 31.95 6.94 -18.97
CA ASN A 379 30.91 6.01 -19.38
C ASN A 379 29.97 5.65 -18.22
N PRO A 380 28.94 6.49 -17.98
CA PRO A 380 28.12 6.44 -16.76
C PRO A 380 26.99 5.41 -16.79
N ASP A 381 26.78 4.77 -17.94
CA ASP A 381 25.80 3.69 -18.08
C ASP A 381 26.42 2.35 -17.73
N ASP A 382 27.65 2.37 -17.23
CA ASP A 382 28.37 1.16 -16.87
C ASP A 382 27.69 0.48 -15.70
N ARG A 383 27.83 -0.84 -15.65
CA ARG A 383 27.18 -1.66 -14.62
C ARG A 383 28.18 -2.43 -13.78
N ARG A 384 29.42 -1.94 -13.75
CA ARG A 384 30.49 -2.58 -12.99
C ARG A 384 31.16 -1.57 -12.07
N MET A 385 30.46 -0.47 -11.77
CA MET A 385 30.99 0.62 -10.95
C MET A 385 30.75 0.38 -9.46
N LEU A 386 31.39 -0.65 -8.92
CA LEU A 386 31.17 -1.00 -7.54
C LEU A 386 32.46 -1.37 -6.81
N PHE A 387 32.55 -0.96 -5.55
CA PHE A 387 33.74 -1.28 -4.76
C PHE A 387 33.42 -2.11 -3.53
N THR A 388 34.26 -3.09 -3.28
CA THR A 388 34.04 -4.00 -2.19
C THR A 388 35.20 -3.93 -1.19
N ALA A 389 34.89 -4.16 0.08
CA ALA A 389 35.92 -4.29 1.10
C ALA A 389 36.01 -5.74 1.56
N TRP A 390 35.03 -6.55 1.15
CA TRP A 390 35.00 -7.96 1.52
C TRP A 390 36.04 -8.75 0.72
N ASN A 391 37.22 -8.89 1.30
CA ASN A 391 38.31 -9.65 0.73
C ASN A 391 38.62 -10.90 1.59
N PRO A 392 38.08 -12.08 1.17
CA PRO A 392 38.30 -13.35 1.87
C PRO A 392 39.78 -13.69 2.18
N SER A 393 40.69 -13.28 1.30
CA SER A 393 42.12 -13.43 1.55
C SER A 393 42.60 -12.51 2.68
N ALA A 394 42.19 -11.24 2.64
CA ALA A 394 42.62 -10.23 3.61
C ALA A 394 41.90 -10.32 4.96
N LEU A 395 40.73 -10.94 4.98
CA LEU A 395 39.88 -11.04 6.19
C LEU A 395 40.60 -11.39 7.49
N PRO A 396 41.34 -12.53 7.52
CA PRO A 396 41.96 -12.94 8.79
C PRO A 396 43.03 -11.97 9.31
N ARG A 397 43.49 -11.06 8.45
CA ARG A 397 44.53 -10.11 8.82
C ARG A 397 43.96 -8.77 9.27
N MET A 398 42.64 -8.66 9.24
CA MET A 398 41.93 -7.45 9.63
C MET A 398 41.53 -7.51 11.11
N ALA A 399 41.40 -6.35 11.73
CA ALA A 399 40.92 -6.27 13.12
C ALA A 399 39.47 -6.76 13.20
N LEU A 400 38.65 -6.30 12.26
CA LEU A 400 37.27 -6.72 12.11
C LEU A 400 36.96 -6.92 10.63
N PRO A 401 36.09 -7.90 10.29
CA PRO A 401 35.62 -7.97 8.92
C PRO A 401 34.74 -6.77 8.63
N PRO A 402 34.72 -6.30 7.37
CA PRO A 402 33.91 -5.14 7.02
C PRO A 402 32.41 -5.41 7.23
N CYS A 403 31.70 -4.36 7.63
CA CYS A 403 30.28 -4.42 7.89
C CYS A 403 29.51 -3.85 6.70
N HIS A 404 29.78 -2.59 6.37
CA HIS A 404 29.40 -2.03 5.08
C HIS A 404 30.50 -2.45 4.11
N LEU A 405 30.16 -3.41 3.24
CA LEU A 405 31.17 -4.16 2.51
C LEU A 405 31.08 -4.09 0.98
N LEU A 406 30.10 -3.34 0.47
CA LEU A 406 29.88 -3.24 -0.98
C LEU A 406 29.03 -2.02 -1.31
N ALA A 407 29.45 -1.28 -2.33
CA ALA A 407 28.69 -0.11 -2.81
C ALA A 407 28.69 -0.05 -4.32
N GLN A 408 27.50 0.13 -4.91
CA GLN A 408 27.36 0.24 -6.36
C GLN A 408 26.85 1.64 -6.76
N PHE A 409 27.46 2.19 -7.80
CA PHE A 409 27.06 3.50 -8.30
C PHE A 409 26.18 3.45 -9.56
N TYR A 410 25.44 4.52 -9.77
CA TYR A 410 24.41 4.58 -10.81
C TYR A 410 24.18 6.02 -11.21
N VAL A 411 24.14 6.27 -12.51
CA VAL A 411 23.91 7.61 -13.02
C VAL A 411 22.57 7.66 -13.75
N SER A 412 21.85 8.75 -13.57
CA SER A 412 20.55 8.95 -14.19
C SER A 412 20.22 10.43 -14.08
N ASN A 413 19.90 11.07 -15.20
CA ASN A 413 19.59 12.49 -15.24
C ASN A 413 20.71 13.35 -14.67
N GLY A 414 21.95 13.02 -15.02
CA GLY A 414 23.11 13.70 -14.47
C GLY A 414 23.20 13.67 -12.94
N GLU A 415 22.58 12.67 -12.31
CA GLU A 415 22.66 12.51 -10.85
C GLU A 415 23.28 11.17 -10.47
N LEU A 416 24.18 11.20 -9.50
CA LEU A 416 24.85 9.99 -9.01
C LEU A 416 24.10 9.39 -7.83
N SER A 417 23.55 8.20 -8.05
CA SER A 417 22.94 7.43 -6.99
C SER A 417 23.90 6.34 -6.55
N CYS A 418 23.58 5.69 -5.44
CA CYS A 418 24.50 4.74 -4.84
C CYS A 418 23.82 3.74 -3.93
N MET A 419 24.23 2.49 -4.07
CA MET A 419 23.73 1.40 -3.25
C MET A 419 24.78 0.86 -2.31
N LEU A 420 24.37 0.64 -1.07
CA LEU A 420 25.25 0.20 0.00
C LEU A 420 24.72 -1.13 0.53
N TYR A 421 25.60 -2.13 0.57
CA TYR A 421 25.23 -3.39 1.18
C TYR A 421 25.88 -3.56 2.55
N GLN A 422 25.05 -3.81 3.56
CA GLN A 422 25.53 -3.97 4.92
C GLN A 422 25.07 -5.32 5.46
N ARG A 423 26.03 -6.17 5.85
CA ARG A 423 25.71 -7.53 6.29
C ARG A 423 25.04 -7.57 7.66
N SER A 424 25.43 -6.66 8.54
CA SER A 424 24.98 -6.65 9.91
C SER A 424 24.59 -5.23 10.29
N CYS A 425 23.37 -5.07 10.76
CA CYS A 425 22.81 -3.72 10.93
C CYS A 425 22.21 -3.50 12.30
N ASP A 426 22.94 -2.78 13.14
CA ASP A 426 22.38 -2.30 14.39
C ASP A 426 21.65 -0.99 14.11
N MET A 427 20.32 -1.01 14.31
CA MET A 427 19.46 0.11 13.97
C MET A 427 19.66 1.33 14.87
N GLY A 428 20.16 1.09 16.06
CA GLY A 428 20.30 2.16 17.05
C GLY A 428 21.46 3.10 16.83
N LEU A 429 22.58 2.57 16.34
CA LEU A 429 23.83 3.33 16.30
C LEU A 429 24.62 3.10 15.01
N GLY A 430 24.79 1.83 14.62
CA GLY A 430 25.55 1.48 13.44
C GLY A 430 24.92 1.95 12.13
N VAL A 431 23.61 1.78 12.02
CA VAL A 431 22.88 2.10 10.78
C VAL A 431 22.80 3.61 10.46
N PRO A 432 22.29 4.44 11.40
CA PRO A 432 22.17 5.88 11.08
C PRO A 432 23.55 6.52 10.81
N PHE A 433 24.58 5.97 11.44
CA PHE A 433 25.97 6.37 11.22
C PHE A 433 26.40 6.08 9.78
N ASN A 434 26.14 4.84 9.34
CA ASN A 434 26.49 4.38 8.00
C ASN A 434 25.72 5.09 6.90
N ILE A 435 24.46 5.42 7.18
CA ILE A 435 23.63 6.19 6.23
C ILE A 435 24.28 7.54 5.94
N ALA A 436 24.79 8.18 6.98
CA ALA A 436 25.52 9.43 6.82
C ALA A 436 26.86 9.23 6.11
N SER A 437 27.55 8.11 6.39
CA SER A 437 28.85 7.81 5.77
C SER A 437 28.78 7.76 4.25
N TYR A 438 27.76 7.09 3.74
CA TYR A 438 27.60 6.86 2.32
C TYR A 438 26.84 8.00 1.66
N ALA A 439 26.14 8.78 2.47
CA ALA A 439 25.57 10.04 2.00
C ALA A 439 26.71 10.98 1.62
N LEU A 440 27.65 11.17 2.55
CA LEU A 440 28.83 12.00 2.33
C LEU A 440 29.64 11.49 1.12
N LEU A 441 29.91 10.18 1.11
CA LEU A 441 30.71 9.57 0.05
C LEU A 441 30.11 9.91 -1.30
N THR A 442 28.83 9.61 -1.48
CA THR A 442 28.13 9.88 -2.75
C THR A 442 28.21 11.35 -3.12
N ILE A 443 28.06 12.23 -2.12
CA ILE A 443 28.19 13.66 -2.34
C ILE A 443 29.60 14.02 -2.84
N LEU A 444 30.63 13.42 -2.23
CA LEU A 444 32.01 13.66 -2.63
C LEU A 444 32.30 13.09 -4.01
N ILE A 445 31.91 11.84 -4.25
CA ILE A 445 32.17 11.22 -5.55
C ILE A 445 31.41 11.96 -6.67
N ALA A 446 30.22 12.48 -6.34
CA ALA A 446 29.49 13.32 -7.29
C ALA A 446 30.31 14.54 -7.68
N LYS A 447 30.89 15.21 -6.68
CA LYS A 447 31.76 16.37 -6.89
C LYS A 447 32.99 16.00 -7.69
N ALA A 448 33.54 14.81 -7.40
CA ALA A 448 34.79 14.35 -8.02
C ALA A 448 34.62 14.00 -9.50
N THR A 449 33.40 13.74 -9.91
CA THR A 449 33.10 13.32 -11.28
C THR A 449 32.24 14.33 -12.00
N GLY A 450 31.85 15.39 -11.30
CA GLY A 450 31.07 16.47 -11.90
C GLY A 450 29.61 16.13 -12.14
N LEU A 451 29.08 15.23 -11.33
CA LEU A 451 27.64 14.97 -11.33
C LEU A 451 27.03 15.60 -10.08
N ARG A 452 25.73 15.88 -10.11
CA ARG A 452 25.06 16.33 -8.89
C ARG A 452 24.47 15.12 -8.15
N PRO A 453 24.40 15.17 -6.80
CA PRO A 453 24.00 14.03 -5.98
C PRO A 453 22.57 13.53 -6.25
N GLY A 454 22.40 12.21 -6.17
CA GLY A 454 21.11 11.59 -6.43
C GLY A 454 20.50 10.94 -5.20
N GLU A 455 20.50 9.61 -5.20
CA GLU A 455 19.77 8.81 -4.22
C GLU A 455 20.70 7.84 -3.49
N LEU A 456 20.49 7.64 -2.19
CA LEU A 456 21.24 6.61 -1.46
C LEU A 456 20.29 5.46 -1.14
N VAL A 457 20.56 4.29 -1.71
CA VAL A 457 19.79 3.10 -1.42
C VAL A 457 20.58 2.23 -0.47
N HIS A 458 19.93 1.77 0.59
CA HIS A 458 20.59 1.04 1.65
C HIS A 458 20.03 -0.38 1.79
N THR A 459 20.87 -1.38 1.53
CA THR A 459 20.46 -2.79 1.69
C THR A 459 21.00 -3.35 3.00
N LEU A 460 20.09 -3.87 3.82
CA LEU A 460 20.43 -4.37 5.14
C LEU A 460 20.37 -5.89 5.10
N GLY A 461 21.37 -6.53 5.70
CA GLY A 461 21.41 -7.99 5.79
C GLY A 461 20.69 -8.44 7.04
N ASP A 462 21.43 -8.54 8.13
CA ASP A 462 20.87 -8.86 9.43
C ASP A 462 20.56 -7.55 10.16
N ALA A 463 19.35 -7.03 9.98
CA ALA A 463 18.92 -5.81 10.67
C ALA A 463 18.38 -6.15 12.06
N HIS A 464 19.01 -5.57 13.08
CA HIS A 464 18.68 -5.90 14.46
C HIS A 464 18.59 -4.69 15.37
N VAL A 465 17.90 -4.89 16.50
CA VAL A 465 17.86 -3.95 17.62
C VAL A 465 18.27 -4.72 18.87
N TYR A 466 19.08 -4.11 19.73
CA TYR A 466 19.54 -4.76 20.96
C TYR A 466 18.46 -4.85 22.02
N SER A 467 18.34 -6.03 22.66
CA SER A 467 17.31 -6.29 23.66
C SER A 467 17.16 -5.19 24.71
N ASN A 468 18.29 -4.74 25.26
CA ASN A 468 18.28 -3.66 26.25
C ASN A 468 17.84 -2.32 25.64
N HIS A 469 18.11 -2.15 24.34
CA HIS A 469 17.72 -0.95 23.61
C HIS A 469 16.24 -0.90 23.20
N VAL A 470 15.48 -1.95 23.53
CA VAL A 470 14.06 -2.05 23.13
C VAL A 470 13.18 -0.97 23.75
N GLU A 471 13.35 -0.73 25.05
CA GLU A 471 12.56 0.28 25.76
C GLU A 471 12.84 1.72 25.27
N PRO A 472 14.13 2.13 25.21
CA PRO A 472 14.47 3.44 24.66
C PRO A 472 13.96 3.68 23.23
N CYS A 473 14.03 2.66 22.38
CA CYS A 473 13.53 2.72 21.01
C CYS A 473 12.04 3.09 20.93
N ASN A 474 11.23 2.45 21.79
CA ASN A 474 9.79 2.70 21.85
C ASN A 474 9.45 4.16 22.19
N GLU A 475 10.24 4.76 23.06
CA GLU A 475 10.14 6.19 23.34
C GLU A 475 10.53 7.02 22.12
N GLN A 476 11.62 6.64 21.44
CA GLN A 476 12.04 7.32 20.21
C GLN A 476 11.00 7.18 19.10
N LEU A 477 10.39 6.01 19.00
CA LEU A 477 9.39 5.74 17.96
C LEU A 477 8.19 6.68 18.05
N LYS A 478 7.91 7.17 19.26
CA LYS A 478 6.81 8.10 19.51
C LYS A 478 7.10 9.50 18.97
N ARG A 479 8.37 9.78 18.70
CA ARG A 479 8.79 11.11 18.21
C ARG A 479 8.39 11.35 16.77
N VAL A 480 8.12 12.61 16.46
CA VAL A 480 7.81 13.03 15.11
C VAL A 480 9.07 13.56 14.41
N PRO A 481 9.46 12.90 13.30
CA PRO A 481 10.64 13.26 12.51
C PRO A 481 10.62 14.70 12.00
N ARG A 482 11.73 15.41 12.21
CA ARG A 482 11.95 16.75 11.65
C ARG A 482 12.67 16.62 10.30
N ALA A 483 12.92 17.72 9.63
CA ALA A 483 13.53 17.70 8.29
C ALA A 483 15.02 17.35 8.33
N PHE A 484 15.55 16.83 7.22
CA PHE A 484 16.98 16.55 7.13
C PHE A 484 17.79 17.80 6.83
N PRO A 485 19.01 17.91 7.40
CA PRO A 485 19.87 19.06 7.13
C PRO A 485 20.50 19.03 5.73
N TYR A 486 21.37 20.01 5.45
CA TYR A 486 22.12 20.09 4.21
C TYR A 486 23.60 20.21 4.46
N LEU A 487 24.38 19.66 3.53
CA LEU A 487 25.83 19.76 3.55
C LEU A 487 26.26 20.92 2.67
N VAL A 488 27.10 21.79 3.21
CA VAL A 488 27.60 22.95 2.49
C VAL A 488 29.12 22.96 2.55
N PHE A 489 29.76 22.84 1.39
CA PHE A 489 31.21 22.92 1.32
C PHE A 489 31.63 24.37 1.35
N ARG A 490 32.28 24.75 2.44
CA ARG A 490 32.69 26.14 2.68
C ARG A 490 34.00 26.47 1.97
N ARG A 491 34.78 25.44 1.66
CA ARG A 491 35.96 25.56 0.78
C ARG A 491 36.13 24.31 -0.07
N GLU A 492 37.04 24.37 -1.04
CA GLU A 492 37.30 23.25 -1.95
C GLU A 492 38.74 22.74 -1.91
N ARG A 493 38.95 21.56 -2.47
CA ARG A 493 40.28 20.95 -2.53
C ARG A 493 40.66 20.54 -3.95
N GLU A 494 41.96 20.54 -4.23
CA GLU A 494 42.47 20.12 -5.53
C GLU A 494 42.38 18.60 -5.70
N PHE A 495 42.43 17.87 -4.58
CA PHE A 495 42.40 16.42 -4.60
C PHE A 495 41.36 15.90 -3.62
N LEU A 496 40.61 14.89 -4.04
CA LEU A 496 39.56 14.29 -3.21
C LEU A 496 40.08 13.93 -1.82
N GLU A 497 41.29 13.38 -1.77
CA GLU A 497 41.91 12.94 -0.53
C GLU A 497 42.19 14.09 0.44
N ASP A 498 42.24 15.31 -0.08
CA ASP A 498 42.66 16.47 0.71
C ASP A 498 41.55 17.15 1.52
N TYR A 499 40.33 16.61 1.47
CA TYR A 499 39.21 17.18 2.23
C TYR A 499 39.32 16.94 3.75
N GLU A 500 39.35 18.03 4.51
CA GLU A 500 39.30 17.98 5.97
C GLU A 500 37.86 18.18 6.42
N GLU A 501 37.51 17.65 7.58
CA GLU A 501 36.16 17.77 8.14
C GLU A 501 35.73 19.24 8.24
N GLY A 502 36.69 20.11 8.54
CA GLY A 502 36.45 21.54 8.66
C GLY A 502 35.97 22.20 7.38
N ASP A 503 36.19 21.55 6.25
CA ASP A 503 35.81 22.09 4.94
C ASP A 503 34.29 22.19 4.74
N MET A 504 33.53 21.34 5.44
CA MET A 504 32.09 21.26 5.21
C MET A 504 31.24 21.59 6.44
N GLU A 505 30.14 22.31 6.21
CA GLU A 505 29.21 22.65 7.27
C GLU A 505 27.82 22.02 7.04
N VAL A 506 27.33 21.32 8.06
CA VAL A 506 25.98 20.79 8.07
C VAL A 506 25.07 21.90 8.56
N ILE A 507 24.10 22.31 7.74
CA ILE A 507 23.22 23.40 8.14
C ILE A 507 21.81 22.93 8.50
N ASP A 508 21.31 23.45 9.63
CA ASP A 508 19.96 23.18 10.11
C ASP A 508 19.70 21.74 10.55
N TYR A 509 20.69 21.13 11.19
CA TYR A 509 20.50 19.85 11.85
C TYR A 509 20.10 20.11 13.30
N ALA A 510 18.81 19.97 13.56
CA ALA A 510 18.25 20.18 14.90
C ALA A 510 17.59 18.90 15.40
N PRO A 511 18.40 17.93 15.87
CA PRO A 511 17.79 16.68 16.30
C PRO A 511 17.22 16.78 17.70
N TYR A 512 16.47 15.76 18.10
CA TYR A 512 15.90 15.67 19.43
C TYR A 512 17.00 15.51 20.49
N PRO A 513 16.68 15.86 21.75
CA PRO A 513 17.57 15.56 22.87
C PRO A 513 17.71 14.04 23.05
N PRO A 514 18.59 13.60 23.96
CA PRO A 514 18.66 12.16 24.22
C PRO A 514 17.39 11.63 24.89
N ILE A 515 17.01 10.40 24.53
CA ILE A 515 15.97 9.67 25.26
C ILE A 515 16.53 9.27 26.63
N SER A 516 15.69 9.40 27.67
CA SER A 516 16.07 9.15 29.07
C SER A 516 16.83 7.84 29.27
N SER B 2 -48.83 -6.24 16.01
CA SER B 2 -49.59 -7.31 16.72
C SER B 2 -49.26 -8.68 16.11
N LEU B 3 -49.64 -8.88 14.85
CA LEU B 3 -49.14 -10.01 14.07
C LEU B 3 -48.91 -9.60 12.62
N PHE B 4 -48.26 -8.45 12.48
CA PHE B 4 -47.61 -8.04 11.25
C PHE B 4 -46.11 -8.19 11.55
N LYS B 5 -45.79 -9.23 12.32
CA LYS B 5 -44.42 -9.54 12.71
C LYS B 5 -43.72 -10.30 11.60
N ILE B 6 -42.43 -10.56 11.79
CA ILE B 6 -41.68 -11.41 10.87
C ILE B 6 -41.41 -12.74 11.57
N ARG B 7 -41.86 -13.83 10.97
CA ARG B 7 -41.68 -15.15 11.54
C ARG B 7 -40.31 -15.69 11.19
N MET B 8 -39.56 -16.09 12.22
CA MET B 8 -38.24 -16.68 12.05
C MET B 8 -38.33 -18.08 11.40
N PRO B 9 -37.30 -18.46 10.62
CA PRO B 9 -37.30 -19.74 9.91
C PRO B 9 -37.45 -20.95 10.82
N GLU B 10 -37.98 -22.03 10.24
CA GLU B 10 -38.23 -23.29 10.95
C GLU B 10 -37.05 -23.74 11.83
N THR B 11 -35.83 -23.64 11.30
CA THR B 11 -34.63 -24.14 11.98
C THR B 11 -33.46 -23.14 12.01
N VAL B 12 -32.25 -23.65 11.79
CA VAL B 12 -30.99 -22.89 11.90
C VAL B 12 -30.35 -22.76 10.52
N ALA B 13 -29.55 -21.69 10.32
CA ALA B 13 -28.81 -21.45 9.07
C ALA B 13 -27.81 -22.57 8.75
N GLU B 14 -27.59 -22.85 7.46
CA GLU B 14 -26.71 -23.93 7.03
C GLU B 14 -25.23 -23.59 7.17
N GLY B 15 -24.48 -24.50 7.78
CA GLY B 15 -23.04 -24.32 8.01
C GLY B 15 -22.69 -23.59 9.30
N THR B 16 -23.69 -23.38 10.16
CA THR B 16 -23.53 -22.69 11.43
C THR B 16 -22.70 -23.51 12.43
N ARG B 17 -21.68 -22.87 13.00
CA ARG B 17 -20.83 -23.47 14.02
C ARG B 17 -21.52 -23.44 15.39
N LEU B 18 -21.23 -24.43 16.23
CA LEU B 18 -21.57 -24.36 17.64
C LEU B 18 -20.58 -23.38 18.27
N ALA B 19 -21.04 -22.57 19.22
CA ALA B 19 -20.21 -21.52 19.83
C ALA B 19 -18.97 -22.05 20.59
N LEU B 20 -17.79 -21.65 20.10
CA LEU B 20 -16.51 -21.97 20.75
C LEU B 20 -16.09 -20.83 21.66
N ARG B 21 -15.11 -21.08 22.52
CA ARG B 21 -14.69 -20.08 23.47
C ARG B 21 -13.31 -19.52 23.09
N ALA B 22 -13.07 -18.26 23.45
CA ALA B 22 -11.77 -17.63 23.21
C ALA B 22 -10.82 -17.99 24.34
N PHE B 23 -9.53 -18.10 24.01
CA PHE B 23 -8.56 -18.62 24.95
C PHE B 23 -7.17 -18.06 24.71
N SER B 24 -6.39 -17.95 25.79
CA SER B 24 -4.96 -17.67 25.72
C SER B 24 -4.19 -18.99 25.80
N LEU B 25 -2.88 -18.91 25.55
CA LEU B 25 -2.03 -20.09 25.54
C LEU B 25 -0.79 -19.81 26.36
N VAL B 26 -0.50 -20.70 27.31
CA VAL B 26 0.68 -20.57 28.16
C VAL B 26 1.61 -21.74 27.88
N VAL B 27 2.87 -21.44 27.57
CA VAL B 27 3.85 -22.45 27.16
C VAL B 27 5.26 -22.07 27.63
N ALA B 28 6.15 -23.08 27.67
CA ALA B 28 7.56 -22.88 28.01
C ALA B 28 8.46 -23.71 27.07
N VAL B 29 9.43 -23.04 26.45
CA VAL B 29 10.29 -23.67 25.44
C VAL B 29 11.76 -23.31 25.60
N ASP B 30 12.61 -24.02 24.86
CA ASP B 30 13.95 -23.54 24.50
C ASP B 30 13.93 -23.01 23.07
N GLU B 31 15.05 -22.44 22.64
CA GLU B 31 15.26 -22.16 21.23
C GLU B 31 15.51 -23.51 20.58
N ARG B 32 14.76 -23.80 19.52
CA ARG B 32 14.69 -25.12 18.87
C ARG B 32 13.23 -25.58 18.87
N GLY B 33 12.44 -24.98 19.76
CA GLY B 33 11.01 -25.21 19.81
C GLY B 33 10.55 -26.34 20.70
N GLY B 34 11.49 -26.96 21.41
CA GLY B 34 11.20 -28.13 22.26
C GLY B 34 10.37 -27.82 23.48
N ILE B 35 9.45 -28.73 23.79
CA ILE B 35 8.59 -28.61 24.99
C ILE B 35 8.58 -29.87 25.87
N GLY B 36 8.73 -31.03 25.22
CA GLY B 36 8.72 -32.31 25.94
C GLY B 36 9.55 -33.40 25.28
N ASP B 37 9.69 -34.52 25.98
CA ASP B 37 10.41 -35.68 25.47
C ASP B 37 9.48 -36.88 25.23
N GLY B 38 8.20 -36.58 25.02
CA GLY B 38 7.19 -37.63 24.84
C GLY B 38 6.44 -37.99 26.11
N ARG B 39 7.12 -37.92 27.26
CA ARG B 39 6.53 -38.32 28.55
C ARG B 39 6.45 -37.22 29.62
N SER B 40 7.46 -36.35 29.68
CA SER B 40 7.50 -35.29 30.69
C SER B 40 8.27 -34.03 30.24
N ILE B 41 8.69 -33.23 31.22
CA ILE B 41 9.50 -32.02 31.01
C ILE B 41 11.00 -32.35 31.11
N PRO B 42 11.76 -32.09 30.01
CA PRO B 42 13.18 -32.45 29.93
C PRO B 42 14.09 -31.54 30.77
N TRP B 43 13.63 -30.32 31.04
CA TRP B 43 14.39 -29.37 31.86
C TRP B 43 13.73 -29.15 33.22
N ASN B 44 14.56 -28.91 34.23
CA ASN B 44 14.09 -28.60 35.56
C ASN B 44 14.19 -27.10 35.80
N VAL B 45 13.11 -26.41 35.50
CA VAL B 45 13.15 -24.99 35.57
C VAL B 45 11.97 -24.40 36.25
N PRO B 46 12.23 -23.39 37.08
CA PRO B 46 11.17 -22.71 37.82
C PRO B 46 11.40 -21.20 37.89
N GLU B 47 10.59 -20.45 38.63
CA GLU B 47 10.65 -19.01 38.54
C GLU B 47 9.70 -18.64 37.42
N ASP B 48 9.57 -19.60 36.54
CA ASP B 48 8.62 -19.60 35.48
C ASP B 48 7.32 -19.81 36.20
N MET B 49 7.26 -20.87 37.00
CA MET B 49 6.12 -21.06 37.86
C MET B 49 5.37 -19.81 38.25
N LYS B 50 5.93 -19.03 39.17
CA LYS B 50 5.21 -17.86 39.63
C LYS B 50 4.53 -17.12 38.50
N PHE B 51 5.02 -17.31 37.27
CA PHE B 51 4.37 -16.72 36.10
C PHE B 51 3.22 -17.59 35.61
N PHE B 52 3.49 -18.88 35.44
CA PHE B 52 2.48 -19.86 35.03
C PHE B 52 1.29 -19.88 35.98
N ARG B 53 1.52 -19.44 37.22
CA ARG B 53 0.48 -19.31 38.23
C ARG B 53 -0.19 -17.93 38.13
N ASP B 54 0.61 -16.87 38.18
CA ASP B 54 0.10 -15.48 38.19
C ASP B 54 -0.80 -15.16 36.99
N VAL B 55 -0.49 -15.77 35.84
CA VAL B 55 -1.24 -15.50 34.62
C VAL B 55 -2.54 -16.31 34.55
N THR B 56 -2.53 -17.52 35.12
CA THR B 56 -3.73 -18.36 35.15
C THR B 56 -4.66 -18.05 36.34
N THR B 57 -4.12 -17.47 37.41
CA THR B 57 -4.90 -17.21 38.62
C THR B 57 -5.62 -15.85 38.62
N LYS B 58 -4.85 -14.77 38.50
CA LYS B 58 -5.40 -13.41 38.59
C LYS B 58 -6.55 -13.18 37.61
N LEU B 59 -7.46 -12.30 37.98
CA LEU B 59 -8.67 -12.10 37.21
C LEU B 59 -8.79 -10.66 36.75
N ARG B 60 -9.40 -10.47 35.60
CA ARG B 60 -9.46 -9.16 35.00
C ARG B 60 -9.43 -8.16 36.13
N GLY B 61 -9.00 -8.63 37.30
CA GLY B 61 -8.74 -7.76 38.42
C GLY B 61 -9.96 -6.96 38.77
N LYS B 62 -9.87 -6.22 39.87
CA LYS B 62 -11.00 -5.74 40.64
C LYS B 62 -10.95 -6.51 41.95
N ASN B 63 -9.76 -7.04 42.26
CA ASN B 63 -9.55 -7.91 43.42
C ASN B 63 -9.89 -9.35 43.05
N VAL B 64 -8.93 -10.27 43.18
CA VAL B 64 -9.20 -11.62 42.71
C VAL B 64 -10.32 -12.28 43.49
N LYS B 65 -10.36 -13.61 43.46
CA LYS B 65 -11.38 -14.37 44.17
C LYS B 65 -11.56 -15.75 43.53
N PRO B 66 -10.47 -16.55 43.44
CA PRO B 66 -10.54 -17.88 42.81
C PRO B 66 -11.60 -18.79 43.44
N SER B 67 -12.86 -18.52 43.09
CA SER B 67 -14.02 -19.22 43.61
C SER B 67 -14.74 -19.94 42.47
N PRO B 68 -15.58 -20.95 42.81
CA PRO B 68 -16.44 -21.57 41.81
C PRO B 68 -17.32 -20.56 41.06
N ALA B 69 -17.61 -19.43 41.71
CA ALA B 69 -18.45 -18.37 41.13
C ALA B 69 -17.72 -17.56 40.07
N LYS B 70 -16.42 -17.36 40.25
CA LYS B 70 -15.59 -16.55 39.33
C LYS B 70 -14.14 -17.05 39.35
N ARG B 71 -13.74 -17.65 38.24
CA ARG B 71 -12.37 -18.19 38.07
C ARG B 71 -12.00 -18.37 36.60
N ASN B 72 -10.71 -18.55 36.34
CA ASN B 72 -10.23 -18.93 35.02
C ASN B 72 -10.25 -20.46 34.85
N ALA B 73 -9.96 -20.94 33.65
CA ALA B 73 -9.90 -22.38 33.40
C ALA B 73 -8.63 -22.76 32.67
N VAL B 74 -8.21 -24.02 32.87
CA VAL B 74 -7.04 -24.57 32.20
C VAL B 74 -7.45 -25.82 31.44
N VAL B 75 -6.94 -25.96 30.21
CA VAL B 75 -7.28 -27.11 29.38
C VAL B 75 -6.01 -27.84 28.91
N MET B 76 -5.88 -29.11 29.31
CA MET B 76 -4.69 -29.92 29.05
C MET B 76 -4.97 -31.28 28.41
N GLY B 77 -3.99 -31.80 27.68
CA GLY B 77 -4.07 -33.15 27.10
C GLY B 77 -3.91 -34.23 28.15
N ARG B 78 -4.36 -35.44 27.81
CA ARG B 78 -4.42 -36.55 28.76
C ARG B 78 -3.08 -36.88 29.43
N LYS B 79 -2.01 -36.84 28.64
CA LYS B 79 -0.66 -37.12 29.13
C LYS B 79 -0.08 -35.99 29.96
N THR B 80 -0.42 -34.75 29.61
CA THR B 80 -0.01 -33.58 30.39
C THR B 80 -0.52 -33.71 31.84
N TRP B 81 -1.73 -34.22 31.99
CA TRP B 81 -2.35 -34.48 33.29
C TRP B 81 -1.55 -35.49 34.11
N ASP B 82 -0.93 -36.46 33.43
CA ASP B 82 -0.07 -37.46 34.05
C ASP B 82 1.24 -36.87 34.56
N SER B 83 1.85 -35.98 33.75
CA SER B 83 3.08 -35.28 34.13
C SER B 83 2.92 -34.48 35.43
N ILE B 84 1.67 -34.40 35.90
CA ILE B 84 1.36 -33.81 37.19
C ILE B 84 1.12 -34.96 38.18
N PRO B 85 2.09 -35.22 39.08
CA PRO B 85 1.90 -36.22 40.15
C PRO B 85 0.66 -35.93 41.01
N PRO B 86 0.08 -36.99 41.63
CA PRO B 86 -1.22 -36.90 42.31
C PRO B 86 -1.37 -35.68 43.23
N LYS B 87 -0.40 -35.49 44.11
CA LYS B 87 -0.42 -34.44 45.14
C LYS B 87 -0.66 -33.01 44.62
N PHE B 88 -0.08 -32.69 43.46
CA PHE B 88 -0.16 -31.34 42.89
C PHE B 88 -1.53 -30.99 42.30
N ARG B 89 -2.23 -32.01 41.78
CA ARG B 89 -3.56 -31.84 41.16
C ARG B 89 -4.63 -31.48 42.20
N PRO B 90 -5.62 -30.67 41.80
CA PRO B 90 -5.68 -29.87 40.57
C PRO B 90 -5.10 -28.48 40.85
N LEU B 91 -4.92 -27.67 39.80
CA LEU B 91 -4.37 -26.34 40.00
C LEU B 91 -5.31 -25.53 40.90
N PRO B 92 -4.81 -25.11 42.08
CA PRO B 92 -5.66 -24.50 43.10
C PRO B 92 -6.07 -23.08 42.73
N GLY B 93 -7.25 -22.96 42.13
CA GLY B 93 -7.78 -21.66 41.73
C GLY B 93 -8.49 -21.67 40.40
N ARG B 94 -8.24 -22.69 39.59
CA ARG B 94 -8.80 -22.77 38.24
C ARG B 94 -9.39 -24.15 37.89
N LEU B 95 -10.45 -24.13 37.08
CA LEU B 95 -11.12 -25.33 36.61
C LEU B 95 -10.23 -26.15 35.68
N ASN B 96 -9.90 -27.37 36.12
CA ASN B 96 -9.04 -28.26 35.35
C ASN B 96 -9.84 -29.04 34.30
N VAL B 97 -9.45 -28.91 33.04
CA VAL B 97 -10.12 -29.65 31.96
C VAL B 97 -9.14 -30.61 31.29
N VAL B 98 -9.48 -31.89 31.26
CA VAL B 98 -8.60 -32.90 30.64
C VAL B 98 -9.29 -33.60 29.47
N LEU B 99 -8.57 -33.67 28.35
CA LEU B 99 -9.06 -34.28 27.11
C LEU B 99 -8.60 -35.73 27.03
N SER B 100 -9.55 -36.65 26.96
CA SER B 100 -9.26 -38.09 27.00
C SER B 100 -10.38 -38.97 26.44
N SER B 101 -9.98 -40.07 25.78
CA SER B 101 -10.92 -41.06 25.27
C SER B 101 -10.98 -42.26 26.20
N THR B 102 -9.81 -42.66 26.69
CA THR B 102 -9.68 -43.78 27.62
C THR B 102 -10.23 -43.44 29.01
N LEU B 103 -10.09 -42.18 29.43
CA LEU B 103 -10.53 -41.76 30.76
C LEU B 103 -11.81 -40.94 30.73
N THR B 104 -12.65 -41.14 31.74
CA THR B 104 -13.85 -40.35 31.96
C THR B 104 -13.68 -39.52 33.22
N THR B 105 -14.51 -38.50 33.39
CA THR B 105 -14.46 -37.62 34.57
C THR B 105 -14.41 -38.45 35.86
N GLN B 106 -15.23 -39.50 35.89
CA GLN B 106 -15.34 -40.39 37.04
C GLN B 106 -14.02 -41.08 37.36
N HIS B 107 -13.59 -42.01 36.51
CA HIS B 107 -12.34 -42.73 36.74
C HIS B 107 -11.14 -41.85 36.44
N LEU B 108 -11.06 -40.74 37.17
CA LEU B 108 -10.02 -39.73 36.98
C LEU B 108 -9.69 -39.10 38.33
N LEU B 109 -10.71 -38.54 39.00
CA LEU B 109 -10.57 -38.01 40.35
C LEU B 109 -10.44 -39.13 41.38
N ASP B 110 -9.27 -39.77 41.41
CA ASP B 110 -9.04 -40.97 42.22
C ASP B 110 -9.19 -40.79 43.74
N LEU B 120 -11.46 -34.98 50.20
CA LEU B 120 -11.03 -34.40 48.92
C LEU B 120 -12.25 -33.97 48.07
N HIS B 121 -12.67 -32.72 48.24
CA HIS B 121 -13.84 -32.20 47.52
C HIS B 121 -13.42 -31.53 46.22
N ALA B 122 -13.50 -32.30 45.13
CA ALA B 122 -13.11 -31.83 43.79
C ALA B 122 -13.98 -30.67 43.33
N ASP B 123 -15.10 -30.97 42.66
CA ASP B 123 -16.01 -29.95 42.11
C ASP B 123 -15.25 -28.93 41.24
N SER B 124 -14.02 -29.27 40.89
CA SER B 124 -13.10 -28.36 40.21
C SER B 124 -12.33 -29.01 39.07
N ILE B 125 -12.85 -30.13 38.56
CA ILE B 125 -12.24 -30.83 37.43
C ILE B 125 -13.29 -31.52 36.54
N VAL B 126 -13.12 -31.42 35.23
CA VAL B 126 -14.04 -31.98 34.25
C VAL B 126 -13.25 -32.65 33.12
N ALA B 127 -13.64 -33.85 32.74
CA ALA B 127 -13.05 -34.50 31.57
C ALA B 127 -13.88 -34.19 30.33
N VAL B 128 -13.22 -34.13 29.19
CA VAL B 128 -13.91 -33.93 27.91
C VAL B 128 -13.47 -35.01 26.92
N ASN B 129 -14.46 -35.74 26.39
CA ASN B 129 -14.19 -36.76 25.38
C ASN B 129 -14.09 -36.13 23.99
N GLY B 130 -13.00 -35.41 23.77
CA GLY B 130 -12.75 -34.74 22.50
C GLY B 130 -11.46 -33.97 22.58
N GLY B 131 -11.28 -33.03 21.66
CA GLY B 131 -10.09 -32.19 21.64
C GLY B 131 -10.33 -30.83 22.27
N LEU B 132 -9.43 -29.91 21.99
CA LEU B 132 -9.53 -28.53 22.46
C LEU B 132 -10.79 -27.85 21.91
N GLU B 133 -11.12 -28.14 20.65
CA GLU B 133 -12.34 -27.63 20.04
C GLU B 133 -13.54 -28.03 20.89
N GLN B 134 -13.59 -29.30 21.28
CA GLN B 134 -14.66 -29.83 22.11
C GLN B 134 -14.68 -29.15 23.48
N ALA B 135 -13.49 -28.98 24.05
CA ALA B 135 -13.34 -28.29 25.33
C ALA B 135 -13.82 -26.85 25.21
N LEU B 136 -13.46 -26.17 24.12
CA LEU B 136 -13.85 -24.79 23.89
C LEU B 136 -15.37 -24.62 23.74
N GLN B 137 -16.03 -25.65 23.20
CA GLN B 137 -17.49 -25.69 23.06
C GLN B 137 -18.18 -25.74 24.43
N LEU B 138 -17.73 -26.67 25.26
CA LEU B 138 -18.27 -26.86 26.61
C LEU B 138 -18.15 -25.59 27.44
N LEU B 139 -17.04 -24.87 27.28
CA LEU B 139 -16.78 -23.67 28.08
C LEU B 139 -17.59 -22.44 27.65
N ALA B 140 -18.10 -22.46 26.42
CA ALA B 140 -18.96 -21.39 25.94
C ALA B 140 -20.42 -21.62 26.32
N SER B 141 -20.74 -22.85 26.74
CA SER B 141 -22.10 -23.23 27.13
C SER B 141 -22.57 -22.47 28.38
N PRO B 142 -23.91 -22.31 28.55
CA PRO B 142 -24.48 -21.46 29.59
C PRO B 142 -24.09 -21.85 31.02
N ASN B 143 -23.75 -23.12 31.22
CA ASN B 143 -23.29 -23.60 32.52
C ASN B 143 -21.92 -23.07 32.96
N TYR B 144 -21.17 -22.47 32.03
CA TYR B 144 -19.79 -22.10 32.29
C TYR B 144 -19.43 -20.61 32.12
N THR B 145 -20.10 -19.93 31.18
CA THR B 145 -19.80 -18.52 30.88
C THR B 145 -20.06 -17.54 32.03
N PRO B 146 -21.13 -17.76 32.82
CA PRO B 146 -21.20 -17.04 34.10
C PRO B 146 -19.90 -17.14 34.93
N SER B 147 -19.37 -18.34 35.13
CA SER B 147 -18.25 -18.51 36.05
C SER B 147 -16.85 -18.46 35.43
N ILE B 148 -16.63 -19.16 34.31
CA ILE B 148 -15.30 -19.26 33.69
C ILE B 148 -14.94 -18.00 32.92
N GLU B 149 -14.03 -17.20 33.47
CA GLU B 149 -13.66 -15.91 32.90
C GLU B 149 -12.69 -16.05 31.72
N THR B 150 -11.55 -16.69 31.96
CA THR B 150 -10.54 -16.85 30.92
C THR B 150 -10.04 -18.28 30.77
N VAL B 151 -10.05 -18.79 29.55
CA VAL B 151 -9.57 -20.14 29.27
C VAL B 151 -8.08 -20.05 28.90
N TYR B 152 -7.29 -20.97 29.44
CA TYR B 152 -5.87 -21.07 29.12
C TYR B 152 -5.52 -22.47 28.64
N CYS B 153 -4.89 -22.53 27.48
CA CYS B 153 -4.45 -23.80 26.92
C CYS B 153 -3.03 -24.06 27.41
N ILE B 154 -2.89 -24.87 28.44
CA ILE B 154 -1.59 -25.04 29.08
C ILE B 154 -0.78 -26.25 28.65
N GLY B 155 -1.45 -27.30 28.21
CA GLY B 155 -0.74 -28.57 28.06
C GLY B 155 -1.02 -29.43 26.85
N GLY B 156 0.07 -29.86 26.22
CA GLY B 156 0.00 -30.91 25.20
C GLY B 156 0.52 -30.53 23.84
N GLY B 157 1.54 -31.24 23.37
CA GLY B 157 2.05 -31.07 22.01
C GLY B 157 0.95 -31.23 20.98
N SER B 158 0.16 -32.30 21.12
CA SER B 158 -0.98 -32.56 20.25
C SER B 158 -2.10 -31.55 20.45
N VAL B 159 -2.14 -30.95 21.65
CA VAL B 159 -3.16 -29.97 22.01
C VAL B 159 -2.76 -28.58 21.50
N TYR B 160 -1.48 -28.24 21.66
CA TYR B 160 -0.91 -27.04 21.03
C TYR B 160 -1.09 -27.15 19.52
N ALA B 161 -0.78 -28.32 18.97
CA ALA B 161 -1.00 -28.61 17.55
C ALA B 161 -2.41 -28.23 17.13
N GLU B 162 -3.39 -28.60 17.95
CA GLU B 162 -4.79 -28.23 17.70
C GLU B 162 -5.03 -26.72 17.86
N ALA B 163 -4.39 -26.12 18.86
CA ALA B 163 -4.55 -24.70 19.16
C ALA B 163 -4.08 -23.79 18.04
N LEU B 164 -3.13 -24.27 17.24
CA LEU B 164 -2.55 -23.49 16.16
C LEU B 164 -3.01 -23.90 14.77
N ARG B 165 -4.18 -24.52 14.70
CA ARG B 165 -4.82 -24.79 13.41
C ARG B 165 -6.34 -24.61 13.49
N PRO B 166 -6.95 -24.17 12.37
CA PRO B 166 -8.40 -23.96 12.31
C PRO B 166 -9.19 -25.18 12.76
N PRO B 167 -10.35 -24.95 13.43
CA PRO B 167 -10.91 -23.63 13.68
C PRO B 167 -10.46 -22.99 15.01
N CYS B 168 -9.62 -23.71 15.75
CA CYS B 168 -9.20 -23.30 17.08
C CYS B 168 -8.34 -22.03 17.10
N VAL B 169 -7.40 -21.95 16.16
CA VAL B 169 -6.42 -20.85 16.12
C VAL B 169 -7.07 -19.47 16.02
N HIS B 170 -8.28 -19.43 15.48
CA HIS B 170 -9.00 -18.17 15.29
C HIS B 170 -9.60 -17.66 16.60
N LEU B 171 -9.58 -18.48 17.63
CA LEU B 171 -10.11 -18.08 18.92
C LEU B 171 -9.00 -17.70 19.87
N LEU B 172 -7.77 -18.00 19.47
CA LEU B 172 -6.58 -17.74 20.28
C LEU B 172 -6.34 -16.23 20.42
N GLN B 173 -6.46 -15.74 21.65
CA GLN B 173 -6.34 -14.31 21.96
C GLN B 173 -4.92 -13.86 22.26
N ALA B 174 -4.13 -14.75 22.85
CA ALA B 174 -2.76 -14.44 23.28
C ALA B 174 -1.89 -15.70 23.43
N ILE B 175 -0.59 -15.53 23.27
CA ILE B 175 0.37 -16.58 23.56
C ILE B 175 1.36 -16.00 24.56
N TYR B 176 1.47 -16.65 25.72
CA TYR B 176 2.47 -16.31 26.72
C TYR B 176 3.57 -17.34 26.59
N ARG B 177 4.74 -16.89 26.15
CA ARG B 177 5.85 -17.80 25.91
C ARG B 177 7.05 -17.46 26.77
N THR B 178 7.42 -18.42 27.61
CA THR B 178 8.63 -18.36 28.43
C THR B 178 9.72 -19.13 27.69
N THR B 179 10.91 -18.56 27.64
CA THR B 179 12.04 -19.18 26.95
C THR B 179 13.01 -19.80 27.96
N ILE B 180 13.40 -21.04 27.70
CA ILE B 180 14.33 -21.75 28.58
C ILE B 180 15.77 -21.33 28.30
N ARG B 181 16.53 -22.22 27.66
CA ARG B 181 17.92 -21.95 27.33
C ARG B 181 18.77 -23.20 27.46
N ALA B 182 19.56 -23.28 28.53
CA ALA B 182 20.43 -24.43 28.77
C ALA B 182 20.43 -25.39 27.56
N SER B 183 19.29 -25.45 26.87
CA SER B 183 19.08 -26.28 25.68
C SER B 183 19.66 -27.70 25.69
N GLU B 184 18.79 -28.69 25.86
CA GLU B 184 19.11 -30.07 25.54
C GLU B 184 18.70 -30.32 24.07
N SER B 185 18.83 -31.56 23.61
CA SER B 185 18.38 -31.90 22.26
C SER B 185 17.20 -32.88 22.32
N SER B 186 17.26 -33.82 23.26
CA SER B 186 16.30 -34.92 23.39
C SER B 186 14.84 -34.48 23.56
N CYS B 187 14.34 -33.77 22.54
CA CYS B 187 12.94 -33.44 22.38
C CYS B 187 12.44 -34.11 21.10
N SER B 188 11.37 -34.88 21.24
CA SER B 188 10.71 -35.48 20.08
C SER B 188 9.35 -34.82 19.83
N VAL B 189 9.06 -33.78 20.63
CA VAL B 189 7.84 -32.99 20.52
C VAL B 189 8.19 -31.48 20.54
N PHE B 190 7.68 -30.73 19.56
CA PHE B 190 8.14 -29.35 19.33
C PHE B 190 6.99 -28.33 19.31
N PHE B 191 7.32 -27.04 19.33
CA PHE B 191 6.32 -25.95 19.29
C PHE B 191 6.86 -24.68 18.66
N ARG B 192 6.15 -24.16 17.66
CA ARG B 192 6.54 -22.92 16.99
C ARG B 192 5.37 -22.02 16.66
N VAL B 193 5.52 -20.75 17.02
CA VAL B 193 4.57 -19.71 16.65
C VAL B 193 4.81 -19.32 15.19
N PRO B 194 3.81 -19.53 14.32
CA PRO B 194 3.94 -19.26 12.90
C PRO B 194 4.26 -17.80 12.62
N GLU B 195 5.30 -17.59 11.80
CA GLU B 195 5.73 -16.26 11.41
C GLU B 195 4.69 -15.57 10.54
N SER B 196 4.70 -14.24 10.58
CA SER B 196 3.74 -13.45 9.84
C SER B 196 3.96 -13.61 8.33
N GLY B 197 2.87 -13.89 7.62
CA GLY B 197 2.92 -14.02 6.16
C GLY B 197 3.16 -15.43 5.65
N THR B 198 3.51 -16.36 6.56
CA THR B 198 3.80 -17.75 6.19
C THR B 198 2.55 -18.61 6.10
N GLU B 199 2.66 -19.76 5.42
CA GLU B 199 1.55 -20.71 5.27
C GLU B 199 0.99 -21.21 6.60
N ALA B 200 1.88 -21.42 7.57
CA ALA B 200 1.50 -21.92 8.89
C ALA B 200 0.63 -20.96 9.72
N ALA B 201 0.71 -19.66 9.42
CA ALA B 201 0.01 -18.65 10.20
C ALA B 201 -1.48 -18.53 9.85
N ALA B 202 -1.90 -19.25 8.81
CA ALA B 202 -3.29 -19.27 8.34
C ALA B 202 -3.94 -17.88 8.24
N GLY B 203 -3.16 -16.90 7.79
CA GLY B 203 -3.69 -15.55 7.60
C GLY B 203 -3.59 -14.64 8.81
N ILE B 204 -3.24 -15.20 9.97
CA ILE B 204 -3.06 -14.42 11.19
C ILE B 204 -1.66 -13.78 11.20
N GLU B 205 -1.55 -12.59 11.79
CA GLU B 205 -0.27 -11.93 11.94
C GLU B 205 0.10 -11.76 13.41
N TRP B 206 1.00 -12.60 13.88
CA TRP B 206 1.42 -12.53 15.27
C TRP B 206 2.41 -11.41 15.52
N GLN B 207 2.14 -10.59 16.53
CA GLN B 207 3.03 -9.52 16.93
C GLN B 207 3.53 -9.75 18.34
N ARG B 208 4.72 -9.23 18.62
CA ARG B 208 5.25 -9.22 19.99
C ARG B 208 4.70 -7.99 20.72
N GLU B 209 3.89 -8.21 21.76
CA GLU B 209 3.26 -7.11 22.49
C GLU B 209 4.12 -6.59 23.64
N THR B 210 4.77 -7.50 24.35
CA THR B 210 5.76 -7.16 25.38
C THR B 210 6.81 -8.26 25.45
N ILE B 211 8.06 -7.86 25.69
CA ILE B 211 9.13 -8.82 25.99
C ILE B 211 9.86 -8.38 27.25
N SER B 212 10.17 -9.33 28.12
CA SER B 212 10.68 -9.05 29.44
C SER B 212 12.13 -8.55 29.41
N GLU B 213 12.64 -8.21 30.58
CA GLU B 213 14.07 -8.04 30.79
C GLU B 213 14.76 -9.40 30.56
N GLU B 214 16.08 -9.42 30.67
CA GLU B 214 16.82 -10.66 30.54
C GLU B 214 17.47 -11.05 31.87
N LEU B 215 17.21 -12.26 32.35
CA LEU B 215 17.91 -12.82 33.52
C LEU B 215 17.66 -14.32 33.71
N THR B 216 18.44 -14.91 34.61
CA THR B 216 18.17 -16.21 35.21
C THR B 216 17.98 -15.97 36.71
N SER B 217 16.89 -16.51 37.28
CA SER B 217 16.64 -16.29 38.71
C SER B 217 16.89 -17.56 39.54
N ALA B 218 17.92 -17.49 40.39
CA ALA B 218 18.33 -18.58 41.31
C ALA B 218 18.40 -20.00 40.73
N ASN B 219 17.23 -20.57 40.42
CA ASN B 219 17.06 -21.93 39.89
C ASN B 219 18.06 -22.99 40.42
N GLY B 220 18.63 -23.80 39.53
CA GLY B 220 19.52 -24.88 39.94
C GLY B 220 20.71 -25.13 39.02
N ASN B 221 20.61 -24.61 37.80
CA ASN B 221 21.65 -24.84 36.79
C ASN B 221 22.02 -23.56 36.03
N GLU B 222 21.66 -22.42 36.63
CA GLU B 222 21.90 -21.08 36.06
C GLU B 222 21.51 -20.97 34.58
N THR B 223 20.26 -21.34 34.32
CA THR B 223 19.68 -21.31 32.99
C THR B 223 18.91 -19.99 32.77
N LYS B 224 19.31 -19.23 31.76
CA LYS B 224 18.80 -17.87 31.53
C LYS B 224 17.44 -17.85 30.85
N TYR B 225 16.55 -16.97 31.33
CA TYR B 225 15.15 -16.95 30.89
C TYR B 225 14.64 -15.56 30.47
N TYR B 226 13.54 -15.55 29.73
CA TYR B 226 12.76 -14.34 29.45
C TYR B 226 11.31 -14.68 29.09
N PHE B 227 10.41 -13.72 29.33
CA PHE B 227 8.98 -13.85 28.97
C PHE B 227 8.62 -12.96 27.79
N GLU B 228 7.63 -13.39 27.01
CA GLU B 228 7.03 -12.52 26.01
C GLU B 228 5.55 -12.83 25.82
N LYS B 229 4.79 -11.81 25.44
CA LYS B 229 3.38 -11.97 25.11
C LYS B 229 3.17 -11.71 23.63
N LEU B 230 2.65 -12.71 22.92
CA LEU B 230 2.35 -12.60 21.50
C LEU B 230 0.85 -12.53 21.28
N ILE B 231 0.42 -11.54 20.50
CA ILE B 231 -1.00 -11.32 20.23
C ILE B 231 -1.27 -11.38 18.73
N PRO B 232 -2.47 -11.89 18.33
CA PRO B 232 -2.81 -11.80 16.92
C PRO B 232 -3.17 -10.36 16.60
N ARG B 233 -2.94 -9.96 15.36
CA ARG B 233 -3.16 -8.58 14.97
C ARG B 233 -4.61 -8.34 14.58
N ASN B 234 -5.26 -7.38 15.25
CA ASN B 234 -6.63 -7.03 14.93
C ASN B 234 -6.70 -5.94 13.84
N ARG B 235 -6.52 -6.36 12.60
CA ARG B 235 -6.49 -5.45 11.45
C ARG B 235 -7.67 -4.49 11.41
N GLU B 236 -8.88 -5.00 11.64
CA GLU B 236 -10.10 -4.20 11.52
C GLU B 236 -10.17 -3.03 12.50
N GLU B 237 -9.81 -3.25 13.76
CA GLU B 237 -9.77 -2.16 14.73
C GLU B 237 -8.64 -1.19 14.41
N GLU B 238 -7.50 -1.72 13.99
CA GLU B 238 -6.39 -0.90 13.52
C GLU B 238 -6.85 0.04 12.40
N GLN B 239 -7.69 -0.48 11.52
CA GLN B 239 -8.30 0.28 10.44
C GLN B 239 -9.06 1.50 10.97
N TYR B 240 -9.83 1.29 12.03
CA TYR B 240 -10.57 2.36 12.68
C TYR B 240 -9.62 3.36 13.34
N LEU B 241 -8.62 2.86 14.06
CA LEU B 241 -7.65 3.73 14.73
C LEU B 241 -6.89 4.60 13.73
N SER B 242 -6.57 4.04 12.56
CA SER B 242 -5.95 4.78 11.46
C SER B 242 -6.78 5.97 11.01
N LEU B 243 -8.09 5.75 10.86
CA LEU B 243 -9.04 6.78 10.49
C LEU B 243 -9.04 7.92 11.51
N VAL B 244 -9.22 7.57 12.79
CA VAL B 244 -9.16 8.55 13.87
C VAL B 244 -7.88 9.37 13.79
N ASP B 245 -6.75 8.69 13.66
CA ASP B 245 -5.45 9.35 13.58
C ASP B 245 -5.36 10.33 12.40
N ARG B 246 -5.87 9.91 11.25
CA ARG B 246 -5.84 10.74 10.04
C ARG B 246 -6.69 12.01 10.22
N ILE B 247 -7.83 11.87 10.89
CA ILE B 247 -8.69 13.00 11.16
C ILE B 247 -7.98 14.04 12.03
N ILE B 248 -7.27 13.59 13.06
CA ILE B 248 -6.53 14.50 13.94
C ILE B 248 -5.38 15.19 13.18
N ARG B 249 -4.70 14.44 12.32
CA ARG B 249 -3.51 14.94 11.64
C ARG B 249 -3.80 15.69 10.34
N GLU B 250 -4.98 15.47 9.76
CA GLU B 250 -5.29 16.03 8.44
C GLU B 250 -6.67 16.64 8.31
N GLY B 251 -7.57 16.30 9.24
CA GLY B 251 -8.93 16.82 9.22
C GLY B 251 -8.98 18.32 9.39
N ASN B 252 -10.02 18.93 8.84
CA ASN B 252 -10.21 20.38 8.93
C ASN B 252 -10.96 20.75 10.19
N VAL B 253 -10.58 21.90 10.77
CA VAL B 253 -11.31 22.45 11.90
C VAL B 253 -12.68 22.86 11.41
N LYS B 254 -13.70 22.25 12.00
CA LYS B 254 -15.08 22.55 11.70
C LYS B 254 -15.81 22.83 13.00
N HIS B 255 -17.05 23.28 12.90
CA HIS B 255 -17.87 23.52 14.09
C HIS B 255 -19.28 22.92 14.00
N ASP B 256 -19.64 22.15 15.02
CA ASP B 256 -20.92 21.44 15.04
C ASP B 256 -22.08 22.41 15.25
N ARG B 257 -23.29 21.86 15.22
CA ARG B 257 -24.55 22.61 15.28
C ARG B 257 -24.59 23.60 16.44
N THR B 258 -24.11 23.17 17.60
CA THR B 258 -24.13 23.98 18.83
C THR B 258 -23.10 25.10 18.82
N GLY B 259 -21.90 24.81 18.31
CA GLY B 259 -20.80 25.79 18.28
C GLY B 259 -19.46 25.19 18.67
N VAL B 260 -19.49 23.93 19.10
CA VAL B 260 -18.29 23.19 19.54
C VAL B 260 -17.44 22.77 18.34
N GLY B 261 -16.14 22.94 18.46
CA GLY B 261 -15.21 22.59 17.37
C GLY B 261 -14.97 21.11 17.18
N THR B 262 -14.89 20.69 15.93
CA THR B 262 -14.47 19.34 15.57
C THR B 262 -13.30 19.44 14.60
N LEU B 263 -12.60 18.31 14.42
CA LEU B 263 -11.72 18.12 13.28
C LEU B 263 -12.41 17.07 12.40
N SER B 264 -12.53 17.32 11.10
CA SER B 264 -13.26 16.36 10.26
C SER B 264 -12.65 16.08 8.88
N ILE B 265 -12.82 14.83 8.43
CA ILE B 265 -12.58 14.45 7.03
C ILE B 265 -13.92 14.06 6.41
N PHE B 266 -13.98 14.10 5.08
CA PHE B 266 -15.20 13.77 4.36
C PHE B 266 -15.06 12.53 3.45
N GLY B 267 -15.89 11.53 3.71
CA GLY B 267 -15.88 10.28 2.95
C GLY B 267 -14.85 9.28 3.46
N ALA B 268 -15.32 8.13 3.92
CA ALA B 268 -14.45 7.06 4.40
C ALA B 268 -15.20 5.73 4.37
N GLN B 269 -14.47 4.63 4.45
CA GLN B 269 -15.09 3.31 4.40
C GLN B 269 -14.28 2.26 5.16
N MET B 270 -14.94 1.58 6.11
CA MET B 270 -14.35 0.47 6.85
C MET B 270 -15.19 -0.80 6.64
N ARG B 271 -14.58 -1.95 6.90
CA ARG B 271 -15.31 -3.24 6.81
C ARG B 271 -15.02 -4.04 8.05
N PHE B 272 -15.98 -4.86 8.46
CA PHE B 272 -15.84 -5.69 9.64
C PHE B 272 -16.47 -7.04 9.35
N SER B 273 -15.78 -8.12 9.74
CA SER B 273 -16.32 -9.46 9.53
C SER B 273 -17.25 -9.92 10.65
N LEU B 274 -18.45 -10.33 10.25
CA LEU B 274 -19.48 -10.78 11.17
C LEU B 274 -19.50 -12.31 11.22
N ARG B 275 -18.61 -12.93 10.47
CA ARG B 275 -18.61 -14.39 10.25
C ARG B 275 -18.51 -15.20 11.53
N ASN B 276 -19.45 -16.14 11.66
CA ASN B 276 -19.64 -16.96 12.86
C ASN B 276 -20.12 -16.13 14.05
N ASN B 277 -20.96 -15.15 13.77
CA ASN B 277 -21.43 -14.19 14.78
C ASN B 277 -20.25 -13.57 15.54
N ARG B 278 -19.22 -13.18 14.79
CA ARG B 278 -18.14 -12.36 15.31
C ARG B 278 -18.69 -10.94 15.45
N LEU B 279 -18.55 -10.37 16.65
CA LEU B 279 -19.14 -9.07 16.95
C LEU B 279 -18.08 -7.98 17.09
N PRO B 280 -18.03 -7.03 16.12
CA PRO B 280 -17.01 -5.99 16.12
C PRO B 280 -17.20 -4.90 17.19
N LEU B 281 -17.27 -5.31 18.46
CA LEU B 281 -17.27 -4.36 19.58
C LEU B 281 -15.85 -3.88 19.85
N LEU B 282 -15.59 -2.62 19.57
CA LEU B 282 -14.24 -2.06 19.71
C LEU B 282 -13.63 -2.28 21.10
N THR B 283 -12.32 -2.52 21.14
CA THR B 283 -11.68 -2.95 22.37
C THR B 283 -10.84 -1.88 23.08
N THR B 284 -10.35 -0.88 22.32
CA THR B 284 -9.54 0.19 22.94
C THR B 284 -10.39 1.19 23.73
N LYS B 285 -11.71 1.07 23.61
CA LYS B 285 -12.65 1.77 24.46
C LYS B 285 -13.94 0.96 24.51
N ARG B 286 -14.47 0.77 25.72
CA ARG B 286 -15.66 -0.06 25.92
C ARG B 286 -16.92 0.55 25.28
N VAL B 287 -17.58 -0.25 24.44
CA VAL B 287 -18.88 0.09 23.89
C VAL B 287 -19.98 -0.35 24.86
N PHE B 288 -21.03 0.46 24.99
CA PHE B 288 -22.20 0.19 25.82
C PHE B 288 -23.14 -0.79 25.11
N TRP B 289 -22.73 -2.05 25.07
CA TRP B 289 -23.43 -3.07 24.30
C TRP B 289 -24.92 -3.14 24.59
N ARG B 290 -25.29 -3.08 25.87
CA ARG B 290 -26.68 -3.22 26.27
C ARG B 290 -27.57 -2.14 25.64
N GLY B 291 -27.06 -0.90 25.57
CA GLY B 291 -27.78 0.18 24.90
C GLY B 291 -27.91 -0.07 23.41
N VAL B 292 -26.80 -0.50 22.80
CA VAL B 292 -26.77 -0.86 21.39
C VAL B 292 -27.83 -1.91 21.11
N CYS B 293 -27.91 -2.88 22.02
CA CYS B 293 -28.78 -4.01 21.83
C CYS B 293 -30.25 -3.68 22.05
N GLU B 294 -30.55 -2.93 23.11
CA GLU B 294 -31.93 -2.52 23.42
C GLU B 294 -32.48 -1.54 22.39
N GLU B 295 -31.61 -0.66 21.88
CA GLU B 295 -32.02 0.34 20.92
C GLU B 295 -32.26 -0.27 19.55
N LEU B 296 -31.47 -1.26 19.15
CA LEU B 296 -31.69 -1.89 17.86
C LEU B 296 -33.02 -2.63 17.83
N LEU B 297 -33.28 -3.42 18.87
CA LEU B 297 -34.54 -4.13 18.99
C LEU B 297 -35.73 -3.16 18.96
N TRP B 298 -35.57 -2.05 19.67
CA TRP B 298 -36.49 -0.92 19.68
C TRP B 298 -36.70 -0.34 18.26
N PHE B 299 -35.61 -0.15 17.52
CA PHE B 299 -35.70 0.25 16.10
C PHE B 299 -36.50 -0.79 15.32
N LEU B 300 -36.04 -2.04 15.34
CA LEU B 300 -36.69 -3.13 14.59
C LEU B 300 -38.18 -3.29 14.84
N ARG B 301 -38.62 -2.92 16.04
CA ARG B 301 -40.03 -3.00 16.40
C ARG B 301 -40.85 -1.82 15.88
N GLY B 302 -40.18 -0.78 15.38
CA GLY B 302 -40.85 0.41 14.87
C GLY B 302 -41.19 1.44 15.93
N GLU B 303 -40.67 1.22 17.14
CA GLU B 303 -40.94 2.06 18.30
C GLU B 303 -40.49 3.50 18.13
N THR B 304 -41.23 4.44 18.73
CA THR B 304 -40.83 5.85 18.73
C THR B 304 -40.90 6.51 20.12
N TYR B 305 -41.41 5.77 21.11
CA TYR B 305 -41.53 6.25 22.49
C TYR B 305 -40.30 5.84 23.31
N ALA B 306 -39.42 6.80 23.58
CA ALA B 306 -38.11 6.50 24.18
C ALA B 306 -38.17 6.14 25.65
N LYS B 307 -39.31 6.40 26.28
CA LYS B 307 -39.56 5.95 27.64
C LYS B 307 -39.27 4.44 27.79
N LYS B 308 -39.56 3.67 26.74
CA LYS B 308 -39.30 2.21 26.71
C LYS B 308 -37.82 1.88 26.89
N LEU B 309 -36.96 2.79 26.43
CA LEU B 309 -35.53 2.66 26.60
C LEU B 309 -35.11 3.12 27.99
N SER B 310 -35.72 4.21 28.48
CA SER B 310 -35.40 4.76 29.80
C SER B 310 -35.77 3.77 30.88
N ASP B 311 -36.90 3.12 30.69
CA ASP B 311 -37.40 2.09 31.59
C ASP B 311 -36.42 0.92 31.70
N LYS B 312 -35.60 0.72 30.67
CA LYS B 312 -34.60 -0.33 30.67
C LYS B 312 -33.20 0.19 31.03
N GLY B 313 -33.14 1.42 31.55
CA GLY B 313 -31.89 2.03 31.97
C GLY B 313 -31.03 2.53 30.83
N VAL B 314 -31.62 2.61 29.64
CA VAL B 314 -30.92 3.13 28.47
C VAL B 314 -31.37 4.57 28.22
N HIS B 315 -30.49 5.53 28.52
CA HIS B 315 -30.86 6.94 28.56
C HIS B 315 -30.33 7.78 27.39
N ILE B 316 -29.92 7.11 26.32
CA ILE B 316 -29.32 7.79 25.17
C ILE B 316 -30.24 8.81 24.48
N TRP B 317 -31.54 8.70 24.70
CA TRP B 317 -32.53 9.58 24.04
C TRP B 317 -33.16 10.60 24.98
N ASP B 318 -32.71 10.61 26.24
CA ASP B 318 -33.30 11.47 27.25
C ASP B 318 -33.22 12.95 26.91
N ASP B 319 -32.06 13.38 26.42
CA ASP B 319 -31.83 14.77 26.02
C ASP B 319 -32.71 15.17 24.84
N ASN B 320 -32.84 14.30 23.84
CA ASN B 320 -33.58 14.61 22.63
C ASN B 320 -35.09 14.33 22.75
N GLY B 321 -35.54 13.88 23.91
CA GLY B 321 -36.93 13.51 24.10
C GLY B 321 -37.64 14.33 25.16
N SER B 322 -36.91 15.28 25.73
CA SER B 322 -37.43 16.09 26.83
C SER B 322 -38.41 17.16 26.36
N ARG B 323 -39.36 17.50 27.23
CA ARG B 323 -40.30 18.57 26.96
C ARG B 323 -39.61 19.76 26.29
N ALA B 324 -38.47 20.16 26.84
CA ALA B 324 -37.70 21.31 26.36
C ALA B 324 -37.18 21.15 24.93
N PHE B 325 -36.67 19.96 24.61
CA PHE B 325 -36.07 19.73 23.30
C PHE B 325 -37.14 19.60 22.20
N LEU B 326 -38.24 18.93 22.50
CA LEU B 326 -39.32 18.75 21.53
C LEU B 326 -39.96 20.08 21.13
N ASP B 327 -40.14 20.95 22.13
CA ASP B 327 -40.67 22.29 21.91
C ASP B 327 -39.73 23.14 21.04
N SER B 328 -38.43 22.94 21.22
CA SER B 328 -37.42 23.67 20.46
C SER B 328 -37.26 23.12 19.04
N ARG B 329 -38.00 22.06 18.74
CA ARG B 329 -38.01 21.44 17.41
C ARG B 329 -39.39 21.66 16.76
N GLY B 330 -40.28 22.31 17.49
CA GLY B 330 -41.61 22.62 17.01
C GLY B 330 -42.66 21.59 17.34
N LEU B 331 -42.24 20.49 17.95
CA LEU B 331 -43.12 19.35 18.22
C LEU B 331 -43.79 19.49 19.59
N THR B 332 -44.56 20.56 19.75
CA THR B 332 -45.17 20.93 21.02
C THR B 332 -46.40 20.09 21.33
N GLU B 333 -46.80 19.28 20.36
CA GLU B 333 -47.99 18.44 20.48
C GLU B 333 -47.62 17.03 20.96
N TYR B 334 -46.34 16.67 20.88
CA TYR B 334 -45.87 15.37 21.38
C TYR B 334 -45.74 15.38 22.90
N GLU B 335 -46.03 14.25 23.54
CA GLU B 335 -45.74 14.11 24.96
C GLU B 335 -44.27 13.76 25.15
N GLU B 336 -43.77 13.95 26.37
CA GLU B 336 -42.35 13.77 26.66
C GLU B 336 -41.89 12.37 26.29
N MET B 337 -40.74 12.31 25.63
CA MET B 337 -40.11 11.05 25.17
C MET B 337 -40.71 10.47 23.89
N ASP B 338 -41.77 11.09 23.37
CA ASP B 338 -42.34 10.76 22.07
C ASP B 338 -41.53 11.45 20.96
N LEU B 339 -40.71 10.67 20.25
CA LEU B 339 -39.72 11.23 19.34
C LEU B 339 -40.23 11.46 17.92
N GLY B 340 -41.48 11.11 17.66
CA GLY B 340 -42.06 11.26 16.33
C GLY B 340 -41.59 10.17 15.41
N PRO B 341 -41.82 10.32 14.09
CA PRO B 341 -41.59 9.18 13.19
C PRO B 341 -40.12 8.99 12.83
N VAL B 342 -39.31 8.63 13.84
CA VAL B 342 -37.86 8.43 13.64
C VAL B 342 -37.49 6.99 13.30
N TYR B 343 -36.26 6.81 12.84
CA TYR B 343 -35.64 5.50 12.56
C TYR B 343 -36.59 4.34 12.26
N GLY B 344 -36.83 3.51 13.28
CA GLY B 344 -37.62 2.29 13.15
C GLY B 344 -39.01 2.50 12.57
N PHE B 345 -39.62 3.63 12.91
CA PHE B 345 -40.91 4.00 12.31
C PHE B 345 -40.84 4.03 10.79
N GLN B 346 -39.78 4.61 10.23
CA GLN B 346 -39.59 4.66 8.78
C GLN B 346 -39.22 3.29 8.22
N TRP B 347 -38.51 2.50 9.03
CA TRP B 347 -38.07 1.17 8.60
C TRP B 347 -39.27 0.27 8.35
N ARG B 348 -40.27 0.38 9.21
CA ARG B 348 -41.42 -0.51 9.18
C ARG B 348 -42.66 0.15 8.58
N HIS B 349 -42.73 1.48 8.66
CA HIS B 349 -43.91 2.23 8.20
C HIS B 349 -43.53 3.43 7.34
N PHE B 350 -42.62 3.25 6.40
CA PHE B 350 -42.12 4.39 5.64
C PHE B 350 -43.26 5.18 5.05
N GLY B 351 -43.31 6.46 5.39
CA GLY B 351 -44.29 7.36 4.78
C GLY B 351 -45.67 7.41 5.42
N ALA B 352 -45.90 6.56 6.41
CA ALA B 352 -47.16 6.56 7.13
C ALA B 352 -47.32 7.84 7.93
N ALA B 353 -48.52 8.41 7.91
CA ALA B 353 -48.84 9.62 8.67
C ALA B 353 -48.69 9.37 10.16
N TYR B 354 -47.90 10.20 10.82
CA TYR B 354 -47.65 10.07 12.25
C TYR B 354 -48.54 10.99 13.05
N THR B 355 -49.09 10.49 14.15
CA THR B 355 -49.82 11.31 15.10
C THR B 355 -49.14 11.26 16.47
N HIS B 356 -49.19 10.08 17.10
CA HIS B 356 -48.59 9.88 18.42
C HIS B 356 -48.03 8.48 18.55
N HIS B 357 -47.09 8.31 19.46
CA HIS B 357 -46.42 7.02 19.69
C HIS B 357 -47.40 5.89 19.99
N ASP B 358 -48.44 6.19 20.77
CA ASP B 358 -49.36 5.17 21.26
C ASP B 358 -50.53 4.85 20.30
N ALA B 359 -50.43 5.30 19.06
CA ALA B 359 -51.42 4.99 18.02
C ALA B 359 -51.09 3.66 17.35
N ASN B 360 -52.09 3.08 16.69
CA ASN B 360 -51.93 1.80 16.00
C ASN B 360 -51.53 1.97 14.54
N TYR B 361 -50.26 1.72 14.23
CA TYR B 361 -49.75 1.95 12.87
C TYR B 361 -49.71 0.70 12.00
N ASP B 362 -50.34 -0.37 12.47
CA ASP B 362 -50.39 -1.64 11.75
C ASP B 362 -50.90 -1.49 10.32
N GLY B 363 -50.15 -2.03 9.37
CA GLY B 363 -50.52 -2.01 7.96
C GLY B 363 -50.17 -0.73 7.22
N GLN B 364 -49.79 0.30 7.97
CA GLN B 364 -49.54 1.61 7.38
C GLN B 364 -48.08 1.84 6.96
N GLY B 365 -47.90 2.49 5.82
CA GLY B 365 -46.58 2.80 5.30
C GLY B 365 -45.97 1.62 4.56
N VAL B 366 -44.71 1.74 4.17
CA VAL B 366 -43.99 0.64 3.54
C VAL B 366 -43.13 -0.05 4.59
N ASP B 367 -43.36 -1.34 4.79
CA ASP B 367 -42.54 -2.12 5.72
C ASP B 367 -41.29 -2.65 5.00
N GLN B 368 -40.24 -1.83 4.98
CA GLN B 368 -39.01 -2.12 4.21
C GLN B 368 -38.26 -3.34 4.73
N ILE B 369 -38.23 -3.49 6.05
CA ILE B 369 -37.57 -4.63 6.68
C ILE B 369 -38.23 -5.93 6.21
N LYS B 370 -39.54 -6.02 6.36
CA LYS B 370 -40.28 -7.19 5.95
C LYS B 370 -40.00 -7.49 4.48
N ALA B 371 -40.06 -6.45 3.65
CA ALA B 371 -39.81 -6.56 2.21
C ALA B 371 -38.44 -7.18 1.97
N ILE B 372 -37.43 -6.61 2.62
CA ILE B 372 -36.07 -7.15 2.53
C ILE B 372 -36.03 -8.64 2.92
N VAL B 373 -36.58 -8.97 4.09
CA VAL B 373 -36.60 -10.36 4.57
C VAL B 373 -37.14 -11.30 3.49
N GLU B 374 -38.28 -10.94 2.91
CA GLU B 374 -38.89 -11.76 1.86
C GLU B 374 -38.04 -11.85 0.59
N THR B 375 -37.47 -10.72 0.17
CA THR B 375 -36.62 -10.70 -1.03
C THR B 375 -35.43 -11.63 -0.89
N LEU B 376 -34.68 -11.45 0.21
CA LEU B 376 -33.49 -12.26 0.53
C LEU B 376 -33.75 -13.76 0.49
N LYS B 377 -34.94 -14.16 0.93
CA LYS B 377 -35.31 -15.56 0.95
C LYS B 377 -35.57 -16.13 -0.45
N THR B 378 -36.21 -15.35 -1.32
CA THR B 378 -36.59 -15.86 -2.64
C THR B 378 -35.63 -15.48 -3.77
N ASN B 379 -35.14 -14.24 -3.79
CA ASN B 379 -34.10 -13.86 -4.73
C ASN B 379 -33.01 -12.98 -4.14
N PRO B 380 -31.87 -13.60 -3.76
CA PRO B 380 -30.75 -12.91 -3.11
C PRO B 380 -29.86 -12.13 -4.09
N ASP B 381 -30.02 -12.35 -5.39
CA ASP B 381 -29.24 -11.62 -6.39
C ASP B 381 -29.74 -10.20 -6.61
N ASP B 382 -30.90 -9.90 -6.02
CA ASP B 382 -31.56 -8.60 -6.13
C ASP B 382 -30.66 -7.44 -5.69
N ARG B 383 -30.82 -6.30 -6.36
CA ARG B 383 -29.98 -5.12 -6.11
C ARG B 383 -30.77 -3.94 -5.56
N ARG B 384 -31.94 -4.22 -5.02
CA ARG B 384 -32.83 -3.17 -4.50
C ARG B 384 -33.12 -3.35 -3.02
N MET B 385 -32.37 -4.23 -2.36
CA MET B 385 -32.62 -4.54 -0.95
C MET B 385 -32.04 -3.46 -0.03
N LEU B 386 -32.73 -2.31 0.00
CA LEU B 386 -32.30 -1.16 0.77
C LEU B 386 -33.41 -0.75 1.68
N PHE B 387 -33.06 -0.27 2.86
CA PHE B 387 -34.05 0.45 3.62
C PHE B 387 -33.50 1.80 3.99
N THR B 388 -34.37 2.80 3.95
CA THR B 388 -33.94 4.12 4.35
C THR B 388 -34.81 4.71 5.46
N ALA B 389 -34.19 5.58 6.26
CA ALA B 389 -34.88 6.37 7.28
C ALA B 389 -34.94 7.85 6.86
N TRP B 390 -34.19 8.20 5.83
CA TRP B 390 -34.14 9.58 5.36
C TRP B 390 -35.35 9.88 4.47
N ASN B 391 -36.39 10.38 5.10
CA ASN B 391 -37.65 10.71 4.46
C ASN B 391 -37.88 12.22 4.57
N PRO B 392 -37.48 12.98 3.53
CA PRO B 392 -37.63 14.44 3.53
C PRO B 392 -39.00 14.91 4.01
N SER B 393 -40.06 14.16 3.70
CA SER B 393 -41.42 14.52 4.12
C SER B 393 -41.65 14.45 5.62
N ALA B 394 -40.99 13.51 6.28
CA ALA B 394 -41.20 13.24 7.71
C ALA B 394 -40.19 13.95 8.59
N LEU B 395 -39.04 14.30 8.02
CA LEU B 395 -37.96 14.95 8.74
C LEU B 395 -38.42 16.05 9.68
N PRO B 396 -39.21 17.02 9.18
CA PRO B 396 -39.59 18.10 10.11
C PRO B 396 -40.42 17.64 11.32
N ARG B 397 -40.95 16.42 11.26
CA ARG B 397 -41.78 15.85 12.33
C ARG B 397 -40.95 15.06 13.35
N MET B 398 -39.67 14.89 13.08
CA MET B 398 -38.83 14.03 13.90
C MET B 398 -38.10 14.87 14.93
N ALA B 399 -37.91 14.29 16.12
CA ALA B 399 -37.10 14.92 17.16
C ALA B 399 -35.72 15.29 16.61
N LEU B 400 -35.24 14.45 15.70
CA LEU B 400 -33.90 14.53 15.16
C LEU B 400 -33.89 13.76 13.84
N PRO B 401 -33.26 14.32 12.78
CA PRO B 401 -33.18 13.60 11.49
C PRO B 401 -32.22 12.40 11.60
N PRO B 402 -32.46 11.32 10.83
CA PRO B 402 -31.65 10.14 11.04
C PRO B 402 -30.18 10.38 10.75
N CYS B 403 -29.34 9.61 11.41
CA CYS B 403 -27.91 9.76 11.33
C CYS B 403 -27.36 8.63 10.47
N HIS B 404 -27.50 7.40 10.96
CA HIS B 404 -27.44 6.24 10.10
C HIS B 404 -28.78 6.20 9.36
N LEU B 405 -28.73 6.33 8.04
CA LEU B 405 -29.92 6.67 7.27
C LEU B 405 -30.24 5.71 6.15
N LEU B 406 -29.27 4.87 5.80
CA LEU B 406 -29.42 3.94 4.69
C LEU B 406 -28.60 2.68 4.89
N ALA B 407 -29.19 1.53 4.56
CA ALA B 407 -28.49 0.26 4.63
C ALA B 407 -28.90 -0.64 3.46
N GLN B 408 -27.91 -1.14 2.73
CA GLN B 408 -28.14 -2.05 1.60
C GLN B 408 -27.60 -3.45 1.92
N PHE B 409 -28.38 -4.48 1.55
CA PHE B 409 -27.99 -5.87 1.78
C PHE B 409 -27.46 -6.58 0.54
N TYR B 410 -26.56 -7.52 0.75
CA TYR B 410 -25.89 -8.23 -0.33
C TYR B 410 -25.68 -9.67 0.11
N VAL B 411 -25.93 -10.61 -0.80
CA VAL B 411 -25.78 -12.03 -0.51
C VAL B 411 -24.76 -12.66 -1.46
N SER B 412 -23.75 -13.34 -0.90
CA SER B 412 -22.84 -14.16 -1.70
C SER B 412 -22.27 -15.32 -0.88
N ASN B 413 -22.15 -16.49 -1.50
CA ASN B 413 -21.64 -17.69 -0.83
C ASN B 413 -22.40 -18.04 0.46
N GLY B 414 -23.71 -17.83 0.43
CA GLY B 414 -24.58 -18.14 1.56
C GLY B 414 -24.45 -17.16 2.71
N GLU B 415 -23.66 -16.10 2.52
CA GLU B 415 -23.45 -15.10 3.56
C GLU B 415 -24.19 -13.80 3.25
N LEU B 416 -24.77 -13.20 4.28
CA LEU B 416 -25.44 -11.91 4.15
C LEU B 416 -24.49 -10.80 4.56
N SER B 417 -24.20 -9.90 3.62
CA SER B 417 -23.44 -8.68 3.90
C SER B 417 -24.34 -7.47 3.94
N CYS B 418 -23.87 -6.45 4.63
CA CYS B 418 -24.64 -5.23 4.79
C CYS B 418 -23.77 -4.00 4.70
N MET B 419 -24.25 -3.03 3.95
CA MET B 419 -23.59 -1.74 3.82
C MET B 419 -24.44 -0.68 4.50
N LEU B 420 -23.81 0.13 5.33
CA LEU B 420 -24.48 1.17 6.09
C LEU B 420 -23.97 2.53 5.66
N TYR B 421 -24.88 3.48 5.49
CA TYR B 421 -24.48 4.86 5.20
C TYR B 421 -24.79 5.80 6.37
N GLN B 422 -23.78 6.57 6.78
CA GLN B 422 -23.90 7.44 7.93
C GLN B 422 -23.39 8.83 7.56
N ARG B 423 -24.25 9.84 7.65
CA ARG B 423 -23.92 11.19 7.20
C ARG B 423 -23.06 11.95 8.19
N SER B 424 -23.20 11.62 9.48
CA SER B 424 -22.41 12.28 10.49
C SER B 424 -21.85 11.25 11.46
N CYS B 425 -20.54 11.28 11.66
CA CYS B 425 -19.86 10.20 12.33
C CYS B 425 -18.92 10.70 13.41
N ASP B 426 -19.43 10.76 14.63
CA ASP B 426 -18.60 11.07 15.77
C ASP B 426 -17.76 9.84 16.10
N MET B 427 -16.46 9.92 15.81
CA MET B 427 -15.56 8.78 15.89
C MET B 427 -15.45 8.18 17.29
N GLY B 428 -15.56 9.02 18.31
CA GLY B 428 -15.29 8.62 19.68
C GLY B 428 -16.49 8.05 20.44
N LEU B 429 -17.66 8.11 19.82
CA LEU B 429 -18.88 7.65 20.49
C LEU B 429 -19.91 7.09 19.51
N GLY B 430 -20.40 7.93 18.62
CA GLY B 430 -21.43 7.53 17.67
C GLY B 430 -21.06 6.36 16.78
N VAL B 431 -19.83 6.34 16.29
CA VAL B 431 -19.38 5.33 15.34
C VAL B 431 -19.25 3.93 15.94
N PRO B 432 -18.48 3.77 17.05
CA PRO B 432 -18.40 2.42 17.63
C PRO B 432 -19.76 1.85 18.03
N PHE B 433 -20.68 2.71 18.42
CA PHE B 433 -22.03 2.32 18.79
C PHE B 433 -22.79 1.79 17.58
N ASN B 434 -22.67 2.48 16.46
CA ASN B 434 -23.41 2.13 15.26
C ASN B 434 -22.88 0.91 14.52
N ILE B 435 -21.56 0.72 14.60
CA ILE B 435 -20.92 -0.48 14.06
C ILE B 435 -21.53 -1.70 14.76
N ALA B 436 -21.70 -1.58 16.07
CA ALA B 436 -22.29 -2.64 16.84
C ALA B 436 -23.76 -2.82 16.48
N SER B 437 -24.46 -1.70 16.29
CA SER B 437 -25.89 -1.71 15.93
C SER B 437 -26.19 -2.46 14.62
N TYR B 438 -25.42 -2.16 13.58
CA TYR B 438 -25.66 -2.79 12.28
C TYR B 438 -25.08 -4.19 12.18
N ALA B 439 -24.07 -4.47 13.01
CA ALA B 439 -23.58 -5.83 13.19
C ALA B 439 -24.69 -6.70 13.76
N LEU B 440 -25.30 -6.25 14.86
CA LEU B 440 -26.45 -6.94 15.45
C LEU B 440 -27.56 -7.14 14.42
N LEU B 441 -27.91 -6.06 13.72
CA LEU B 441 -28.95 -6.09 12.70
C LEU B 441 -28.68 -7.14 11.61
N THR B 442 -27.51 -7.09 11.00
CA THR B 442 -27.18 -8.05 9.94
C THR B 442 -27.28 -9.48 10.47
N ILE B 443 -26.76 -9.69 11.67
CA ILE B 443 -26.84 -11.00 12.32
C ILE B 443 -28.31 -11.44 12.50
N LEU B 444 -29.17 -10.53 12.95
CA LEU B 444 -30.58 -10.86 13.15
C LEU B 444 -31.29 -11.16 11.83
N ILE B 445 -30.99 -10.36 10.80
CA ILE B 445 -31.59 -10.59 9.49
C ILE B 445 -31.06 -11.88 8.86
N ALA B 446 -29.76 -12.15 9.04
CA ALA B 446 -29.16 -13.40 8.58
C ALA B 446 -29.94 -14.57 9.16
N LYS B 447 -30.31 -14.46 10.43
CA LYS B 447 -31.13 -15.47 11.10
C LYS B 447 -32.54 -15.53 10.51
N ALA B 448 -33.14 -14.37 10.33
CA ALA B 448 -34.50 -14.25 9.77
C ALA B 448 -34.63 -14.86 8.38
N THR B 449 -33.55 -14.85 7.62
CA THR B 449 -33.59 -15.29 6.22
C THR B 449 -32.89 -16.62 5.96
N GLY B 450 -32.32 -17.20 7.02
CA GLY B 450 -31.63 -18.49 6.92
C GLY B 450 -30.29 -18.43 6.20
N LEU B 451 -29.59 -17.31 6.36
CA LEU B 451 -28.25 -17.13 5.81
C LEU B 451 -27.24 -17.03 6.95
N ARG B 452 -25.96 -17.06 6.60
CA ARG B 452 -24.90 -16.83 7.57
C ARG B 452 -24.44 -15.38 7.49
N PRO B 453 -24.06 -14.76 8.63
CA PRO B 453 -23.55 -13.37 8.64
C PRO B 453 -22.27 -13.23 7.82
N GLY B 454 -22.12 -12.12 7.12
CA GLY B 454 -20.93 -11.89 6.28
C GLY B 454 -20.10 -10.70 6.74
N GLU B 455 -20.17 -9.61 5.96
CA GLU B 455 -19.46 -8.38 6.29
C GLU B 455 -20.42 -7.27 6.65
N LEU B 456 -19.90 -6.31 7.42
CA LEU B 456 -20.54 -5.03 7.59
C LEU B 456 -19.60 -4.00 6.98
N VAL B 457 -20.09 -3.31 5.96
CA VAL B 457 -19.34 -2.20 5.37
C VAL B 457 -19.93 -0.90 5.91
N HIS B 458 -19.07 -0.02 6.42
CA HIS B 458 -19.50 1.24 7.02
C HIS B 458 -19.00 2.43 6.19
N THR B 459 -19.92 3.17 5.56
CA THR B 459 -19.54 4.39 4.83
C THR B 459 -19.82 5.62 5.68
N LEU B 460 -18.80 6.46 5.82
CA LEU B 460 -18.90 7.66 6.65
C LEU B 460 -18.95 8.90 5.75
N GLY B 461 -19.82 9.84 6.09
CA GLY B 461 -19.87 11.12 5.40
C GLY B 461 -18.90 12.10 6.04
N ASP B 462 -19.41 12.91 6.96
CA ASP B 462 -18.56 13.76 7.77
C ASP B 462 -18.10 12.94 8.96
N ALA B 463 -16.83 12.54 8.94
CA ALA B 463 -16.21 11.80 10.04
C ALA B 463 -15.39 12.76 10.89
N HIS B 464 -15.74 12.88 12.16
CA HIS B 464 -15.14 13.91 13.01
C HIS B 464 -14.73 13.43 14.39
N VAL B 465 -13.83 14.19 15.01
CA VAL B 465 -13.42 14.02 16.40
C VAL B 465 -13.58 15.39 17.05
N TYR B 466 -14.18 15.45 18.24
CA TYR B 466 -14.29 16.71 18.96
C TYR B 466 -12.92 17.17 19.48
N SER B 467 -12.70 18.49 19.46
CA SER B 467 -11.40 19.07 19.84
C SER B 467 -11.00 18.78 21.30
N ASN B 468 -12.01 18.71 22.16
CA ASN B 468 -11.80 18.37 23.58
C ASN B 468 -11.56 16.87 23.79
N HIS B 469 -11.61 16.11 22.70
CA HIS B 469 -11.34 14.68 22.76
C HIS B 469 -10.03 14.30 22.06
N VAL B 470 -9.35 15.29 21.49
CA VAL B 470 -8.11 15.06 20.76
C VAL B 470 -7.03 14.48 21.69
N GLU B 471 -6.91 15.05 22.88
CA GLU B 471 -5.94 14.56 23.86
C GLU B 471 -6.25 13.14 24.35
N PRO B 472 -7.48 12.88 24.83
CA PRO B 472 -7.88 11.51 25.16
C PRO B 472 -7.67 10.51 24.02
N CYS B 473 -8.12 10.88 22.82
CA CYS B 473 -7.95 10.05 21.61
C CYS B 473 -6.51 9.66 21.33
N ASN B 474 -5.60 10.62 21.50
CA ASN B 474 -4.16 10.36 21.35
C ASN B 474 -3.63 9.29 22.29
N GLU B 475 -4.19 9.25 23.51
CA GLU B 475 -3.86 8.20 24.46
C GLU B 475 -4.52 6.87 24.08
N GLN B 476 -5.75 6.93 23.58
CA GLN B 476 -6.45 5.74 23.12
C GLN B 476 -5.75 5.12 21.89
N LEU B 477 -5.15 5.97 21.06
CA LEU B 477 -4.45 5.50 19.87
C LEU B 477 -3.18 4.75 20.22
N LYS B 478 -2.67 4.97 21.43
CA LYS B 478 -1.50 4.27 21.94
C LYS B 478 -1.83 2.81 22.28
N ARG B 479 -3.10 2.53 22.54
CA ARG B 479 -3.54 1.19 22.92
C ARG B 479 -3.48 0.19 21.77
N VAL B 480 -3.14 -1.05 22.13
CA VAL B 480 -3.01 -2.13 21.17
C VAL B 480 -4.33 -2.90 21.18
N PRO B 481 -4.98 -3.00 20.01
CA PRO B 481 -6.29 -3.63 19.92
C PRO B 481 -6.26 -5.12 20.27
N ARG B 482 -7.23 -5.53 21.08
CA ARG B 482 -7.45 -6.95 21.37
C ARG B 482 -8.48 -7.49 20.39
N ALA B 483 -8.69 -8.81 20.41
CA ALA B 483 -9.62 -9.45 19.46
C ALA B 483 -11.11 -9.21 19.78
N PHE B 484 -11.93 -9.15 18.74
CA PHE B 484 -13.35 -8.89 18.89
C PHE B 484 -14.08 -10.05 19.55
N PRO B 485 -15.15 -9.76 20.34
CA PRO B 485 -15.94 -10.81 20.97
C PRO B 485 -16.90 -11.53 20.02
N TYR B 486 -17.75 -12.36 20.59
CA TYR B 486 -18.75 -13.11 19.83
C TYR B 486 -20.15 -12.96 20.40
N LEU B 487 -21.16 -13.01 19.53
CA LEU B 487 -22.55 -12.98 19.94
C LEU B 487 -23.18 -14.37 19.86
N VAL B 488 -23.63 -14.88 21.01
CA VAL B 488 -24.23 -16.20 21.09
C VAL B 488 -25.71 -16.04 21.40
N PHE B 489 -26.55 -16.70 20.61
CA PHE B 489 -27.97 -16.75 20.94
C PHE B 489 -28.26 -17.94 21.82
N ARG B 490 -28.70 -17.62 23.04
CA ARG B 490 -29.01 -18.60 24.07
C ARG B 490 -30.44 -19.10 23.94
N ARG B 491 -31.33 -18.24 23.42
CA ARG B 491 -32.66 -18.68 23.02
C ARG B 491 -33.14 -18.04 21.72
N GLU B 492 -34.07 -18.73 21.06
CA GLU B 492 -34.66 -18.25 19.81
C GLU B 492 -36.08 -17.77 20.06
N ARG B 493 -36.63 -17.05 19.08
CA ARG B 493 -38.00 -16.55 19.18
C ARG B 493 -38.76 -16.94 17.92
N GLU B 494 -40.08 -17.06 18.05
CA GLU B 494 -40.95 -17.38 16.93
C GLU B 494 -41.01 -16.22 15.94
N PHE B 495 -40.93 -14.99 16.44
CA PHE B 495 -40.91 -13.79 15.60
C PHE B 495 -39.67 -12.92 15.82
N LEU B 496 -39.28 -12.17 14.79
CA LEU B 496 -38.11 -11.30 14.84
C LEU B 496 -38.24 -10.22 15.90
N GLU B 497 -39.41 -9.60 15.96
CA GLU B 497 -39.70 -8.53 16.91
C GLU B 497 -39.69 -8.99 18.36
N ASP B 498 -39.76 -10.31 18.57
CA ASP B 498 -39.87 -10.89 19.91
C ASP B 498 -38.53 -11.05 20.62
N TYR B 499 -37.44 -10.66 19.97
CA TYR B 499 -36.11 -10.81 20.56
C TYR B 499 -35.84 -9.80 21.66
N GLU B 500 -35.18 -10.29 22.71
CA GLU B 500 -34.87 -9.48 23.89
C GLU B 500 -33.38 -9.47 24.13
N GLU B 501 -32.90 -8.41 24.76
CA GLU B 501 -31.48 -8.29 25.11
C GLU B 501 -31.05 -9.51 25.94
N GLY B 502 -31.99 -10.06 26.70
CA GLY B 502 -31.75 -11.25 27.50
C GLY B 502 -31.54 -12.54 26.74
N ASP B 503 -31.87 -12.55 25.44
CA ASP B 503 -31.80 -13.76 24.63
C ASP B 503 -30.39 -14.07 24.12
N MET B 504 -29.50 -13.08 24.18
CA MET B 504 -28.17 -13.19 23.58
C MET B 504 -27.03 -12.80 24.52
N GLU B 505 -25.87 -13.42 24.32
CA GLU B 505 -24.74 -13.21 25.20
C GLU B 505 -23.48 -12.89 24.40
N VAL B 506 -22.82 -11.79 24.77
CA VAL B 506 -21.53 -11.41 24.19
C VAL B 506 -20.42 -12.10 24.96
N ILE B 507 -19.74 -13.06 24.33
CA ILE B 507 -18.70 -13.81 25.02
C ILE B 507 -17.29 -13.34 24.68
N ASP B 508 -16.48 -13.23 25.72
CA ASP B 508 -15.06 -12.85 25.64
C ASP B 508 -14.80 -11.44 25.13
N TYR B 509 -15.61 -10.48 25.58
CA TYR B 509 -15.35 -9.07 25.33
C TYR B 509 -14.47 -8.52 26.44
N ALA B 510 -13.24 -8.14 26.09
CA ALA B 510 -12.30 -7.65 27.08
C ALA B 510 -11.73 -6.28 26.72
N PRO B 511 -12.56 -5.23 26.81
CA PRO B 511 -12.10 -3.89 26.43
C PRO B 511 -11.20 -3.24 27.49
N TYR B 512 -10.45 -2.22 27.07
CA TYR B 512 -9.60 -1.46 27.97
C TYR B 512 -10.40 -0.61 28.95
N PRO B 513 -9.85 -0.40 30.17
CA PRO B 513 -10.41 0.54 31.14
C PRO B 513 -10.37 1.97 30.59
N PRO B 514 -11.25 2.88 31.09
CA PRO B 514 -11.40 4.19 30.45
C PRO B 514 -10.17 5.09 30.56
N ILE B 515 -9.99 5.97 29.57
CA ILE B 515 -8.93 6.98 29.56
C ILE B 515 -9.16 8.03 30.64
N MET C 1 -38.93 31.61 -15.71
CA MET C 1 -40.08 32.20 -14.96
C MET C 1 -40.04 31.75 -13.49
N SER C 2 -41.19 31.84 -12.80
CA SER C 2 -41.41 31.19 -11.49
C SER C 2 -40.56 31.67 -10.30
N LEU C 3 -41.23 31.80 -9.16
CA LEU C 3 -40.54 31.97 -7.88
C LEU C 3 -40.06 30.61 -7.39
N PHE C 4 -40.07 29.62 -8.28
CA PHE C 4 -39.74 28.25 -7.91
C PHE C 4 -38.33 27.82 -8.33
N LYS C 5 -37.76 28.54 -9.30
CA LYS C 5 -36.40 28.28 -9.80
C LYS C 5 -35.32 28.67 -8.79
N ILE C 6 -34.06 28.40 -9.12
CA ILE C 6 -32.94 28.76 -8.24
C ILE C 6 -32.11 29.84 -8.90
N ARG C 7 -32.04 30.99 -8.25
CA ARG C 7 -31.35 32.15 -8.79
C ARG C 7 -29.84 32.03 -8.56
N MET C 8 -29.08 32.11 -9.65
CA MET C 8 -27.62 32.10 -9.55
C MET C 8 -27.17 33.45 -8.97
N PRO C 9 -26.17 33.42 -8.05
CA PRO C 9 -25.70 34.65 -7.43
C PRO C 9 -24.87 35.55 -8.34
N GLU C 10 -24.57 36.75 -7.83
CA GLU C 10 -23.76 37.77 -8.48
C GLU C 10 -22.32 37.32 -8.77
N THR C 11 -21.86 36.30 -8.02
CA THR C 11 -20.50 35.78 -8.12
C THR C 11 -20.39 34.52 -8.98
N VAL C 12 -21.42 34.24 -9.78
CA VAL C 12 -21.55 32.95 -10.50
C VAL C 12 -20.30 32.54 -11.32
N ALA C 13 -19.74 33.51 -12.06
CA ALA C 13 -18.57 33.27 -12.91
C ALA C 13 -17.24 33.13 -12.15
N GLU C 14 -17.15 33.74 -10.97
CA GLU C 14 -15.90 33.78 -10.18
C GLU C 14 -15.37 32.41 -9.82
N GLY C 15 -16.24 31.56 -9.28
CA GLY C 15 -15.94 30.14 -9.17
C GLY C 15 -15.96 29.57 -10.57
N THR C 16 -15.14 28.57 -10.82
CA THR C 16 -15.05 27.90 -12.14
C THR C 16 -14.50 28.75 -13.31
N ARG C 17 -13.93 29.92 -13.01
CA ARG C 17 -13.24 30.71 -14.03
C ARG C 17 -11.81 30.18 -14.23
N LEU C 18 -11.51 29.75 -15.45
CA LEU C 18 -10.23 29.11 -15.77
C LEU C 18 -9.06 30.05 -15.56
N ALA C 19 -8.20 29.73 -14.60
CA ALA C 19 -7.02 30.52 -14.28
C ALA C 19 -5.96 30.37 -15.36
N LEU C 20 -5.57 29.13 -15.64
CA LEU C 20 -4.57 28.85 -16.66
C LEU C 20 -5.07 27.70 -17.53
N ARG C 21 -4.66 27.71 -18.80
CA ARG C 21 -5.06 26.71 -19.77
C ARG C 21 -4.12 25.51 -19.70
N ALA C 22 -4.65 24.30 -19.81
CA ALA C 22 -3.81 23.10 -19.85
C ALA C 22 -3.01 23.10 -21.14
N PHE C 23 -1.86 22.42 -21.15
CA PHE C 23 -0.98 22.39 -22.31
C PHE C 23 -0.13 21.12 -22.35
N SER C 24 0.48 20.88 -23.52
CA SER C 24 1.47 19.82 -23.68
C SER C 24 2.82 20.45 -23.98
N LEU C 25 3.86 19.63 -23.96
CA LEU C 25 5.21 20.09 -24.19
C LEU C 25 5.86 19.24 -25.26
N VAL C 26 6.59 19.90 -26.16
CA VAL C 26 7.35 19.23 -27.21
C VAL C 26 8.81 19.69 -27.16
N VAL C 27 9.71 18.73 -26.94
CA VAL C 27 11.13 19.02 -26.82
C VAL C 27 11.96 17.98 -27.59
N ALA C 28 13.20 18.34 -27.91
CA ALA C 28 14.21 17.41 -28.41
C ALA C 28 15.48 17.56 -27.57
N VAL C 29 16.00 16.46 -27.06
CA VAL C 29 17.19 16.49 -26.22
C VAL C 29 18.23 15.53 -26.77
N ASP C 30 19.48 15.66 -26.30
CA ASP C 30 20.48 14.62 -26.53
C ASP C 30 20.54 13.70 -25.30
N GLU C 31 21.51 12.80 -25.26
CA GLU C 31 21.58 11.82 -24.18
C GLU C 31 22.05 12.40 -22.84
N ARG C 32 22.48 13.66 -22.85
CA ARG C 32 22.91 14.33 -21.64
C ARG C 32 21.83 15.34 -21.21
N GLY C 33 20.70 15.31 -21.90
CA GLY C 33 19.57 16.19 -21.59
C GLY C 33 19.69 17.60 -22.15
N GLY C 34 20.81 17.91 -22.79
CA GLY C 34 21.03 19.23 -23.39
C GLY C 34 20.06 19.47 -24.54
N ILE C 35 19.61 20.72 -24.68
CA ILE C 35 18.64 21.08 -25.73
C ILE C 35 19.18 22.08 -26.73
N GLY C 36 20.20 22.84 -26.33
CA GLY C 36 20.79 23.83 -27.20
C GLY C 36 21.98 24.53 -26.57
N ASP C 37 22.78 25.18 -27.41
CA ASP C 37 23.96 25.93 -26.95
C ASP C 37 23.58 27.30 -26.38
N GLY C 38 22.28 27.55 -26.22
CA GLY C 38 21.78 28.84 -25.75
C GLY C 38 21.32 29.76 -26.86
N ARG C 39 21.74 29.46 -28.09
CA ARG C 39 21.36 30.27 -29.27
C ARG C 39 20.60 29.47 -30.35
N SER C 40 21.09 28.26 -30.67
CA SER C 40 20.43 27.38 -31.67
C SER C 40 20.55 25.88 -31.34
N ILE C 41 19.70 25.07 -31.99
CA ILE C 41 19.80 23.60 -31.96
C ILE C 41 21.09 23.13 -32.68
N PRO C 42 21.91 22.31 -31.99
CA PRO C 42 23.20 21.90 -32.56
C PRO C 42 23.07 20.81 -33.63
N TRP C 43 22.31 19.76 -33.32
CA TRP C 43 22.14 18.62 -34.22
C TRP C 43 21.14 18.90 -35.33
N ASN C 44 21.22 18.13 -36.41
CA ASN C 44 20.32 18.27 -37.54
C ASN C 44 19.68 16.93 -37.91
N VAL C 45 18.43 16.75 -37.48
CA VAL C 45 17.71 15.50 -37.70
C VAL C 45 16.33 15.79 -38.29
N PRO C 46 16.21 15.69 -39.63
CA PRO C 46 14.98 15.98 -40.36
C PRO C 46 13.76 15.24 -39.82
N GLU C 47 13.94 13.98 -39.44
CA GLU C 47 12.86 13.15 -38.94
C GLU C 47 12.18 13.72 -37.69
N ASP C 48 12.96 14.41 -36.87
CA ASP C 48 12.42 15.09 -35.70
C ASP C 48 11.58 16.27 -36.12
N MET C 49 12.07 17.03 -37.10
CA MET C 49 11.37 18.21 -37.62
C MET C 49 9.97 17.87 -38.12
N LYS C 50 9.86 16.74 -38.82
CA LYS C 50 8.57 16.24 -39.29
C LYS C 50 7.65 15.91 -38.12
N PHE C 51 8.17 15.21 -37.12
CA PHE C 51 7.40 14.87 -35.93
C PHE C 51 6.94 16.13 -35.22
N PHE C 52 7.84 17.11 -35.08
CA PHE C 52 7.52 18.40 -34.48
C PHE C 52 6.38 19.09 -35.22
N ARG C 53 6.47 19.11 -36.55
CA ARG C 53 5.42 19.69 -37.40
C ARG C 53 4.08 18.99 -37.19
N ASP C 54 4.08 17.65 -37.22
CA ASP C 54 2.84 16.88 -37.15
C ASP C 54 2.15 16.99 -35.79
N VAL C 55 2.89 16.76 -34.72
CA VAL C 55 2.29 16.72 -33.39
C VAL C 55 1.74 18.09 -32.97
N THR C 56 2.34 19.16 -33.49
CA THR C 56 1.88 20.51 -33.16
C THR C 56 0.86 21.08 -34.15
N THR C 57 0.78 20.54 -35.36
CA THR C 57 -0.23 21.05 -36.30
C THR C 57 -1.53 20.25 -36.22
N LYS C 58 -1.43 18.93 -36.24
CA LYS C 58 -2.59 18.04 -36.39
C LYS C 58 -3.66 18.23 -35.31
N LEU C 59 -4.91 17.98 -35.69
CA LEU C 59 -6.03 18.10 -34.76
C LEU C 59 -6.72 16.75 -34.62
N ARG C 60 -7.38 16.55 -33.48
CA ARG C 60 -8.14 15.34 -33.24
C ARG C 60 -9.26 15.25 -34.28
N GLY C 61 -9.58 14.02 -34.69
CA GLY C 61 -10.66 13.80 -35.64
C GLY C 61 -10.18 13.75 -37.08
N LYS C 62 -10.73 12.78 -37.82
CA LYS C 62 -10.35 12.46 -39.21
C LYS C 62 -9.73 13.60 -40.03
N ASN C 63 -10.53 14.61 -40.39
CA ASN C 63 -10.00 15.73 -41.18
C ASN C 63 -9.64 16.99 -40.38
N VAL C 64 -8.35 17.26 -40.35
CA VAL C 64 -7.77 18.33 -39.53
C VAL C 64 -8.18 19.71 -40.07
N LYS C 65 -7.51 20.15 -41.14
CA LYS C 65 -7.71 21.50 -41.74
C LYS C 65 -7.85 22.64 -40.71
N PRO C 66 -6.72 23.10 -40.14
CA PRO C 66 -6.73 24.18 -39.15
C PRO C 66 -7.25 25.51 -39.70
N SER C 67 -7.80 26.32 -38.81
CA SER C 67 -8.39 27.62 -39.14
C SER C 67 -8.39 28.45 -37.86
N PRO C 68 -8.78 29.74 -37.94
CA PRO C 68 -8.96 30.51 -36.70
C PRO C 68 -10.02 29.90 -35.76
N ALA C 69 -11.04 29.28 -36.33
CA ALA C 69 -12.09 28.61 -35.56
C ALA C 69 -11.54 27.43 -34.74
N LYS C 70 -10.70 26.60 -35.36
CA LYS C 70 -10.10 25.44 -34.71
C LYS C 70 -8.67 25.19 -35.18
N ARG C 71 -7.73 25.30 -34.25
CA ARG C 71 -6.30 25.10 -34.54
C ARG C 71 -5.54 24.90 -33.23
N ASN C 72 -4.28 24.48 -33.34
CA ASN C 72 -3.40 24.41 -32.18
C ASN C 72 -2.65 25.72 -31.97
N ALA C 73 -2.02 25.84 -30.81
CA ALA C 73 -1.19 27.00 -30.51
C ALA C 73 0.18 26.55 -30.05
N VAL C 74 1.21 27.15 -30.62
CA VAL C 74 2.57 26.94 -30.14
C VAL C 74 3.01 28.16 -29.32
N VAL C 75 3.56 27.92 -28.14
CA VAL C 75 4.08 28.98 -27.30
C VAL C 75 5.60 28.83 -27.22
N MET C 76 6.32 29.93 -27.44
CA MET C 76 7.78 29.89 -27.46
C MET C 76 8.40 31.16 -26.86
N GLY C 77 9.59 31.01 -26.30
CA GLY C 77 10.38 32.16 -25.85
C GLY C 77 10.98 32.89 -27.05
N ARG C 78 11.31 34.16 -26.85
CA ARG C 78 11.75 35.04 -27.94
C ARG C 78 12.98 34.53 -28.70
N LYS C 79 13.92 33.92 -27.98
CA LYS C 79 15.16 33.43 -28.56
C LYS C 79 14.93 32.25 -29.50
N THR C 80 14.00 31.37 -29.14
CA THR C 80 13.56 30.28 -30.00
C THR C 80 12.97 30.84 -31.28
N TRP C 81 12.06 31.81 -31.13
CA TRP C 81 11.47 32.51 -32.26
C TRP C 81 12.59 33.00 -33.19
N ASP C 82 13.51 33.79 -32.63
CA ASP C 82 14.68 34.30 -33.35
C ASP C 82 15.47 33.21 -34.04
N SER C 83 15.56 32.04 -33.41
CA SER C 83 16.33 30.92 -33.96
C SER C 83 15.68 30.27 -35.19
N ILE C 84 14.36 30.46 -35.35
CA ILE C 84 13.67 30.03 -36.56
C ILE C 84 13.83 31.12 -37.64
N PRO C 85 14.40 30.76 -38.81
CA PRO C 85 14.56 31.69 -39.94
C PRO C 85 13.24 32.34 -40.36
N PRO C 86 13.24 33.67 -40.58
CA PRO C 86 12.05 34.47 -40.93
C PRO C 86 11.23 33.91 -42.10
N LYS C 87 11.93 33.38 -43.10
CA LYS C 87 11.31 32.66 -44.21
C LYS C 87 10.22 31.67 -43.73
N PHE C 88 10.51 31.00 -42.60
CA PHE C 88 9.62 29.98 -42.05
C PHE C 88 8.72 30.46 -40.90
N ARG C 89 8.77 31.75 -40.59
CA ARG C 89 7.90 32.33 -39.56
C ARG C 89 6.73 33.08 -40.20
N PRO C 90 5.54 33.02 -39.58
CA PRO C 90 5.22 32.21 -38.40
C PRO C 90 4.97 30.77 -38.82
N LEU C 91 5.10 29.83 -37.89
CA LEU C 91 4.85 28.43 -38.19
C LEU C 91 3.43 28.27 -38.74
N PRO C 92 3.31 27.70 -39.96
CA PRO C 92 2.03 27.49 -40.62
C PRO C 92 1.06 26.63 -39.82
N GLY C 93 -0.22 26.95 -39.93
CA GLY C 93 -1.28 26.10 -39.41
C GLY C 93 -1.58 26.22 -37.93
N ARG C 94 -0.84 27.07 -37.22
CA ARG C 94 -1.05 27.22 -35.77
C ARG C 94 -0.79 28.62 -35.22
N LEU C 95 -1.37 28.91 -34.06
CA LEU C 95 -1.19 30.21 -33.40
C LEU C 95 0.21 30.29 -32.82
N ASN C 96 0.96 31.31 -33.24
CA ASN C 96 2.30 31.52 -32.72
C ASN C 96 2.29 32.52 -31.56
N VAL C 97 2.45 32.01 -30.35
CA VAL C 97 2.56 32.86 -29.17
C VAL C 97 4.02 33.02 -28.78
N VAL C 98 4.50 34.27 -28.73
CA VAL C 98 5.91 34.55 -28.39
C VAL C 98 6.05 35.31 -27.08
N LEU C 99 6.90 34.81 -26.19
CA LEU C 99 7.15 35.45 -24.90
C LEU C 99 8.32 36.41 -25.00
N SER C 100 8.05 37.68 -24.72
CA SER C 100 9.05 38.75 -24.78
C SER C 100 8.56 39.96 -24.02
N SER C 101 9.51 40.70 -23.46
CA SER C 101 9.20 41.94 -22.76
C SER C 101 9.61 43.15 -23.61
N THR C 102 10.51 42.94 -24.55
CA THR C 102 10.92 44.02 -25.47
C THR C 102 10.11 44.02 -26.76
N LEU C 103 9.79 42.83 -27.28
CA LEU C 103 9.08 42.71 -28.55
C LEU C 103 7.57 42.69 -28.37
N THR C 104 6.88 43.58 -29.09
CA THR C 104 5.42 43.59 -29.07
C THR C 104 4.86 42.81 -30.24
N THR C 105 3.56 42.55 -30.20
CA THR C 105 2.90 41.79 -31.26
C THR C 105 2.98 42.49 -32.61
N GLN C 106 3.09 43.82 -32.58
CA GLN C 106 3.25 44.62 -33.80
C GLN C 106 4.70 44.61 -34.32
N HIS C 107 5.66 44.67 -33.40
CA HIS C 107 7.08 44.65 -33.76
C HIS C 107 7.53 43.30 -34.33
N LEU C 108 6.86 42.22 -33.92
CA LEU C 108 7.10 40.88 -34.46
C LEU C 108 6.50 40.74 -35.85
N LEU C 109 5.29 41.28 -36.00
CA LEU C 109 4.58 41.35 -37.27
C LEU C 109 5.44 42.05 -38.33
N ASP C 110 6.28 42.99 -37.90
CA ASP C 110 7.22 43.67 -38.79
C ASP C 110 8.61 43.03 -38.71
N GLY C 111 8.82 41.99 -39.51
CA GLY C 111 10.12 41.32 -39.60
C GLY C 111 10.04 40.08 -40.47
N LEU C 112 9.41 40.22 -41.64
CA LEU C 112 9.11 39.08 -42.50
C LEU C 112 9.94 39.03 -43.80
N PRO C 113 9.69 39.95 -44.76
CA PRO C 113 8.66 40.98 -44.87
C PRO C 113 7.50 40.57 -45.78
N ASP C 114 6.78 41.56 -46.34
CA ASP C 114 5.67 41.35 -47.29
C ASP C 114 4.46 40.64 -46.69
N GLU C 115 3.27 40.93 -47.24
CA GLU C 115 2.04 40.41 -46.66
C GLU C 115 1.75 38.97 -47.10
N HIS C 121 -3.59 36.08 -44.74
CA HIS C 121 -2.72 35.62 -43.66
C HIS C 121 -3.46 35.54 -42.30
N ALA C 122 -4.79 35.40 -42.35
CA ALA C 122 -5.69 35.39 -41.15
C ALA C 122 -4.95 35.34 -39.80
N ASP C 123 -4.75 36.51 -39.20
CA ASP C 123 -3.64 36.72 -38.26
C ASP C 123 -3.47 35.72 -37.13
N SER C 124 -2.22 35.33 -36.91
CA SER C 124 -1.89 34.14 -36.15
C SER C 124 -0.52 34.25 -35.46
N ILE C 125 -0.18 35.46 -35.04
CA ILE C 125 1.02 35.69 -34.24
C ILE C 125 0.70 36.71 -33.14
N VAL C 126 0.70 36.26 -31.90
CA VAL C 126 0.46 37.15 -30.76
C VAL C 126 1.63 37.11 -29.78
N ALA C 127 1.99 38.27 -29.24
CA ALA C 127 3.08 38.37 -28.26
C ALA C 127 2.55 38.56 -26.85
N VAL C 128 3.20 37.88 -25.90
CA VAL C 128 2.84 38.01 -24.49
C VAL C 128 4.02 38.60 -23.72
N ASN C 129 3.76 39.71 -23.03
CA ASN C 129 4.74 40.30 -22.13
C ASN C 129 4.70 39.60 -20.77
N GLY C 130 5.40 38.48 -20.68
CA GLY C 130 5.41 37.66 -19.48
C GLY C 130 5.86 36.26 -19.79
N GLY C 131 5.75 35.38 -18.81
CA GLY C 131 6.19 34.00 -18.95
C GLY C 131 5.12 33.09 -19.48
N LEU C 132 5.35 31.78 -19.35
CA LEU C 132 4.40 30.76 -19.79
C LEU C 132 3.09 30.87 -19.02
N GLU C 133 3.18 31.32 -17.77
CA GLU C 133 2.00 31.49 -16.94
C GLU C 133 1.08 32.55 -17.54
N GLN C 134 1.68 33.66 -17.97
CA GLN C 134 0.97 34.78 -18.58
C GLN C 134 0.35 34.36 -19.91
N ALA C 135 1.06 33.52 -20.64
CA ALA C 135 0.56 32.99 -21.91
C ALA C 135 -0.62 32.04 -21.72
N LEU C 136 -0.51 31.13 -20.75
CA LEU C 136 -1.57 30.15 -20.47
C LEU C 136 -2.83 30.81 -19.91
N GLN C 137 -2.60 31.95 -19.25
CA GLN C 137 -3.67 32.78 -18.73
C GLN C 137 -4.44 33.39 -19.90
N LEU C 138 -3.71 33.97 -20.85
CA LEU C 138 -4.30 34.54 -22.06
C LEU C 138 -5.06 33.47 -22.85
N LEU C 139 -4.43 32.31 -23.04
CA LEU C 139 -5.04 31.21 -23.80
C LEU C 139 -6.24 30.59 -23.09
N ALA C 140 -6.51 31.04 -21.87
CA ALA C 140 -7.71 30.65 -21.13
C ALA C 140 -8.92 31.55 -21.44
N SER C 141 -8.66 32.70 -22.07
CA SER C 141 -9.71 33.65 -22.52
C SER C 141 -10.78 33.03 -23.41
N PRO C 142 -11.98 33.62 -23.44
CA PRO C 142 -12.99 33.15 -24.39
C PRO C 142 -12.57 33.28 -25.86
N ASN C 143 -11.55 34.10 -26.12
CA ASN C 143 -11.04 34.29 -27.49
C ASN C 143 -10.20 33.12 -27.98
N TYR C 144 -9.69 32.32 -27.05
CA TYR C 144 -8.73 31.27 -27.38
C TYR C 144 -9.22 29.91 -26.91
N THR C 145 -10.05 29.92 -25.88
CA THR C 145 -10.68 28.73 -25.36
C THR C 145 -12.17 28.81 -25.69
N PRO C 146 -12.70 27.82 -26.44
CA PRO C 146 -12.07 26.58 -26.87
C PRO C 146 -11.69 26.54 -28.35
N SER C 147 -11.43 27.71 -28.95
CA SER C 147 -10.99 27.74 -30.34
C SER C 147 -9.63 27.06 -30.52
N ILE C 148 -8.73 27.25 -29.56
CA ILE C 148 -7.46 26.53 -29.55
C ILE C 148 -7.68 25.14 -28.94
N GLU C 149 -7.50 24.11 -29.78
CA GLU C 149 -7.70 22.73 -29.35
C GLU C 149 -6.59 22.23 -28.44
N THR C 150 -5.33 22.47 -28.83
CA THR C 150 -4.20 22.11 -27.98
C THR C 150 -3.11 23.18 -27.95
N VAL C 151 -2.69 23.54 -26.74
CA VAL C 151 -1.55 24.43 -26.53
C VAL C 151 -0.28 23.59 -26.43
N TYR C 152 0.75 23.98 -27.18
CA TYR C 152 2.03 23.30 -27.15
C TYR C 152 3.16 24.23 -26.75
N CYS C 153 3.90 23.87 -25.73
CA CYS C 153 5.06 24.65 -25.35
C CYS C 153 6.20 24.08 -26.12
N ILE C 154 6.75 24.85 -27.03
CA ILE C 154 7.76 24.32 -27.90
C ILE C 154 9.13 24.86 -27.69
N GLY C 155 9.36 25.43 -26.52
CA GLY C 155 10.73 25.64 -26.14
C GLY C 155 11.13 26.90 -25.44
N GLY C 156 12.40 26.89 -25.12
CA GLY C 156 13.11 27.94 -24.47
C GLY C 156 13.62 27.38 -23.18
N GLY C 157 14.88 27.00 -23.10
CA GLY C 157 15.24 26.49 -21.79
C GLY C 157 14.47 27.13 -20.64
N SER C 158 14.39 28.46 -20.67
CA SER C 158 13.71 29.24 -19.64
C SER C 158 12.20 28.95 -19.60
N VAL C 159 11.61 28.78 -20.78
CA VAL C 159 10.18 28.44 -20.91
C VAL C 159 9.91 27.04 -20.38
N TYR C 160 10.75 26.09 -20.81
CA TYR C 160 10.72 24.73 -20.29
C TYR C 160 10.85 24.67 -18.78
N ALA C 161 11.80 25.44 -18.23
CA ALA C 161 12.02 25.50 -16.78
C ALA C 161 10.75 25.90 -16.04
N GLU C 162 10.04 26.90 -16.56
CA GLU C 162 8.80 27.37 -15.96
C GLU C 162 7.68 26.35 -16.17
N ALA C 163 7.71 25.66 -17.30
CA ALA C 163 6.72 24.65 -17.64
C ALA C 163 6.76 23.48 -16.67
N LEU C 164 7.93 23.20 -16.11
CA LEU C 164 8.12 22.06 -15.22
C LEU C 164 8.15 22.46 -13.74
N ARG C 165 7.63 23.65 -13.48
CA ARG C 165 7.62 24.26 -12.15
C ARG C 165 6.19 24.73 -11.88
N PRO C 166 5.71 24.62 -10.62
CA PRO C 166 4.39 25.15 -10.28
C PRO C 166 4.35 26.67 -10.52
N PRO C 167 3.20 27.21 -10.93
CA PRO C 167 1.91 26.52 -11.06
C PRO C 167 1.71 25.78 -12.38
N CYS C 168 2.54 26.08 -13.38
CA CYS C 168 2.36 25.58 -14.74
C CYS C 168 2.37 24.07 -14.91
N VAL C 169 3.27 23.39 -14.20
CA VAL C 169 3.46 21.95 -14.34
C VAL C 169 2.19 21.15 -14.09
N HIS C 170 1.37 21.65 -13.17
CA HIS C 170 0.11 21.00 -12.85
C HIS C 170 -0.88 21.06 -14.02
N LEU C 171 -0.50 21.80 -15.05
CA LEU C 171 -1.33 21.92 -16.25
C LEU C 171 -0.73 21.24 -17.46
N LEU C 172 0.41 20.59 -17.23
CA LEU C 172 1.13 19.89 -18.29
C LEU C 172 0.56 18.48 -18.47
N GLN C 173 -0.01 18.24 -19.64
CA GLN C 173 -0.81 17.04 -19.90
C GLN C 173 -0.04 15.90 -20.57
N ALA C 174 1.00 16.25 -21.32
CA ALA C 174 1.88 15.29 -22.00
C ALA C 174 3.21 15.94 -22.35
N ILE C 175 4.30 15.17 -22.22
CA ILE C 175 5.60 15.58 -22.74
C ILE C 175 5.91 14.72 -23.96
N TYR C 176 6.25 15.37 -25.07
CA TYR C 176 6.76 14.68 -26.26
C TYR C 176 8.24 14.97 -26.36
N ARG C 177 9.04 13.95 -26.07
CA ARG C 177 10.49 14.09 -26.08
C ARG C 177 11.11 13.26 -27.18
N THR C 178 11.85 13.93 -28.05
CA THR C 178 12.73 13.28 -29.01
C THR C 178 14.12 13.19 -28.38
N THR C 179 14.73 12.02 -28.44
CA THR C 179 16.07 11.88 -27.91
C THR C 179 17.02 11.59 -29.06
N ILE C 180 17.97 12.50 -29.25
CA ILE C 180 19.01 12.37 -30.27
C ILE C 180 20.19 11.66 -29.63
N ARG C 181 20.57 10.53 -30.21
CA ARG C 181 21.66 9.73 -29.66
C ARG C 181 23.00 10.26 -30.13
N ALA C 182 23.17 11.57 -29.96
CA ALA C 182 24.46 12.23 -30.09
C ALA C 182 24.81 12.74 -28.69
N SER C 183 26.06 13.16 -28.51
CA SER C 183 26.46 13.79 -27.25
C SER C 183 27.74 14.60 -27.44
N GLU C 184 27.68 15.85 -26.98
CA GLU C 184 28.80 16.78 -27.12
C GLU C 184 28.71 17.90 -26.07
N SER C 185 29.76 18.71 -26.00
CA SER C 185 29.90 19.72 -24.96
C SER C 185 29.02 20.95 -25.14
N SER C 186 28.97 21.47 -26.38
CA SER C 186 28.34 22.77 -26.71
C SER C 186 27.09 23.18 -25.91
N CYS C 187 26.30 22.18 -25.48
CA CYS C 187 25.05 22.42 -24.76
C CYS C 187 25.25 23.06 -23.39
N SER C 188 24.55 24.18 -23.18
CA SER C 188 24.56 24.89 -21.92
C SER C 188 23.17 24.86 -21.25
N VAL C 189 22.13 24.69 -22.07
CA VAL C 189 20.76 24.62 -21.58
C VAL C 189 20.27 23.17 -21.64
N PHE C 190 19.60 22.73 -20.58
CA PHE C 190 19.24 21.32 -20.42
C PHE C 190 17.75 21.12 -20.18
N PHE C 191 17.25 19.92 -20.48
CA PHE C 191 15.87 19.58 -20.16
C PHE C 191 15.79 18.23 -19.47
N ARG C 192 15.34 18.24 -18.22
CA ARG C 192 15.24 17.05 -17.41
C ARG C 192 13.83 16.89 -16.88
N VAL C 193 13.27 15.69 -17.06
CA VAL C 193 11.97 15.35 -16.51
C VAL C 193 12.16 14.71 -15.13
N PRO C 194 11.64 15.36 -14.07
CA PRO C 194 11.89 14.91 -12.70
C PRO C 194 11.42 13.49 -12.46
N GLU C 195 12.23 12.70 -11.76
CA GLU C 195 11.88 11.32 -11.44
C GLU C 195 10.80 11.22 -10.37
N SER C 196 10.05 10.13 -10.43
CA SER C 196 8.93 9.86 -9.54
C SER C 196 9.28 10.00 -8.06
N GLY C 197 8.53 10.82 -7.34
CA GLY C 197 8.71 10.97 -5.89
C GLY C 197 9.85 11.88 -5.46
N THR C 198 10.39 12.67 -6.38
CA THR C 198 11.44 13.64 -6.06
C THR C 198 10.84 15.01 -5.82
N GLU C 199 11.61 15.90 -5.20
CA GLU C 199 11.14 17.26 -4.90
C GLU C 199 10.81 18.04 -6.16
N ALA C 200 11.68 17.95 -7.18
CA ALA C 200 11.47 18.59 -8.46
C ALA C 200 10.16 18.13 -9.13
N ALA C 201 9.77 16.90 -8.86
CA ALA C 201 8.58 16.28 -9.47
C ALA C 201 7.26 16.98 -9.10
N ALA C 202 7.28 17.71 -7.98
CA ALA C 202 6.14 18.49 -7.49
C ALA C 202 4.88 17.65 -7.31
N GLY C 203 5.05 16.41 -6.88
CA GLY C 203 3.93 15.51 -6.68
C GLY C 203 3.52 14.75 -7.92
N ILE C 204 4.12 15.07 -9.06
CA ILE C 204 3.77 14.39 -10.30
C ILE C 204 4.62 13.13 -10.52
N GLU C 205 4.01 12.11 -11.12
CA GLU C 205 4.70 10.88 -11.44
C GLU C 205 4.59 10.65 -12.95
N TRP C 206 5.61 11.10 -13.67
CA TRP C 206 5.67 10.95 -15.13
C TRP C 206 5.81 9.51 -15.57
N GLN C 207 4.98 9.13 -16.53
CA GLN C 207 4.95 7.77 -17.04
C GLN C 207 5.22 7.74 -18.53
N ARG C 208 5.79 6.63 -18.99
CA ARG C 208 5.98 6.42 -20.40
C ARG C 208 4.68 5.85 -20.97
N GLU C 209 4.07 6.55 -21.93
CA GLU C 209 2.92 6.00 -22.63
C GLU C 209 3.38 5.15 -23.81
N THR C 210 4.35 5.67 -24.55
CA THR C 210 4.89 4.98 -25.73
C THR C 210 6.37 5.31 -25.86
N ILE C 211 7.09 4.40 -26.50
CA ILE C 211 8.47 4.63 -26.89
C ILE C 211 8.67 4.00 -28.25
N SER C 212 9.21 4.76 -29.20
CA SER C 212 9.49 4.22 -30.52
C SER C 212 10.69 3.28 -30.45
N GLU C 213 10.91 2.52 -31.52
CA GLU C 213 12.16 1.81 -31.66
C GLU C 213 13.27 2.83 -31.92
N GLU C 214 14.51 2.39 -31.77
CA GLU C 214 15.66 3.22 -32.11
C GLU C 214 15.65 3.37 -33.62
N LEU C 215 15.71 4.61 -34.08
CA LEU C 215 15.67 4.90 -35.51
C LEU C 215 16.95 5.60 -35.93
N THR C 216 17.28 5.51 -37.22
CA THR C 216 18.47 6.16 -37.75
C THR C 216 18.09 7.29 -38.69
N SER C 217 18.61 8.48 -38.43
CA SER C 217 18.30 9.64 -39.25
C SER C 217 19.01 9.61 -40.61
N ALA C 218 18.28 9.93 -41.66
CA ALA C 218 18.86 10.06 -42.99
C ALA C 218 19.40 11.47 -43.15
N ASN C 219 20.30 11.86 -42.27
CA ASN C 219 20.81 13.22 -42.18
C ASN C 219 22.27 13.38 -42.55
N GLY C 220 22.86 12.34 -43.17
CA GLY C 220 24.27 12.37 -43.53
C GLY C 220 25.06 11.44 -42.64
N ASN C 221 25.07 11.73 -41.35
CA ASN C 221 25.54 10.76 -40.35
C ASN C 221 24.51 9.61 -40.22
N GLU C 222 24.76 8.69 -39.29
CA GLU C 222 23.76 7.67 -39.03
C GLU C 222 23.21 7.91 -37.63
N THR C 223 22.74 9.13 -37.39
CA THR C 223 22.33 9.55 -36.05
C THR C 223 21.11 8.76 -35.58
N LYS C 224 21.32 7.93 -34.56
CA LYS C 224 20.23 7.20 -33.94
C LYS C 224 19.38 8.17 -33.11
N TYR C 225 18.09 7.89 -33.01
CA TYR C 225 17.16 8.74 -32.28
C TYR C 225 15.88 7.95 -31.98
N TYR C 226 15.13 8.40 -30.99
CA TYR C 226 13.84 7.79 -30.67
C TYR C 226 12.88 8.83 -30.11
N PHE C 227 11.59 8.55 -30.19
CA PHE C 227 10.55 9.40 -29.59
C PHE C 227 9.95 8.68 -28.40
N GLU C 228 9.56 9.43 -27.37
CA GLU C 228 8.70 8.89 -26.34
C GLU C 228 7.69 9.92 -25.86
N LYS C 229 6.51 9.43 -25.45
CA LYS C 229 5.45 10.29 -24.98
C LYS C 229 5.24 10.04 -23.49
N LEU C 230 5.29 11.12 -22.73
CA LEU C 230 5.25 11.02 -21.30
C LEU C 230 3.98 11.67 -20.77
N ILE C 231 3.30 10.97 -19.87
CA ILE C 231 2.03 11.47 -19.33
C ILE C 231 2.05 11.39 -17.80
N PRO C 232 1.38 12.34 -17.12
CA PRO C 232 1.41 12.38 -15.67
C PRO C 232 0.42 11.39 -15.07
N ARG C 233 0.94 10.47 -14.26
CA ARG C 233 0.18 9.34 -13.73
C ARG C 233 -1.17 9.74 -13.14
N ASN C 234 -2.23 9.22 -13.73
CA ASN C 234 -3.60 9.51 -13.30
C ASN C 234 -4.13 8.52 -12.23
N ARG C 235 -3.78 8.80 -10.98
CA ARG C 235 -4.15 7.94 -9.86
C ARG C 235 -5.66 7.80 -9.75
N GLU C 236 -6.37 8.90 -9.96
CA GLU C 236 -7.82 8.90 -9.87
C GLU C 236 -8.46 7.90 -10.81
N GLU C 237 -8.03 7.87 -12.08
CA GLU C 237 -8.59 6.92 -13.03
C GLU C 237 -8.20 5.49 -12.69
N GLU C 238 -7.00 5.29 -12.16
CA GLU C 238 -6.52 3.96 -11.79
C GLU C 238 -7.39 3.33 -10.71
N GLN C 239 -7.91 4.13 -9.78
CA GLN C 239 -8.91 3.67 -8.80
C GLN C 239 -9.94 2.82 -9.52
N TYR C 240 -10.59 3.43 -10.50
CA TYR C 240 -11.59 2.78 -11.30
C TYR C 240 -11.03 1.46 -11.87
N LEU C 241 -9.94 1.57 -12.64
CA LEU C 241 -9.34 0.39 -13.29
C LEU C 241 -8.97 -0.73 -12.32
N SER C 242 -8.37 -0.39 -11.18
CA SER C 242 -8.09 -1.36 -10.10
C SER C 242 -9.33 -2.13 -9.72
N LEU C 243 -10.41 -1.39 -9.51
CA LEU C 243 -11.67 -1.95 -9.09
C LEU C 243 -12.24 -2.89 -10.15
N VAL C 244 -12.16 -2.47 -11.42
CA VAL C 244 -12.60 -3.29 -12.55
C VAL C 244 -11.82 -4.60 -12.56
N ASP C 245 -10.49 -4.49 -12.44
CA ASP C 245 -9.59 -5.64 -12.40
C ASP C 245 -9.88 -6.59 -11.22
N ARG C 246 -10.19 -6.02 -10.05
CA ARG C 246 -10.54 -6.81 -8.87
C ARG C 246 -11.86 -7.56 -9.06
N ILE C 247 -12.81 -6.93 -9.76
CA ILE C 247 -14.11 -7.54 -10.00
C ILE C 247 -13.95 -8.78 -10.88
N ILE C 248 -13.14 -8.65 -11.93
CA ILE C 248 -12.87 -9.79 -12.84
C ILE C 248 -12.14 -10.96 -12.14
N ARG C 249 -11.14 -10.65 -11.32
CA ARG C 249 -10.35 -11.70 -10.67
C ARG C 249 -11.00 -12.24 -9.39
N GLU C 250 -11.75 -11.40 -8.67
CA GLU C 250 -12.28 -11.79 -7.35
C GLU C 250 -13.79 -11.72 -7.18
N GLY C 251 -14.50 -11.07 -8.10
CA GLY C 251 -15.94 -10.87 -7.96
C GLY C 251 -16.72 -12.16 -8.11
N ASN C 252 -17.91 -12.19 -7.50
CA ASN C 252 -18.79 -13.35 -7.56
C ASN C 252 -19.68 -13.32 -8.78
N VAL C 253 -20.13 -14.48 -9.21
CA VAL C 253 -21.08 -14.58 -10.32
C VAL C 253 -22.48 -14.29 -9.81
N LYS C 254 -23.15 -13.33 -10.46
CA LYS C 254 -24.51 -12.94 -10.14
C LYS C 254 -25.29 -12.76 -11.44
N HIS C 255 -26.60 -12.98 -11.39
CA HIS C 255 -27.47 -12.77 -12.55
C HIS C 255 -28.53 -11.75 -12.25
N ASP C 256 -28.63 -10.72 -13.08
CA ASP C 256 -29.59 -9.64 -12.84
C ASP C 256 -31.04 -9.96 -13.25
N ARG C 257 -31.86 -8.91 -13.23
CA ARG C 257 -33.30 -8.99 -13.46
C ARG C 257 -33.67 -9.84 -14.67
N THR C 258 -33.05 -9.54 -15.80
CA THR C 258 -33.34 -10.21 -17.06
C THR C 258 -32.76 -11.62 -17.12
N GLY C 259 -31.69 -11.85 -16.37
CA GLY C 259 -31.03 -13.16 -16.32
C GLY C 259 -29.63 -13.15 -16.90
N VAL C 260 -29.10 -11.96 -17.15
CA VAL C 260 -27.77 -11.83 -17.76
C VAL C 260 -26.66 -11.95 -16.70
N GLY C 261 -25.60 -12.67 -17.07
CA GLY C 261 -24.46 -12.93 -16.18
C GLY C 261 -23.69 -11.71 -15.76
N THR C 262 -23.17 -11.75 -14.53
CA THR C 262 -22.50 -10.61 -13.92
C THR C 262 -21.41 -11.05 -12.94
N LEU C 263 -20.31 -10.30 -12.91
CA LEU C 263 -19.28 -10.46 -11.88
C LEU C 263 -19.44 -9.30 -10.91
N SER C 264 -19.45 -9.59 -9.61
CA SER C 264 -19.86 -8.60 -8.63
C SER C 264 -19.00 -8.56 -7.37
N ILE C 265 -18.73 -7.35 -6.87
CA ILE C 265 -18.20 -7.11 -5.51
C ILE C 265 -19.10 -6.14 -4.75
N PHE C 266 -18.95 -6.07 -3.44
CA PHE C 266 -19.83 -5.25 -2.62
C PHE C 266 -19.10 -4.23 -1.75
N GLY C 267 -19.42 -2.95 -1.94
CA GLY C 267 -18.88 -1.91 -1.09
C GLY C 267 -17.50 -1.49 -1.53
N ALA C 268 -17.44 -0.35 -2.20
CA ALA C 268 -16.18 0.26 -2.63
C ALA C 268 -16.35 1.76 -2.52
N GLN C 269 -15.23 2.49 -2.63
CA GLN C 269 -15.26 3.95 -2.56
C GLN C 269 -14.14 4.56 -3.38
N MET C 270 -14.49 5.47 -4.28
CA MET C 270 -13.52 6.24 -5.05
C MET C 270 -13.66 7.73 -4.76
N ARG C 271 -12.60 8.48 -5.07
CA ARG C 271 -12.54 9.92 -4.81
C ARG C 271 -11.90 10.64 -5.99
N PHE C 272 -12.51 11.74 -6.43
CA PHE C 272 -12.04 12.50 -7.60
C PHE C 272 -11.93 13.98 -7.28
N SER C 273 -10.87 14.63 -7.77
CA SER C 273 -10.71 16.07 -7.57
C SER C 273 -11.38 16.89 -8.67
N LEU C 274 -12.22 17.83 -8.22
CA LEU C 274 -12.92 18.74 -9.11
C LEU C 274 -12.25 20.11 -9.15
N ARG C 275 -11.14 20.26 -8.42
CA ARG C 275 -10.44 21.54 -8.26
C ARG C 275 -9.85 22.10 -9.55
N ASN C 276 -9.97 23.41 -9.69
CA ASN C 276 -9.39 24.17 -10.80
C ASN C 276 -9.84 23.65 -12.14
N ASN C 277 -11.16 23.56 -12.29
CA ASN C 277 -11.81 23.21 -13.55
C ASN C 277 -11.59 21.78 -14.01
N ARG C 278 -10.96 20.95 -13.16
CA ARG C 278 -10.78 19.53 -13.46
C ARG C 278 -12.12 18.82 -13.58
N LEU C 279 -12.23 17.91 -14.54
CA LEU C 279 -13.44 17.13 -14.73
C LEU C 279 -13.07 15.66 -14.97
N PRO C 280 -13.50 14.78 -14.03
CA PRO C 280 -13.13 13.36 -14.11
C PRO C 280 -13.87 12.59 -15.22
N LEU C 281 -13.66 12.99 -16.48
CA LEU C 281 -14.12 12.21 -17.62
C LEU C 281 -13.09 11.14 -17.93
N LEU C 282 -13.46 9.89 -17.70
CA LEU C 282 -12.52 8.77 -17.89
C LEU C 282 -11.89 8.77 -19.28
N THR C 283 -10.59 8.47 -19.35
CA THR C 283 -9.83 8.62 -20.58
C THR C 283 -9.54 7.30 -21.31
N THR C 284 -9.62 6.18 -20.59
CA THR C 284 -9.33 4.87 -21.20
C THR C 284 -10.45 4.36 -22.12
N LYS C 285 -11.58 5.04 -22.07
CA LYS C 285 -12.71 4.80 -22.97
C LYS C 285 -13.51 6.08 -22.99
N ARG C 286 -13.91 6.52 -24.19
CA ARG C 286 -14.62 7.79 -24.35
C ARG C 286 -15.99 7.79 -23.64
N VAL C 287 -16.23 8.81 -22.84
CA VAL C 287 -17.55 9.01 -22.23
C VAL C 287 -18.42 9.93 -23.10
N PHE C 288 -19.67 9.55 -23.29
CA PHE C 288 -20.67 10.37 -24.00
C PHE C 288 -21.11 11.57 -23.15
N TRP C 289 -20.22 12.55 -23.05
CA TRP C 289 -20.42 13.73 -22.19
C TRP C 289 -21.66 14.53 -22.54
N ARG C 290 -21.94 14.66 -23.83
CA ARG C 290 -23.11 15.43 -24.26
C ARG C 290 -24.40 14.86 -23.66
N GLY C 291 -24.46 13.53 -23.56
CA GLY C 291 -25.55 12.83 -22.89
C GLY C 291 -25.50 12.99 -21.39
N VAL C 292 -24.30 12.95 -20.82
CA VAL C 292 -24.13 13.18 -19.38
C VAL C 292 -24.68 14.56 -19.01
N CYS C 293 -24.38 15.55 -19.84
CA CYS C 293 -24.76 16.92 -19.55
C CYS C 293 -26.26 17.15 -19.73
N GLU C 294 -26.82 16.68 -20.85
CA GLU C 294 -28.24 16.86 -21.15
C GLU C 294 -29.14 16.15 -20.15
N GLU C 295 -28.65 15.04 -19.60
CA GLU C 295 -29.43 14.28 -18.64
C GLU C 295 -29.43 14.95 -17.27
N LEU C 296 -28.29 15.48 -16.86
CA LEU C 296 -28.21 16.14 -15.56
C LEU C 296 -29.05 17.40 -15.49
N LEU C 297 -29.05 18.17 -16.58
CA LEU C 297 -29.86 19.38 -16.66
C LEU C 297 -31.34 19.01 -16.60
N TRP C 298 -31.67 17.91 -17.28
CA TRP C 298 -32.99 17.30 -17.25
C TRP C 298 -33.38 16.92 -15.83
N PHE C 299 -32.48 16.24 -15.10
CA PHE C 299 -32.69 15.94 -13.67
C PHE C 299 -32.98 17.20 -12.85
N LEU C 300 -32.04 18.15 -12.87
CA LEU C 300 -32.16 19.42 -12.13
C LEU C 300 -33.47 20.16 -12.40
N ARG C 301 -33.96 20.07 -13.64
CA ARG C 301 -35.23 20.68 -13.99
C ARG C 301 -36.44 19.97 -13.38
N GLY C 302 -36.24 18.76 -12.86
CA GLY C 302 -37.31 17.95 -12.25
C GLY C 302 -38.14 17.23 -13.30
N GLU C 303 -37.54 17.08 -14.47
CA GLU C 303 -38.21 16.54 -15.64
C GLU C 303 -38.44 15.03 -15.53
N THR C 304 -39.55 14.54 -16.11
CA THR C 304 -39.81 13.10 -16.16
C THR C 304 -40.15 12.64 -17.57
N TYR C 305 -40.31 13.59 -18.50
CA TYR C 305 -40.61 13.26 -19.89
C TYR C 305 -39.33 12.97 -20.68
N ALA C 306 -39.12 11.70 -21.03
CA ALA C 306 -37.86 11.26 -21.63
C ALA C 306 -37.70 11.64 -23.09
N LYS C 307 -38.79 12.10 -23.71
CA LYS C 307 -38.70 12.59 -25.09
C LYS C 307 -37.88 13.89 -25.18
N LYS C 308 -37.92 14.69 -24.12
CA LYS C 308 -37.12 15.90 -24.03
C LYS C 308 -35.62 15.62 -24.22
N LEU C 309 -35.23 14.38 -23.94
CA LEU C 309 -33.85 13.92 -24.15
C LEU C 309 -33.63 13.36 -25.55
N SER C 310 -34.52 12.49 -26.01
CA SER C 310 -34.39 11.90 -27.34
C SER C 310 -34.49 12.96 -28.44
N ASP C 311 -35.33 13.97 -28.20
CA ASP C 311 -35.42 15.15 -29.07
C ASP C 311 -34.08 15.86 -29.22
N LYS C 312 -33.22 15.73 -28.21
CA LYS C 312 -31.90 16.33 -28.24
C LYS C 312 -30.83 15.31 -28.69
N GLY C 313 -31.28 14.18 -29.21
CA GLY C 313 -30.37 13.18 -29.75
C GLY C 313 -29.71 12.34 -28.68
N VAL C 314 -30.27 12.36 -27.48
CA VAL C 314 -29.78 11.56 -26.36
C VAL C 314 -30.82 10.47 -26.10
N HIS C 315 -30.49 9.24 -26.48
CA HIS C 315 -31.44 8.14 -26.47
C HIS C 315 -31.24 7.12 -25.34
N ILE C 316 -30.57 7.56 -24.27
CA ILE C 316 -30.23 6.66 -23.16
C ILE C 316 -31.45 6.12 -22.42
N TRP C 317 -32.53 6.90 -22.38
CA TRP C 317 -33.76 6.49 -21.70
C TRP C 317 -34.77 5.84 -22.65
N ASP C 318 -34.36 5.61 -23.88
CA ASP C 318 -35.29 5.15 -24.91
C ASP C 318 -35.93 3.80 -24.60
N ASP C 319 -35.11 2.78 -24.36
CA ASP C 319 -35.61 1.46 -23.99
C ASP C 319 -36.59 1.56 -22.84
N ASN C 320 -36.13 2.15 -21.73
CA ASN C 320 -36.90 2.26 -20.49
C ASN C 320 -38.14 3.14 -20.56
N GLY C 321 -38.39 3.74 -21.72
CA GLY C 321 -39.51 4.65 -21.89
C GLY C 321 -40.53 4.21 -22.90
N SER C 322 -40.28 3.06 -23.53
CA SER C 322 -41.15 2.53 -24.60
C SER C 322 -42.46 1.94 -24.08
N ARG C 323 -43.50 1.97 -24.93
CA ARG C 323 -44.80 1.38 -24.60
C ARG C 323 -44.66 -0.02 -24.02
N ALA C 324 -43.83 -0.83 -24.66
CA ALA C 324 -43.57 -2.21 -24.25
C ALA C 324 -43.02 -2.26 -22.83
N PHE C 325 -41.99 -1.46 -22.56
CA PHE C 325 -41.33 -1.51 -21.25
C PHE C 325 -42.22 -1.00 -20.12
N LEU C 326 -42.91 0.12 -20.35
CA LEU C 326 -43.79 0.68 -19.32
C LEU C 326 -44.89 -0.32 -18.93
N ASP C 327 -45.47 -0.97 -19.93
CA ASP C 327 -46.42 -2.06 -19.70
C ASP C 327 -45.79 -3.23 -18.92
N SER C 328 -44.50 -3.48 -19.14
CA SER C 328 -43.81 -4.54 -18.43
C SER C 328 -43.60 -4.22 -16.95
N ARG C 329 -43.74 -2.96 -16.58
CA ARG C 329 -43.63 -2.57 -15.18
C ARG C 329 -45.00 -2.19 -14.60
N GLY C 330 -46.05 -2.48 -15.36
CA GLY C 330 -47.42 -2.22 -14.95
C GLY C 330 -47.84 -0.76 -15.04
N LEU C 331 -47.09 0.02 -15.81
CA LEU C 331 -47.34 1.45 -15.94
C LEU C 331 -48.15 1.75 -17.19
N THR C 332 -49.28 1.04 -17.29
CA THR C 332 -50.17 1.08 -18.43
C THR C 332 -50.83 2.45 -18.62
N GLU C 333 -50.84 3.27 -17.56
CA GLU C 333 -51.42 4.61 -17.61
C GLU C 333 -50.49 5.70 -18.17
N TYR C 334 -49.20 5.44 -18.16
CA TYR C 334 -48.25 6.43 -18.67
C TYR C 334 -48.24 6.45 -20.19
N GLU C 335 -48.14 7.65 -20.73
CA GLU C 335 -47.92 7.86 -22.15
C GLU C 335 -46.48 7.52 -22.46
N GLU C 336 -46.23 6.97 -23.65
CA GLU C 336 -44.88 6.59 -24.06
C GLU C 336 -43.88 7.71 -23.78
N MET C 337 -42.78 7.33 -23.10
CA MET C 337 -41.69 8.25 -22.71
C MET C 337 -41.94 9.00 -21.39
N ASP C 338 -43.12 8.82 -20.80
CA ASP C 338 -43.40 9.35 -19.47
C ASP C 338 -42.90 8.34 -18.44
N LEU C 339 -41.80 8.68 -17.78
CA LEU C 339 -41.09 7.74 -16.91
C LEU C 339 -41.62 7.64 -15.48
N GLY C 340 -42.57 8.48 -15.13
CA GLY C 340 -43.08 8.53 -13.74
C GLY C 340 -42.17 9.37 -12.86
N PRO C 341 -42.45 9.39 -11.54
CA PRO C 341 -41.72 10.25 -10.61
C PRO C 341 -40.29 9.83 -10.34
N VAL C 342 -39.49 9.69 -11.41
CA VAL C 342 -38.07 9.29 -11.30
C VAL C 342 -37.10 10.42 -10.92
N TYR C 343 -35.88 10.04 -10.54
CA TYR C 343 -34.77 10.96 -10.21
C TYR C 343 -35.14 12.42 -9.90
N GLY C 344 -34.96 13.30 -10.89
CA GLY C 344 -35.18 14.73 -10.74
C GLY C 344 -36.50 15.11 -10.10
N PHE C 345 -37.56 14.38 -10.41
CA PHE C 345 -38.85 14.63 -9.77
C PHE C 345 -38.74 14.54 -8.25
N GLN C 346 -37.99 13.55 -7.76
CA GLN C 346 -37.78 13.40 -6.33
C GLN C 346 -36.83 14.45 -5.78
N TRP C 347 -35.90 14.93 -6.61
CA TRP C 347 -34.95 15.98 -6.20
C TRP C 347 -35.65 17.30 -5.91
N ARG C 348 -36.72 17.56 -6.66
CA ARG C 348 -37.36 18.88 -6.67
C ARG C 348 -38.79 18.86 -6.11
N HIS C 349 -39.36 17.66 -5.99
CA HIS C 349 -40.75 17.47 -5.57
C HIS C 349 -40.91 16.21 -4.75
N PHE C 350 -39.95 15.92 -3.89
CA PHE C 350 -39.97 14.66 -3.15
C PHE C 350 -41.34 14.38 -2.54
N GLY C 351 -41.90 13.24 -2.91
CA GLY C 351 -43.12 12.73 -2.29
C GLY C 351 -44.37 13.42 -2.78
N ALA C 352 -44.24 14.22 -3.83
CA ALA C 352 -45.41 14.81 -4.48
C ALA C 352 -46.17 13.72 -5.22
N ALA C 353 -47.50 13.85 -5.24
CA ALA C 353 -48.36 12.90 -5.95
C ALA C 353 -48.17 13.09 -7.44
N TYR C 354 -47.83 12.00 -8.13
CA TYR C 354 -47.66 12.03 -9.57
C TYR C 354 -48.94 11.67 -10.31
N THR C 355 -49.14 12.30 -11.46
CA THR C 355 -50.23 11.96 -12.36
C THR C 355 -49.65 11.73 -13.73
N HIS C 356 -49.24 12.81 -14.40
CA HIS C 356 -48.51 12.72 -15.66
C HIS C 356 -47.44 13.80 -15.79
N HIS C 357 -46.55 13.64 -16.77
CA HIS C 357 -45.49 14.61 -17.03
C HIS C 357 -46.01 16.03 -17.37
N ASP C 358 -47.16 16.10 -18.05
CA ASP C 358 -47.79 17.37 -18.40
C ASP C 358 -48.06 18.22 -17.16
N ALA C 359 -48.63 17.57 -16.13
CA ALA C 359 -49.13 18.26 -14.95
C ALA C 359 -48.16 19.27 -14.33
N ASN C 360 -48.73 20.25 -13.62
CA ASN C 360 -47.95 21.31 -13.00
C ASN C 360 -47.62 21.00 -11.53
N TYR C 361 -46.35 20.69 -11.28
CA TYR C 361 -45.89 20.30 -9.95
C TYR C 361 -45.20 21.44 -9.19
N ASP C 362 -45.39 22.67 -9.68
CA ASP C 362 -44.86 23.86 -9.03
C ASP C 362 -45.21 23.88 -7.54
N GLY C 363 -44.18 23.96 -6.71
CA GLY C 363 -44.35 24.05 -5.27
C GLY C 363 -44.96 22.82 -4.64
N GLN C 364 -44.82 21.68 -5.31
CA GLN C 364 -45.34 20.40 -4.84
C GLN C 364 -44.20 19.50 -4.39
N GLY C 365 -44.39 18.79 -3.28
CA GLY C 365 -43.35 17.94 -2.70
C GLY C 365 -42.28 18.76 -1.99
N VAL C 366 -41.18 18.12 -1.62
CA VAL C 366 -40.06 18.85 -1.01
C VAL C 366 -39.01 19.16 -2.08
N ASP C 367 -38.67 20.43 -2.21
CA ASP C 367 -37.65 20.85 -3.17
C ASP C 367 -36.28 20.77 -2.49
N GLN C 368 -35.71 19.58 -2.53
CA GLN C 368 -34.47 19.28 -1.80
C GLN C 368 -33.28 20.09 -2.31
N ILE C 369 -33.16 20.23 -3.63
CA ILE C 369 -32.04 20.94 -4.22
C ILE C 369 -32.02 22.40 -3.77
N LYS C 370 -33.18 23.06 -3.82
CA LYS C 370 -33.30 24.44 -3.42
C LYS C 370 -32.90 24.60 -1.94
N ALA C 371 -33.35 23.68 -1.11
CA ALA C 371 -33.06 23.71 0.33
C ALA C 371 -31.56 23.67 0.60
N ILE C 372 -30.87 22.78 -0.10
CA ILE C 372 -29.42 22.61 0.04
C ILE C 372 -28.67 23.86 -0.40
N VAL C 373 -28.99 24.37 -1.59
CA VAL C 373 -28.43 25.63 -2.09
C VAL C 373 -28.55 26.74 -1.03
N GLU C 374 -29.74 26.91 -0.48
CA GLU C 374 -29.97 27.94 0.51
C GLU C 374 -29.17 27.70 1.80
N THR C 375 -29.11 26.46 2.25
CA THR C 375 -28.33 26.12 3.44
C THR C 375 -26.85 26.40 3.25
N LEU C 376 -26.29 25.83 2.18
CA LEU C 376 -24.88 26.01 1.81
C LEU C 376 -24.44 27.47 1.89
N LYS C 377 -25.33 28.37 1.51
CA LYS C 377 -25.02 29.80 1.52
C LYS C 377 -25.00 30.42 2.92
N THR C 378 -25.72 29.83 3.87
CA THR C 378 -25.87 30.40 5.21
C THR C 378 -25.13 29.63 6.31
N ASN C 379 -25.25 28.30 6.31
CA ASN C 379 -24.48 27.44 7.23
C ASN C 379 -23.75 26.33 6.48
N PRO C 380 -22.52 26.62 6.01
CA PRO C 380 -21.72 25.62 5.30
C PRO C 380 -21.38 24.41 6.17
N ASP C 381 -21.53 24.57 7.48
CA ASP C 381 -21.17 23.55 8.48
C ASP C 381 -22.26 22.50 8.69
N ASP C 382 -23.46 22.75 8.16
CA ASP C 382 -24.59 21.84 8.29
C ASP C 382 -24.25 20.40 7.85
N ARG C 383 -24.81 19.43 8.57
CA ARG C 383 -24.50 18.02 8.33
C ARG C 383 -25.73 17.29 7.81
N ARG C 384 -26.71 18.06 7.33
CA ARG C 384 -27.98 17.51 6.87
C ARG C 384 -28.23 17.83 5.40
N MET C 385 -27.23 18.42 4.75
CA MET C 385 -27.35 18.81 3.36
C MET C 385 -27.22 17.62 2.44
N LEU C 386 -28.26 16.80 2.38
CA LEU C 386 -28.29 15.73 1.42
C LEU C 386 -29.65 15.57 0.81
N PHE C 387 -29.67 15.19 -0.45
CA PHE C 387 -30.92 14.92 -1.14
C PHE C 387 -30.97 13.46 -1.57
N THR C 388 -32.20 12.94 -1.63
CA THR C 388 -32.43 11.55 -2.01
C THR C 388 -33.45 11.42 -3.14
N ALA C 389 -33.36 10.32 -3.88
CA ALA C 389 -34.35 9.96 -4.88
C ALA C 389 -35.00 8.62 -4.50
N TRP C 390 -34.49 8.02 -3.43
CA TRP C 390 -35.01 6.75 -2.94
C TRP C 390 -36.24 6.96 -2.07
N ASN C 391 -37.40 6.93 -2.71
CA ASN C 391 -38.68 7.09 -2.06
C ASN C 391 -39.52 5.82 -2.23
N PRO C 392 -39.49 4.92 -1.21
CA PRO C 392 -40.20 3.63 -1.19
C PRO C 392 -41.69 3.73 -1.53
N SER C 393 -42.32 4.85 -1.19
CA SER C 393 -43.72 5.07 -1.55
C SER C 393 -43.88 5.29 -3.04
N ALA C 394 -42.90 5.96 -3.65
CA ALA C 394 -42.97 6.31 -5.06
C ALA C 394 -42.40 5.25 -5.99
N LEU C 395 -41.50 4.40 -5.47
CA LEU C 395 -40.81 3.38 -6.27
C LEU C 395 -41.67 2.58 -7.27
N PRO C 396 -42.81 1.98 -6.82
CA PRO C 396 -43.57 1.13 -7.73
C PRO C 396 -44.12 1.88 -8.92
N ARG C 397 -44.08 3.21 -8.83
CA ARG C 397 -44.62 4.10 -9.87
C ARG C 397 -43.58 4.55 -10.90
N MET C 398 -42.29 4.37 -10.58
CA MET C 398 -41.20 4.78 -11.46
C MET C 398 -40.99 3.72 -12.54
N ALA C 399 -40.44 4.13 -13.68
CA ALA C 399 -40.11 3.18 -14.75
C ALA C 399 -38.97 2.29 -14.30
N LEU C 400 -38.15 2.84 -13.41
CA LEU C 400 -36.98 2.17 -12.90
C LEU C 400 -36.65 2.81 -11.58
N PRO C 401 -36.26 2.02 -10.56
CA PRO C 401 -35.78 2.66 -9.33
C PRO C 401 -34.41 3.30 -9.55
N PRO C 402 -34.06 4.31 -8.75
CA PRO C 402 -32.78 5.01 -8.89
C PRO C 402 -31.57 4.12 -8.57
N CYS C 403 -30.45 4.37 -9.25
CA CYS C 403 -29.16 3.75 -8.90
C CYS C 403 -28.37 4.71 -8.03
N HIS C 404 -28.09 5.89 -8.59
CA HIS C 404 -27.55 6.96 -7.81
C HIS C 404 -28.73 7.56 -7.10
N LEU C 405 -28.80 7.33 -5.80
CA LEU C 405 -30.03 7.57 -5.06
C LEU C 405 -29.85 8.53 -3.88
N LEU C 406 -28.60 8.79 -3.51
CA LEU C 406 -28.33 9.65 -2.36
C LEU C 406 -27.05 10.44 -2.58
N ALA C 407 -27.07 11.72 -2.23
CA ALA C 407 -25.89 12.55 -2.37
C ALA C 407 -25.77 13.52 -1.19
N GLN C 408 -24.58 13.57 -0.58
CA GLN C 408 -24.33 14.47 0.53
C GLN C 408 -23.33 15.56 0.14
N PHE C 409 -23.55 16.77 0.68
CA PHE C 409 -22.66 17.90 0.43
C PHE C 409 -21.88 18.30 1.67
N TYR C 410 -20.68 18.83 1.45
CA TYR C 410 -19.73 19.15 2.51
C TYR C 410 -18.88 20.31 2.05
N VAL C 411 -18.48 21.16 2.99
CA VAL C 411 -17.72 22.37 2.68
C VAL C 411 -16.51 22.54 3.60
N SER C 412 -15.34 22.76 3.02
CA SER C 412 -14.18 23.17 3.81
C SER C 412 -13.23 24.01 3.00
N ASN C 413 -12.77 25.10 3.62
CA ASN C 413 -11.94 26.11 2.97
C ASN C 413 -12.56 26.63 1.67
N GLY C 414 -13.85 26.94 1.75
CA GLY C 414 -14.59 27.47 0.61
C GLY C 414 -14.84 26.51 -0.54
N GLU C 415 -14.54 25.24 -0.32
CA GLU C 415 -14.71 24.26 -1.38
C GLU C 415 -15.95 23.40 -1.15
N LEU C 416 -16.68 23.11 -2.22
CA LEU C 416 -17.87 22.26 -2.14
C LEU C 416 -17.58 20.84 -2.58
N SER C 417 -17.68 19.91 -1.64
CA SER C 417 -17.46 18.50 -1.93
C SER C 417 -18.78 17.75 -1.94
N CYS C 418 -18.80 16.62 -2.62
CA CYS C 418 -20.02 15.86 -2.74
C CYS C 418 -19.80 14.36 -2.67
N MET C 419 -20.66 13.69 -1.92
CA MET C 419 -20.67 12.23 -1.80
C MET C 419 -21.83 11.66 -2.57
N LEU C 420 -21.56 10.66 -3.39
CA LEU C 420 -22.61 9.96 -4.10
C LEU C 420 -22.77 8.53 -3.57
N TYR C 421 -24.00 8.13 -3.25
CA TYR C 421 -24.26 6.72 -2.99
C TYR C 421 -25.00 6.08 -4.15
N GLN C 422 -24.41 5.02 -4.68
CA GLN C 422 -24.97 4.31 -5.81
C GLN C 422 -25.09 2.84 -5.45
N ARG C 423 -26.31 2.32 -5.48
CA ARG C 423 -26.59 0.96 -4.99
C ARG C 423 -26.12 -0.11 -5.96
N SER C 424 -26.16 0.21 -7.24
CA SER C 424 -25.88 -0.75 -8.28
C SER C 424 -25.12 -0.03 -9.39
N CYS C 425 -23.91 -0.47 -9.63
CA CYS C 425 -23.01 0.23 -10.51
C CYS C 425 -22.50 -0.72 -11.58
N ASP C 426 -23.02 -0.53 -12.79
CA ASP C 426 -22.45 -1.16 -13.98
C ASP C 426 -21.16 -0.41 -14.29
N MET C 427 -20.02 -1.11 -14.16
CA MET C 427 -18.70 -0.48 -14.26
C MET C 427 -18.37 -0.07 -15.68
N GLY C 428 -18.90 -0.80 -16.65
CA GLY C 428 -18.61 -0.59 -18.05
C GLY C 428 -19.13 0.73 -18.61
N LEU C 429 -20.40 1.02 -18.34
CA LEU C 429 -21.06 2.19 -18.89
C LEU C 429 -21.62 3.14 -17.84
N GLY C 430 -22.31 2.59 -16.85
CA GLY C 430 -22.96 3.40 -15.82
C GLY C 430 -22.00 4.25 -15.01
N VAL C 431 -20.95 3.63 -14.50
CA VAL C 431 -20.05 4.27 -13.54
C VAL C 431 -19.32 5.50 -14.09
N PRO C 432 -18.67 5.39 -15.27
CA PRO C 432 -17.98 6.57 -15.81
C PRO C 432 -18.95 7.73 -16.05
N PHE C 433 -20.17 7.40 -16.44
CA PHE C 433 -21.23 8.34 -16.75
C PHE C 433 -21.69 9.05 -15.48
N ASN C 434 -21.83 8.29 -14.40
CA ASN C 434 -22.28 8.83 -13.13
C ASN C 434 -21.24 9.67 -12.44
N ILE C 435 -19.96 9.33 -12.63
CA ILE C 435 -18.86 10.14 -12.14
C ILE C 435 -18.97 11.54 -12.77
N ALA C 436 -19.10 11.56 -14.10
CA ALA C 436 -19.26 12.78 -14.85
C ALA C 436 -20.46 13.60 -14.40
N SER C 437 -21.62 12.94 -14.25
CA SER C 437 -22.86 13.59 -13.80
C SER C 437 -22.70 14.36 -12.50
N TYR C 438 -22.19 13.69 -11.48
CA TYR C 438 -22.09 14.27 -10.16
C TYR C 438 -20.95 15.28 -10.06
N ALA C 439 -19.94 15.12 -10.92
CA ALA C 439 -18.96 16.18 -11.12
C ALA C 439 -19.67 17.45 -11.61
N LEU C 440 -20.41 17.33 -12.71
CA LEU C 440 -21.16 18.46 -13.25
C LEU C 440 -22.12 19.07 -12.23
N LEU C 441 -22.81 18.20 -11.50
CA LEU C 441 -23.74 18.63 -10.46
C LEU C 441 -23.03 19.43 -9.38
N THR C 442 -21.91 18.91 -8.88
CA THR C 442 -21.17 19.59 -7.82
C THR C 442 -20.70 20.97 -8.32
N ILE C 443 -20.18 21.01 -9.55
CA ILE C 443 -19.74 22.25 -10.19
C ILE C 443 -20.90 23.25 -10.23
N LEU C 444 -22.05 22.81 -10.74
CA LEU C 444 -23.22 23.69 -10.86
C LEU C 444 -23.72 24.23 -9.52
N ILE C 445 -23.79 23.36 -8.51
CA ILE C 445 -24.24 23.78 -7.17
C ILE C 445 -23.24 24.72 -6.50
N ALA C 446 -21.94 24.51 -6.77
CA ALA C 446 -20.88 25.41 -6.33
C ALA C 446 -21.09 26.81 -6.89
N LYS C 447 -21.40 26.89 -8.19
CA LYS C 447 -21.70 28.14 -8.87
C LYS C 447 -22.92 28.84 -8.27
N ALA C 448 -23.93 28.04 -7.89
CA ALA C 448 -25.18 28.54 -7.32
C ALA C 448 -25.02 29.07 -5.90
N THR C 449 -23.93 28.68 -5.25
CA THR C 449 -23.75 28.94 -3.83
C THR C 449 -22.52 29.79 -3.51
N GLY C 450 -21.80 30.19 -4.55
CA GLY C 450 -20.60 31.02 -4.40
C GLY C 450 -19.43 30.29 -3.77
N LEU C 451 -19.25 29.03 -4.16
CA LEU C 451 -18.15 28.21 -3.68
C LEU C 451 -17.34 27.66 -4.85
N ARG C 452 -16.13 27.18 -4.56
CA ARG C 452 -15.31 26.51 -5.56
C ARG C 452 -15.56 25.01 -5.48
N PRO C 453 -15.55 24.32 -6.63
CA PRO C 453 -15.64 22.86 -6.58
C PRO C 453 -14.51 22.22 -5.79
N GLY C 454 -14.84 21.18 -5.02
CA GLY C 454 -13.88 20.47 -4.18
C GLY C 454 -13.60 19.07 -4.68
N GLU C 455 -14.14 18.07 -3.97
CA GLU C 455 -13.94 16.66 -4.34
C GLU C 455 -15.27 15.97 -4.55
N LEU C 456 -15.27 14.95 -5.40
CA LEU C 456 -16.41 14.05 -5.53
C LEU C 456 -16.03 12.70 -4.95
N VAL C 457 -16.79 12.25 -3.96
CA VAL C 457 -16.59 10.92 -3.41
C VAL C 457 -17.72 10.03 -3.90
N HIS C 458 -17.34 8.90 -4.49
CA HIS C 458 -18.29 7.94 -5.04
C HIS C 458 -18.33 6.69 -4.15
N THR C 459 -19.51 6.36 -3.62
CA THR C 459 -19.71 5.11 -2.87
C THR C 459 -20.56 4.13 -3.69
N LEU C 460 -20.02 2.94 -3.90
CA LEU C 460 -20.64 1.91 -4.71
C LEU C 460 -21.12 0.78 -3.83
N GLY C 461 -22.33 0.30 -4.08
CA GLY C 461 -22.90 -0.81 -3.35
C GLY C 461 -22.50 -2.07 -4.06
N ASP C 462 -23.39 -2.58 -4.92
CA ASP C 462 -23.14 -3.75 -5.74
C ASP C 462 -22.48 -3.31 -7.05
N ALA C 463 -21.15 -3.36 -7.07
CA ALA C 463 -20.39 -2.96 -8.25
C ALA C 463 -20.13 -4.18 -9.12
N HIS C 464 -20.51 -4.10 -10.39
CA HIS C 464 -20.48 -5.26 -11.26
C HIS C 464 -19.98 -4.99 -12.68
N VAL C 465 -19.47 -6.04 -13.31
CA VAL C 465 -19.14 -6.03 -14.74
C VAL C 465 -19.93 -7.16 -15.38
N TYR C 466 -20.48 -6.91 -16.57
CA TYR C 466 -21.27 -7.92 -17.26
C TYR C 466 -20.39 -9.01 -17.87
N SER C 467 -20.83 -10.26 -17.76
CA SER C 467 -20.07 -11.42 -18.21
C SER C 467 -19.42 -11.21 -19.57
N ASN C 468 -20.18 -10.66 -20.51
CA ASN C 468 -19.68 -10.44 -21.87
C ASN C 468 -18.61 -9.34 -21.94
N HIS C 469 -18.78 -8.28 -21.16
CA HIS C 469 -17.82 -7.15 -21.12
C HIS C 469 -16.42 -7.51 -20.61
N VAL C 470 -16.20 -8.77 -20.22
CA VAL C 470 -14.94 -9.16 -19.57
C VAL C 470 -13.73 -9.08 -20.50
N GLU C 471 -13.87 -9.57 -21.72
CA GLU C 471 -12.78 -9.49 -22.71
C GLU C 471 -12.44 -8.05 -23.09
N PRO C 472 -13.46 -7.23 -23.46
CA PRO C 472 -13.17 -5.81 -23.70
C PRO C 472 -12.61 -5.06 -22.47
N CYS C 473 -13.06 -5.42 -21.27
CA CYS C 473 -12.54 -4.80 -20.05
C CYS C 473 -11.07 -5.12 -19.80
N ASN C 474 -10.66 -6.36 -20.07
CA ASN C 474 -9.26 -6.75 -19.95
C ASN C 474 -8.36 -6.05 -20.96
N GLU C 475 -8.92 -5.80 -22.14
CA GLU C 475 -8.31 -4.96 -23.17
C GLU C 475 -8.08 -3.56 -22.64
N GLN C 476 -9.14 -2.95 -22.13
CA GLN C 476 -9.09 -1.59 -21.62
C GLN C 476 -8.11 -1.44 -20.46
N LEU C 477 -7.95 -2.49 -19.67
CA LEU C 477 -7.02 -2.44 -18.52
C LEU C 477 -5.55 -2.33 -18.94
N LYS C 478 -5.27 -2.69 -20.19
CA LYS C 478 -3.95 -2.51 -20.80
C LYS C 478 -3.52 -1.04 -20.90
N ARG C 479 -4.48 -0.12 -20.88
CA ARG C 479 -4.23 1.29 -21.15
C ARG C 479 -3.80 2.10 -19.93
N VAL C 480 -2.72 2.86 -20.10
CA VAL C 480 -2.30 3.79 -19.06
C VAL C 480 -3.23 5.00 -19.12
N PRO C 481 -3.89 5.32 -18.00
CA PRO C 481 -4.80 6.47 -18.01
C PRO C 481 -4.09 7.78 -18.36
N ARG C 482 -4.81 8.68 -19.02
CA ARG C 482 -4.30 10.01 -19.36
C ARG C 482 -4.80 11.05 -18.38
N ALA C 483 -4.32 12.28 -18.53
CA ALA C 483 -4.77 13.41 -17.71
C ALA C 483 -6.22 13.74 -18.07
N PHE C 484 -6.98 14.16 -17.06
CA PHE C 484 -8.38 14.51 -17.25
C PHE C 484 -8.57 15.81 -18.05
N PRO C 485 -9.76 15.99 -18.65
CA PRO C 485 -10.12 17.25 -19.28
C PRO C 485 -10.53 18.32 -18.27
N TYR C 486 -10.99 19.46 -18.78
CA TYR C 486 -11.47 20.56 -17.94
C TYR C 486 -12.85 21.03 -18.38
N LEU C 487 -13.59 21.59 -17.43
CA LEU C 487 -14.88 22.20 -17.76
C LEU C 487 -14.77 23.71 -17.66
N VAL C 488 -15.18 24.39 -18.73
CA VAL C 488 -15.29 25.86 -18.72
C VAL C 488 -16.70 26.27 -19.09
N PHE C 489 -17.13 27.43 -18.59
CA PHE C 489 -18.45 27.97 -18.90
C PHE C 489 -18.34 29.21 -19.79
N ARG C 490 -18.71 29.05 -21.06
CA ARG C 490 -18.69 30.18 -22.01
C ARG C 490 -19.81 31.20 -21.73
N ARG C 491 -20.74 30.82 -20.87
CA ARG C 491 -21.94 31.60 -20.61
C ARG C 491 -22.50 31.28 -19.23
N GLU C 492 -23.09 32.27 -18.58
CA GLU C 492 -23.84 32.01 -17.34
C GLU C 492 -25.34 32.21 -17.58
N ARG C 493 -26.15 31.93 -16.56
CA ARG C 493 -27.60 32.09 -16.64
C ARG C 493 -28.09 32.72 -15.36
N GLU C 494 -29.25 33.36 -15.43
CA GLU C 494 -29.87 33.96 -14.26
C GLU C 494 -30.33 32.86 -13.29
N PHE C 495 -30.83 31.76 -13.84
CA PHE C 495 -31.35 30.65 -13.04
C PHE C 495 -30.63 29.34 -13.35
N LEU C 496 -30.57 28.47 -12.34
CA LEU C 496 -29.88 27.19 -12.46
C LEU C 496 -30.52 26.30 -13.52
N GLU C 497 -31.85 26.31 -13.57
CA GLU C 497 -32.62 25.48 -14.49
C GLU C 497 -32.56 25.99 -15.92
N ASP C 498 -31.94 27.15 -16.11
CA ASP C 498 -31.79 27.77 -17.43
C ASP C 498 -30.49 27.40 -18.13
N TYR C 499 -29.61 26.69 -17.43
CA TYR C 499 -28.36 26.23 -18.02
C TYR C 499 -28.58 25.22 -19.14
N GLU C 500 -27.71 25.29 -20.13
CA GLU C 500 -27.82 24.46 -21.33
C GLU C 500 -26.49 23.84 -21.64
N GLU C 501 -26.51 22.70 -22.34
CA GLU C 501 -25.30 21.99 -22.72
C GLU C 501 -24.35 22.91 -23.50
N GLY C 502 -24.93 23.77 -24.34
CA GLY C 502 -24.18 24.78 -25.07
C GLY C 502 -23.45 25.83 -24.24
N ASP C 503 -23.91 26.07 -23.01
CA ASP C 503 -23.29 27.07 -22.14
C ASP C 503 -21.92 26.64 -21.63
N MET C 504 -21.63 25.34 -21.74
CA MET C 504 -20.39 24.79 -21.18
C MET C 504 -19.60 23.95 -22.18
N GLU C 505 -18.28 23.91 -21.98
CA GLU C 505 -17.36 23.32 -22.91
C GLU C 505 -16.35 22.44 -22.18
N VAL C 506 -16.07 21.27 -22.76
CA VAL C 506 -15.05 20.37 -22.23
C VAL C 506 -13.80 20.47 -23.09
N ILE C 507 -12.76 21.08 -22.53
CA ILE C 507 -11.53 21.29 -23.28
C ILE C 507 -10.42 20.35 -22.84
N ASP C 508 -9.49 20.09 -23.75
CA ASP C 508 -8.35 19.22 -23.51
C ASP C 508 -8.72 17.78 -23.14
N TYR C 509 -9.79 17.28 -23.75
CA TYR C 509 -10.17 15.89 -23.60
C TYR C 509 -9.52 15.05 -24.69
N ALA C 510 -8.61 14.17 -24.28
CA ALA C 510 -7.87 13.32 -25.21
C ALA C 510 -8.02 11.81 -24.90
N PRO C 511 -9.24 11.26 -25.06
CA PRO C 511 -9.43 9.86 -24.69
C PRO C 511 -8.87 8.89 -25.74
N TYR C 512 -8.67 7.64 -25.32
CA TYR C 512 -8.15 6.59 -26.18
C TYR C 512 -9.19 6.19 -27.24
N PRO C 513 -8.74 5.61 -28.36
CA PRO C 513 -9.67 5.11 -29.38
C PRO C 513 -10.49 3.93 -28.83
N PRO C 514 -11.47 3.41 -29.59
CA PRO C 514 -12.16 2.23 -29.06
C PRO C 514 -11.58 0.88 -29.54
N ILE C 515 -11.71 -0.16 -28.72
CA ILE C 515 -11.67 -1.57 -29.22
C ILE C 515 -12.76 -2.40 -28.55
N MET D 1 41.62 -35.74 -4.91
CA MET D 1 40.82 -34.56 -4.51
C MET D 1 39.43 -34.94 -3.99
N SER D 2 39.39 -35.54 -2.81
CA SER D 2 38.14 -35.98 -2.21
C SER D 2 37.97 -35.45 -0.77
N LEU D 3 39.10 -35.14 -0.14
CA LEU D 3 39.12 -34.63 1.23
C LEU D 3 38.83 -33.13 1.26
N PHE D 4 38.72 -32.52 0.08
CA PHE D 4 38.42 -31.11 -0.05
C PHE D 4 36.93 -30.87 -0.26
N LYS D 5 36.17 -31.96 -0.32
CA LYS D 5 34.74 -31.88 -0.59
C LYS D 5 33.93 -31.64 0.68
N ILE D 6 32.65 -31.30 0.48
CA ILE D 6 31.70 -31.12 1.58
C ILE D 6 31.03 -32.45 1.83
N ARG D 7 31.11 -32.94 3.07
CA ARG D 7 30.45 -34.18 3.44
C ARG D 7 29.03 -33.89 3.93
N MET D 8 28.05 -34.55 3.31
CA MET D 8 26.64 -34.38 3.67
C MET D 8 26.34 -35.14 4.96
N PRO D 9 25.62 -34.50 5.90
CA PRO D 9 25.38 -35.13 7.20
C PRO D 9 24.34 -36.23 7.14
N GLU D 10 24.29 -37.04 8.19
CA GLU D 10 23.32 -38.14 8.38
C GLU D 10 21.87 -37.69 8.26
N THR D 11 21.61 -36.43 8.61
CA THR D 11 20.29 -35.81 8.43
C THR D 11 20.28 -34.97 7.15
N VAL D 12 20.11 -35.66 6.02
CA VAL D 12 20.15 -35.03 4.69
C VAL D 12 18.80 -35.11 3.99
N ALA D 13 18.17 -36.29 4.04
CA ALA D 13 16.88 -36.53 3.39
C ALA D 13 15.70 -35.89 4.15
N GLU D 14 15.78 -35.91 5.48
CA GLU D 14 14.74 -35.34 6.36
C GLU D 14 14.58 -33.83 6.19
N GLY D 15 15.66 -33.17 5.77
CA GLY D 15 15.63 -31.75 5.44
C GLY D 15 14.69 -31.44 4.30
N THR D 16 14.62 -32.32 3.31
CA THR D 16 13.82 -32.07 2.10
C THR D 16 12.87 -33.22 1.72
N ARG D 17 12.44 -34.00 2.71
CA ARG D 17 11.41 -35.02 2.52
C ARG D 17 10.04 -34.35 2.34
N LEU D 18 9.32 -34.72 1.29
CA LEU D 18 8.02 -34.14 0.98
C LEU D 18 6.92 -34.72 1.86
N ALA D 19 6.39 -33.91 2.77
CA ALA D 19 5.34 -34.33 3.70
C ALA D 19 4.02 -34.64 2.99
N LEU D 20 3.60 -33.74 2.10
CA LEU D 20 2.34 -33.88 1.35
C LEU D 20 2.57 -33.50 -0.10
N ARG D 21 1.89 -34.20 -1.00
CA ARG D 21 1.96 -33.91 -2.44
C ARG D 21 0.95 -32.83 -2.83
N ALA D 22 1.33 -31.95 -3.75
CA ALA D 22 0.42 -30.91 -4.23
C ALA D 22 -0.67 -31.51 -5.11
N PHE D 23 -1.87 -30.93 -5.04
CA PHE D 23 -3.02 -31.43 -5.77
C PHE D 23 -3.90 -30.30 -6.28
N SER D 24 -4.67 -30.60 -7.32
CA SER D 24 -5.73 -29.72 -7.80
C SER D 24 -7.06 -30.29 -7.36
N LEU D 25 -8.13 -29.52 -7.52
CA LEU D 25 -9.47 -29.95 -7.09
C LEU D 25 -10.44 -29.77 -8.24
N VAL D 26 -11.37 -30.72 -8.39
CA VAL D 26 -12.36 -30.69 -9.46
C VAL D 26 -13.76 -30.98 -8.91
N VAL D 27 -14.66 -30.02 -9.07
CA VAL D 27 -15.99 -30.10 -8.47
C VAL D 27 -17.08 -29.54 -9.38
N ALA D 28 -18.30 -30.05 -9.20
CA ALA D 28 -19.50 -29.47 -9.78
C ALA D 28 -20.39 -28.98 -8.64
N VAL D 29 -21.02 -27.82 -8.82
CA VAL D 29 -21.87 -27.21 -7.80
C VAL D 29 -23.08 -26.56 -8.46
N ASP D 30 -24.15 -26.35 -7.70
CA ASP D 30 -25.25 -25.51 -8.16
C ASP D 30 -25.04 -24.06 -7.71
N GLU D 31 -25.97 -23.18 -8.03
CA GLU D 31 -25.85 -21.76 -7.67
C GLU D 31 -25.90 -21.51 -6.15
N ARG D 32 -26.43 -22.46 -5.40
CA ARG D 32 -26.40 -22.40 -3.93
C ARG D 32 -25.16 -23.13 -3.38
N GLY D 33 -24.30 -23.60 -4.28
CA GLY D 33 -23.04 -24.24 -3.88
C GLY D 33 -23.15 -25.70 -3.47
N GLY D 34 -24.36 -26.25 -3.50
CA GLY D 34 -24.59 -27.65 -3.17
C GLY D 34 -23.95 -28.61 -4.15
N ILE D 35 -23.44 -29.73 -3.63
CA ILE D 35 -22.73 -30.70 -4.47
C ILE D 35 -23.45 -32.04 -4.61
N GLY D 36 -24.37 -32.31 -3.69
CA GLY D 36 -25.15 -33.54 -3.72
C GLY D 36 -25.91 -33.79 -2.42
N ASP D 37 -26.59 -34.93 -2.37
CA ASP D 37 -27.41 -35.31 -1.22
C ASP D 37 -26.66 -36.24 -0.25
N GLY D 38 -25.35 -36.37 -0.44
CA GLY D 38 -24.54 -37.31 0.34
C GLY D 38 -24.68 -38.74 -0.14
N ARG D 39 -25.50 -38.93 -1.17
CA ARG D 39 -25.78 -40.25 -1.75
C ARG D 39 -25.43 -40.26 -3.25
N SER D 40 -26.22 -39.55 -4.06
CA SER D 40 -25.99 -39.43 -5.51
C SER D 40 -25.76 -37.99 -5.96
N ILE D 41 -25.39 -37.83 -7.23
CA ILE D 41 -25.24 -36.52 -7.84
C ILE D 41 -26.58 -36.15 -8.53
N PRO D 42 -27.19 -35.01 -8.12
CA PRO D 42 -28.58 -34.70 -8.50
C PRO D 42 -28.81 -34.48 -10.00
N TRP D 43 -28.01 -33.61 -10.63
CA TRP D 43 -28.20 -33.18 -12.01
C TRP D 43 -27.51 -34.10 -13.02
N ASN D 44 -28.00 -34.08 -14.25
CA ASN D 44 -27.39 -34.83 -15.34
C ASN D 44 -26.91 -33.91 -16.45
N VAL D 45 -25.60 -33.63 -16.45
CA VAL D 45 -25.01 -32.71 -17.42
C VAL D 45 -23.78 -33.34 -18.12
N PRO D 46 -24.01 -33.99 -19.27
CA PRO D 46 -23.00 -34.75 -20.01
C PRO D 46 -21.74 -33.95 -20.34
N GLU D 47 -21.91 -32.64 -20.47
CA GLU D 47 -20.82 -31.74 -20.83
C GLU D 47 -19.86 -31.52 -19.67
N ASP D 48 -20.38 -31.62 -18.45
CA ASP D 48 -19.55 -31.64 -17.24
C ASP D 48 -18.77 -32.95 -17.14
N MET D 49 -19.42 -34.05 -17.48
CA MET D 49 -18.78 -35.36 -17.50
C MET D 49 -17.57 -35.36 -18.43
N LYS D 50 -17.73 -34.81 -19.63
CA LYS D 50 -16.64 -34.74 -20.61
C LYS D 50 -15.49 -33.88 -20.09
N PHE D 51 -15.83 -32.73 -19.52
CA PHE D 51 -14.83 -31.84 -18.93
C PHE D 51 -14.07 -32.58 -17.84
N PHE D 52 -14.83 -33.21 -16.92
CA PHE D 52 -14.25 -33.90 -15.78
C PHE D 52 -13.26 -34.98 -16.21
N ARG D 53 -13.63 -35.75 -17.23
CA ARG D 53 -12.78 -36.80 -17.73
C ARG D 53 -11.51 -36.21 -18.35
N ASP D 54 -11.67 -35.11 -19.08
CA ASP D 54 -10.54 -34.46 -19.75
C ASP D 54 -9.54 -33.85 -18.79
N VAL D 55 -10.02 -33.02 -17.86
CA VAL D 55 -9.16 -32.35 -16.89
C VAL D 55 -8.35 -33.36 -16.06
N THR D 56 -8.94 -34.53 -15.82
CA THR D 56 -8.30 -35.53 -14.96
C THR D 56 -7.45 -36.58 -15.71
N THR D 57 -7.66 -36.75 -17.00
CA THR D 57 -6.87 -37.76 -17.76
C THR D 57 -5.66 -37.16 -18.50
N LYS D 58 -5.87 -36.04 -19.17
CA LYS D 58 -4.84 -35.43 -20.02
C LYS D 58 -3.58 -35.04 -19.26
N LEU D 59 -2.42 -35.27 -19.89
CA LEU D 59 -1.11 -34.96 -19.29
C LEU D 59 -0.51 -33.70 -19.92
N ARG D 60 0.45 -33.10 -19.22
CA ARG D 60 1.03 -31.83 -19.63
C ARG D 60 1.52 -31.87 -21.08
N GLY D 61 2.46 -32.76 -21.38
CA GLY D 61 3.01 -32.90 -22.73
C GLY D 61 1.94 -33.37 -23.69
N LYS D 62 2.06 -32.99 -24.97
CA LYS D 62 1.01 -33.31 -25.95
C LYS D 62 1.08 -34.74 -26.48
N ASN D 63 -0.10 -35.36 -26.58
CA ASN D 63 -0.27 -36.73 -27.09
C ASN D 63 0.42 -37.85 -26.29
N VAL D 64 0.66 -37.58 -25.00
CA VAL D 64 1.26 -38.57 -24.11
C VAL D 64 0.20 -39.52 -23.57
N LYS D 65 0.30 -40.79 -23.95
CA LYS D 65 -0.61 -41.83 -23.48
C LYS D 65 -0.40 -42.09 -21.99
N PRO D 66 -1.47 -42.00 -21.18
CA PRO D 66 -1.38 -42.31 -19.76
C PRO D 66 -0.97 -43.76 -19.51
N SER D 67 0.04 -43.95 -18.65
CA SER D 67 0.58 -45.27 -18.32
C SER D 67 1.13 -45.28 -16.89
N PRO D 68 1.24 -46.47 -16.26
CA PRO D 68 1.86 -46.62 -14.95
C PRO D 68 3.11 -45.73 -14.74
N ALA D 69 3.92 -45.59 -15.80
CA ALA D 69 5.12 -44.77 -15.76
C ALA D 69 4.80 -43.29 -15.50
N LYS D 70 3.85 -42.74 -16.27
CA LYS D 70 3.42 -41.35 -16.10
C LYS D 70 1.91 -41.18 -16.38
N ARG D 71 1.17 -40.89 -15.33
CA ARG D 71 -0.28 -40.73 -15.40
C ARG D 71 -0.76 -39.79 -14.29
N ASN D 72 -2.02 -39.37 -14.35
CA ASN D 72 -2.61 -38.60 -13.26
C ASN D 72 -3.26 -39.51 -12.23
N ALA D 73 -3.48 -38.98 -11.03
CA ALA D 73 -4.19 -39.70 -9.96
C ALA D 73 -5.43 -38.93 -9.56
N VAL D 74 -6.51 -39.67 -9.29
CA VAL D 74 -7.73 -39.08 -8.75
C VAL D 74 -8.01 -39.66 -7.36
N VAL D 75 -8.14 -38.79 -6.38
CA VAL D 75 -8.39 -39.20 -5.00
C VAL D 75 -9.87 -38.97 -4.69
N MET D 76 -10.52 -39.96 -4.10
CA MET D 76 -11.95 -39.85 -3.80
C MET D 76 -12.35 -40.48 -2.47
N GLY D 77 -13.40 -39.96 -1.87
CA GLY D 77 -14.01 -40.57 -0.69
C GLY D 77 -14.78 -41.83 -1.07
N ARG D 78 -14.93 -42.74 -0.11
CA ARG D 78 -15.54 -44.03 -0.38
C ARG D 78 -16.95 -43.94 -0.95
N LYS D 79 -17.75 -43.03 -0.42
CA LYS D 79 -19.14 -42.88 -0.85
C LYS D 79 -19.24 -42.45 -2.32
N THR D 80 -18.27 -41.65 -2.76
CA THR D 80 -18.17 -41.22 -4.16
C THR D 80 -17.87 -42.41 -5.07
N TRP D 81 -16.96 -43.27 -4.62
CA TRP D 81 -16.62 -44.50 -5.33
C TRP D 81 -17.86 -45.37 -5.51
N ASP D 82 -18.71 -45.43 -4.48
CA ASP D 82 -19.97 -46.17 -4.52
C ASP D 82 -20.99 -45.56 -5.47
N SER D 83 -20.95 -44.24 -5.64
CA SER D 83 -21.89 -43.54 -6.51
C SER D 83 -21.59 -43.75 -8.00
N ILE D 84 -20.39 -44.26 -8.30
CA ILE D 84 -20.02 -44.62 -9.66
C ILE D 84 -20.49 -46.06 -9.93
N PRO D 85 -21.27 -46.27 -11.02
CA PRO D 85 -21.66 -47.62 -11.41
C PRO D 85 -20.43 -48.52 -11.58
N PRO D 86 -20.47 -49.71 -10.94
CA PRO D 86 -19.37 -50.68 -10.92
C PRO D 86 -18.78 -50.97 -12.31
N LYS D 87 -19.58 -50.81 -13.35
CA LYS D 87 -19.15 -51.00 -14.73
C LYS D 87 -18.06 -50.01 -15.14
N PHE D 88 -18.19 -48.77 -14.71
CA PHE D 88 -17.31 -47.68 -15.16
C PHE D 88 -16.14 -47.37 -14.22
N ARG D 89 -15.94 -48.24 -13.22
CA ARG D 89 -14.80 -48.10 -12.31
C ARG D 89 -13.85 -49.30 -12.42
N PRO D 90 -12.54 -49.08 -12.23
CA PRO D 90 -11.90 -47.80 -11.92
C PRO D 90 -11.90 -46.86 -13.13
N LEU D 91 -11.80 -45.56 -12.86
CA LEU D 91 -11.75 -44.58 -13.93
C LEU D 91 -10.50 -44.82 -14.78
N PRO D 92 -10.69 -45.17 -16.08
CA PRO D 92 -9.60 -45.50 -16.99
C PRO D 92 -8.63 -44.33 -17.20
N GLY D 93 -7.36 -44.67 -17.43
CA GLY D 93 -6.33 -43.68 -17.72
C GLY D 93 -5.76 -42.99 -16.50
N ARG D 94 -6.32 -43.25 -15.33
CA ARG D 94 -5.90 -42.59 -14.08
C ARG D 94 -5.72 -43.59 -12.94
N LEU D 95 -4.99 -43.17 -11.91
CA LEU D 95 -4.83 -43.97 -10.71
C LEU D 95 -5.94 -43.61 -9.71
N ASN D 96 -6.70 -44.61 -9.29
CA ASN D 96 -7.85 -44.38 -8.42
C ASN D 96 -7.52 -44.57 -6.95
N VAL D 97 -7.36 -43.46 -6.23
CA VAL D 97 -7.12 -43.47 -4.78
C VAL D 97 -8.44 -43.36 -4.01
N VAL D 98 -8.73 -44.34 -3.16
CA VAL D 98 -10.00 -44.34 -2.41
C VAL D 98 -9.79 -44.30 -0.90
N LEU D 99 -10.42 -43.31 -0.25
CA LEU D 99 -10.32 -43.15 1.20
C LEU D 99 -11.42 -43.95 1.91
N SER D 100 -10.99 -44.90 2.75
CA SER D 100 -11.91 -45.75 3.52
C SER D 100 -11.20 -46.44 4.69
N SER D 101 -11.92 -46.56 5.81
CA SER D 101 -11.40 -47.23 7.00
C SER D 101 -11.98 -48.62 7.18
N THR D 102 -12.84 -49.03 6.24
CA THR D 102 -13.50 -50.34 6.29
C THR D 102 -13.21 -51.18 5.04
N LEU D 103 -12.77 -50.53 3.96
CA LEU D 103 -12.49 -51.24 2.71
C LEU D 103 -11.03 -51.18 2.30
N THR D 104 -10.40 -52.34 2.22
CA THR D 104 -9.00 -52.47 1.83
C THR D 104 -8.85 -52.48 0.31
N THR D 105 -7.62 -52.38 -0.18
CA THR D 105 -7.32 -52.40 -1.62
C THR D 105 -7.97 -53.61 -2.29
N GLN D 106 -7.61 -54.80 -1.82
CA GLN D 106 -8.13 -56.06 -2.37
C GLN D 106 -9.65 -56.11 -2.35
N HIS D 107 -10.24 -55.56 -1.28
CA HIS D 107 -11.70 -55.49 -1.15
C HIS D 107 -12.36 -54.73 -2.29
N LEU D 108 -11.70 -53.67 -2.76
CA LEU D 108 -12.20 -52.86 -3.88
C LEU D 108 -12.17 -53.63 -5.20
N LEU D 109 -11.16 -54.49 -5.36
CA LEU D 109 -11.10 -55.40 -6.50
C LEU D 109 -12.22 -56.44 -6.47
N ASP D 110 -12.69 -56.79 -5.28
CA ASP D 110 -13.92 -57.58 -5.13
C ASP D 110 -15.09 -56.63 -5.38
N GLY D 111 -15.71 -56.78 -6.56
CA GLY D 111 -16.72 -55.84 -7.01
C GLY D 111 -16.44 -55.41 -8.44
N LEU D 112 -17.38 -55.74 -9.33
CA LEU D 112 -17.24 -55.56 -10.79
C LEU D 112 -16.22 -56.52 -11.37
N HIS D 121 -6.28 -58.58 -13.13
CA HIS D 121 -6.33 -57.55 -14.16
C HIS D 121 -5.07 -56.66 -14.12
N ALA D 122 -5.28 -55.36 -14.33
CA ALA D 122 -4.21 -54.37 -14.21
C ALA D 122 -4.34 -53.55 -12.92
N ASP D 123 -3.31 -52.79 -12.57
CA ASP D 123 -3.31 -52.00 -11.34
C ASP D 123 -3.55 -50.50 -11.54
N SER D 124 -4.63 -50.02 -10.91
CA SER D 124 -5.03 -48.63 -10.98
C SER D 124 -5.85 -48.25 -9.75
N ILE D 125 -5.74 -49.06 -8.70
CA ILE D 125 -6.53 -48.83 -7.48
C ILE D 125 -5.68 -49.01 -6.21
N VAL D 126 -5.76 -48.04 -5.31
CA VAL D 126 -5.18 -48.14 -3.98
C VAL D 126 -6.19 -47.59 -2.98
N ALA D 127 -6.38 -48.31 -1.88
CA ALA D 127 -7.17 -47.80 -0.77
C ALA D 127 -6.24 -47.08 0.22
N VAL D 128 -6.80 -46.12 0.95
CA VAL D 128 -6.04 -45.42 1.99
C VAL D 128 -6.87 -45.39 3.27
N ASN D 129 -6.31 -45.95 4.35
CA ASN D 129 -6.95 -45.89 5.66
C ASN D 129 -6.64 -44.53 6.30
N GLY D 130 -7.44 -43.53 5.95
CA GLY D 130 -7.24 -42.16 6.38
C GLY D 130 -7.89 -41.15 5.46
N GLY D 131 -7.69 -39.87 5.77
CA GLY D 131 -8.26 -38.78 4.97
C GLY D 131 -7.36 -38.35 3.84
N LEU D 132 -7.69 -37.20 3.26
CA LEU D 132 -6.95 -36.66 2.11
C LEU D 132 -5.48 -36.42 2.42
N GLU D 133 -5.19 -36.05 3.66
CA GLU D 133 -3.80 -35.80 4.05
C GLU D 133 -2.98 -37.08 3.90
N GLN D 134 -3.51 -38.18 4.43
CA GLN D 134 -2.86 -39.49 4.32
C GLN D 134 -2.62 -39.89 2.87
N ALA D 135 -3.63 -39.70 2.03
CA ALA D 135 -3.51 -39.94 0.60
C ALA D 135 -2.39 -39.10 -0.05
N LEU D 136 -2.34 -37.81 0.29
CA LEU D 136 -1.31 -36.90 -0.22
C LEU D 136 0.06 -37.25 0.32
N GLN D 137 0.05 -37.80 1.54
CA GLN D 137 1.26 -38.30 2.19
C GLN D 137 1.82 -39.50 1.44
N LEU D 138 0.95 -40.46 1.12
CA LEU D 138 1.32 -41.64 0.34
C LEU D 138 1.78 -41.28 -1.07
N LEU D 139 1.04 -40.39 -1.72
CA LEU D 139 1.37 -39.93 -3.07
C LEU D 139 2.67 -39.13 -3.09
N ALA D 140 3.13 -38.73 -1.92
CA ALA D 140 4.41 -38.03 -1.77
C ALA D 140 5.61 -38.99 -1.80
N SER D 141 5.37 -40.27 -1.52
CA SER D 141 6.43 -41.29 -1.56
C SER D 141 6.99 -41.50 -2.97
N PRO D 142 8.24 -42.03 -3.08
CA PRO D 142 8.92 -42.24 -4.37
C PRO D 142 8.09 -43.00 -5.42
N ASN D 143 7.39 -44.06 -4.98
CA ASN D 143 6.56 -44.88 -5.88
C ASN D 143 5.48 -44.12 -6.65
N TYR D 144 5.12 -42.93 -6.18
CA TYR D 144 4.09 -42.12 -6.80
C TYR D 144 4.62 -40.75 -7.26
N THR D 145 5.67 -40.27 -6.60
CA THR D 145 6.34 -39.04 -7.01
C THR D 145 7.71 -39.42 -7.58
N PRO D 146 8.00 -39.01 -8.84
CA PRO D 146 7.16 -38.18 -9.70
C PRO D 146 6.43 -38.96 -10.82
N SER D 147 6.15 -40.25 -10.61
CA SER D 147 5.43 -41.01 -11.63
C SER D 147 4.03 -40.45 -11.88
N ILE D 148 3.31 -40.13 -10.79
CA ILE D 148 2.02 -39.45 -10.90
C ILE D 148 2.24 -37.97 -11.19
N GLU D 149 1.79 -37.52 -12.36
CA GLU D 149 1.99 -36.15 -12.82
C GLU D 149 1.11 -35.16 -12.06
N THR D 150 -0.21 -35.31 -12.13
CA THR D 150 -1.10 -34.43 -11.38
C THR D 150 -2.09 -35.21 -10.50
N VAL D 151 -2.28 -34.73 -9.28
CA VAL D 151 -3.25 -35.32 -8.37
C VAL D 151 -4.52 -34.45 -8.39
N TYR D 152 -5.67 -35.10 -8.54
CA TYR D 152 -6.95 -34.44 -8.44
C TYR D 152 -7.78 -34.99 -7.31
N CYS D 153 -8.30 -34.10 -6.48
CA CYS D 153 -9.29 -34.46 -5.50
C CYS D 153 -10.65 -34.34 -6.18
N ILE D 154 -11.23 -35.48 -6.54
CA ILE D 154 -12.55 -35.51 -7.17
C ILE D 154 -13.68 -35.58 -6.12
N GLY D 155 -13.26 -35.70 -4.87
CA GLY D 155 -14.07 -35.30 -3.73
C GLY D 155 -15.05 -36.23 -3.06
N GLY D 156 -16.24 -35.69 -2.86
CA GLY D 156 -17.14 -36.09 -1.79
C GLY D 156 -17.01 -34.99 -0.76
N GLY D 157 -18.14 -34.50 -0.27
CA GLY D 157 -18.19 -33.38 0.68
C GLY D 157 -17.10 -33.32 1.74
N SER D 158 -16.93 -34.43 2.47
CA SER D 158 -15.94 -34.53 3.55
C SER D 158 -14.51 -34.41 3.04
N VAL D 159 -14.26 -34.88 1.81
CA VAL D 159 -12.94 -34.81 1.21
C VAL D 159 -12.62 -33.37 0.79
N TYR D 160 -13.57 -32.73 0.10
CA TYR D 160 -13.46 -31.32 -0.24
C TYR D 160 -13.20 -30.48 1.02
N ALA D 161 -13.98 -30.74 2.07
CA ALA D 161 -13.85 -30.04 3.34
C ALA D 161 -12.44 -30.12 3.90
N GLU D 162 -11.81 -31.29 3.74
CA GLU D 162 -10.44 -31.48 4.20
C GLU D 162 -9.46 -30.75 3.30
N ALA D 163 -9.75 -30.72 2.00
CA ALA D 163 -8.92 -30.03 1.03
C ALA D 163 -8.90 -28.52 1.24
N LEU D 164 -10.00 -27.97 1.73
CA LEU D 164 -10.14 -26.53 1.85
C LEU D 164 -9.77 -25.94 3.19
N ARG D 165 -9.05 -26.71 4.01
CA ARG D 165 -8.50 -26.21 5.26
C ARG D 165 -7.05 -26.69 5.42
N PRO D 166 -6.27 -26.04 6.30
CA PRO D 166 -4.95 -26.55 6.64
C PRO D 166 -5.02 -28.00 7.17
N PRO D 167 -3.95 -28.80 6.98
CA PRO D 167 -2.71 -28.47 6.26
C PRO D 167 -2.83 -28.59 4.74
N CYS D 168 -3.91 -29.20 4.26
CA CYS D 168 -4.05 -29.54 2.84
C CYS D 168 -4.23 -28.36 1.91
N VAL D 169 -4.93 -27.33 2.37
CA VAL D 169 -5.29 -26.20 1.52
C VAL D 169 -4.06 -25.46 0.99
N HIS D 170 -2.96 -25.56 1.74
CA HIS D 170 -1.72 -24.93 1.34
C HIS D 170 -1.01 -25.72 0.25
N LEU D 171 -1.55 -26.88 -0.09
CA LEU D 171 -1.05 -27.69 -1.21
C LEU D 171 -2.02 -27.65 -2.39
N LEU D 172 -3.14 -26.95 -2.23
CA LEU D 172 -4.14 -26.86 -3.28
C LEU D 172 -3.75 -25.85 -4.36
N GLN D 173 -3.52 -26.35 -5.57
CA GLN D 173 -2.91 -25.57 -6.65
C GLN D 173 -3.92 -24.94 -7.60
N ALA D 174 -5.01 -25.64 -7.88
CA ALA D 174 -6.07 -25.12 -8.76
C ALA D 174 -7.42 -25.67 -8.37
N ILE D 175 -8.47 -24.89 -8.62
CA ILE D 175 -9.85 -25.36 -8.52
C ILE D 175 -10.49 -25.31 -9.90
N TYR D 176 -11.01 -26.45 -10.34
CA TYR D 176 -11.77 -26.54 -11.57
C TYR D 176 -13.21 -26.76 -11.19
N ARG D 177 -13.99 -25.69 -11.22
CA ARG D 177 -15.36 -25.74 -10.76
C ARG D 177 -16.32 -25.59 -11.92
N THR D 178 -17.30 -26.48 -11.98
CA THR D 178 -18.41 -26.38 -12.90
C THR D 178 -19.61 -25.90 -12.10
N THR D 179 -20.28 -24.86 -12.58
CA THR D 179 -21.50 -24.40 -11.93
C THR D 179 -22.67 -24.81 -12.80
N ILE D 180 -23.59 -25.57 -12.21
CA ILE D 180 -24.83 -25.96 -12.86
C ILE D 180 -25.91 -25.01 -12.39
N ARG D 181 -26.51 -24.30 -13.34
CA ARG D 181 -27.52 -23.32 -13.00
C ARG D 181 -28.88 -23.99 -12.76
N ALA D 182 -28.98 -24.57 -11.57
CA ALA D 182 -30.20 -25.16 -11.06
C ALA D 182 -30.17 -25.01 -9.52
N SER D 183 -31.32 -25.19 -8.88
CA SER D 183 -31.43 -25.09 -7.41
C SER D 183 -32.50 -26.02 -6.89
N GLU D 184 -32.30 -26.50 -5.66
CA GLU D 184 -33.28 -27.35 -4.96
C GLU D 184 -32.84 -27.59 -3.52
N SER D 185 -33.81 -27.73 -2.62
CA SER D 185 -33.55 -28.12 -1.23
C SER D 185 -33.12 -29.59 -1.13
N SER D 186 -32.90 -30.23 -2.27
CA SER D 186 -32.44 -31.62 -2.34
C SER D 186 -30.93 -31.76 -2.12
N CYS D 187 -30.24 -30.63 -1.95
CA CYS D 187 -28.79 -30.62 -1.69
C CYS D 187 -28.45 -30.42 -0.21
N SER D 188 -27.86 -31.45 0.39
CA SER D 188 -27.42 -31.39 1.78
C SER D 188 -25.95 -30.95 1.90
N VAL D 189 -25.07 -31.62 1.16
CA VAL D 189 -23.62 -31.33 1.18
C VAL D 189 -23.29 -30.12 0.29
N PHE D 190 -22.39 -29.25 0.78
CA PHE D 190 -22.09 -27.97 0.12
C PHE D 190 -20.60 -27.75 -0.12
N PHE D 191 -20.29 -26.99 -1.17
CA PHE D 191 -18.91 -26.60 -1.47
C PHE D 191 -18.77 -25.10 -1.68
N ARG D 192 -18.00 -24.45 -0.83
CA ARG D 192 -17.79 -23.01 -0.92
C ARG D 192 -16.32 -22.63 -0.84
N VAL D 193 -15.87 -21.86 -1.82
CA VAL D 193 -14.51 -21.32 -1.83
C VAL D 193 -14.44 -20.10 -0.90
N PRO D 194 -13.52 -20.12 0.09
CA PRO D 194 -13.39 -19.01 1.04
C PRO D 194 -12.99 -17.70 0.35
N GLU D 195 -13.68 -16.62 0.70
CA GLU D 195 -13.38 -15.32 0.10
C GLU D 195 -12.10 -14.72 0.64
N SER D 196 -11.48 -13.89 -0.19
CA SER D 196 -10.21 -13.26 0.12
C SER D 196 -10.23 -12.55 1.47
N GLY D 197 -9.21 -12.84 2.29
CA GLY D 197 -9.01 -12.17 3.56
C GLY D 197 -9.98 -12.57 4.65
N THR D 198 -10.60 -13.73 4.51
CA THR D 198 -11.46 -14.28 5.57
C THR D 198 -10.69 -15.33 6.38
N GLU D 199 -11.20 -15.68 7.55
CA GLU D 199 -10.55 -16.69 8.39
C GLU D 199 -10.49 -18.04 7.69
N ALA D 200 -11.61 -18.45 7.10
CA ALA D 200 -11.69 -19.74 6.39
C ALA D 200 -10.68 -19.84 5.23
N ALA D 201 -10.26 -18.68 4.72
CA ALA D 201 -9.35 -18.61 3.58
C ALA D 201 -7.92 -18.95 3.99
N ALA D 202 -7.69 -19.00 5.31
CA ALA D 202 -6.38 -19.31 5.89
C ALA D 202 -5.23 -18.60 5.18
N GLY D 203 -5.46 -17.34 4.81
CA GLY D 203 -4.44 -16.53 4.18
C GLY D 203 -4.41 -16.59 2.67
N ILE D 204 -5.04 -17.61 2.09
CA ILE D 204 -5.05 -17.74 0.64
C ILE D 204 -6.03 -16.73 0.02
N GLU D 205 -5.69 -16.23 -1.17
CA GLU D 205 -6.59 -15.35 -1.92
C GLU D 205 -6.84 -15.97 -3.30
N TRP D 206 -7.99 -16.60 -3.46
CA TRP D 206 -8.34 -17.23 -4.72
C TRP D 206 -8.63 -16.21 -5.80
N GLN D 207 -7.86 -16.29 -6.89
CA GLN D 207 -8.09 -15.49 -8.09
C GLN D 207 -8.83 -16.34 -9.11
N ARG D 208 -9.63 -15.69 -9.95
CA ARG D 208 -10.20 -16.34 -11.11
C ARG D 208 -9.18 -16.28 -12.25
N GLU D 209 -8.71 -17.43 -12.71
CA GLU D 209 -7.85 -17.47 -13.89
C GLU D 209 -8.68 -17.35 -15.16
N THR D 210 -9.71 -18.19 -15.28
CA THR D 210 -10.58 -18.19 -16.45
C THR D 210 -12.02 -18.46 -16.06
N ILE D 211 -12.95 -17.96 -16.87
CA ILE D 211 -14.35 -18.28 -16.77
C ILE D 211 -14.87 -18.48 -18.18
N SER D 212 -15.73 -19.48 -18.37
CA SER D 212 -16.30 -19.75 -19.67
C SER D 212 -17.56 -18.94 -19.82
N GLU D 213 -18.03 -18.78 -21.05
CA GLU D 213 -19.32 -18.18 -21.25
C GLU D 213 -20.38 -19.19 -20.85
N GLU D 214 -21.57 -18.71 -20.53
CA GLU D 214 -22.66 -19.59 -20.16
C GLU D 214 -23.00 -20.48 -21.33
N LEU D 215 -22.93 -21.78 -21.11
CA LEU D 215 -23.24 -22.76 -22.14
C LEU D 215 -24.58 -23.40 -21.80
N THR D 216 -25.23 -24.01 -22.79
CA THR D 216 -26.47 -24.77 -22.57
C THR D 216 -26.19 -26.26 -22.72
N SER D 217 -26.73 -27.06 -21.80
CA SER D 217 -26.53 -28.50 -21.82
C SER D 217 -27.55 -29.19 -22.70
N ALA D 218 -27.06 -30.04 -23.60
CA ALA D 218 -27.93 -30.89 -24.40
C ALA D 218 -28.33 -32.12 -23.57
N ASN D 219 -29.16 -31.89 -22.56
CA ASN D 219 -29.64 -32.95 -21.70
C ASN D 219 -31.15 -33.04 -21.68
N GLY D 220 -31.80 -32.36 -22.63
CA GLY D 220 -33.25 -32.33 -22.71
C GLY D 220 -33.93 -31.31 -21.80
N ASN D 221 -33.16 -30.77 -20.85
CA ASN D 221 -33.68 -29.81 -19.87
C ASN D 221 -33.22 -28.38 -20.15
N GLU D 222 -32.40 -28.22 -21.19
CA GLU D 222 -31.87 -26.90 -21.60
C GLU D 222 -31.09 -26.20 -20.47
N THR D 223 -30.46 -26.99 -19.59
CA THR D 223 -29.74 -26.47 -18.43
C THR D 223 -28.53 -25.62 -18.81
N LYS D 224 -28.42 -24.46 -18.17
CA LYS D 224 -27.25 -23.60 -18.30
C LYS D 224 -26.15 -24.09 -17.36
N TYR D 225 -24.90 -23.82 -17.73
CA TYR D 225 -23.74 -24.15 -16.89
C TYR D 225 -22.52 -23.37 -17.38
N TYR D 226 -21.47 -23.34 -16.57
CA TYR D 226 -20.19 -22.75 -16.96
C TYR D 226 -19.03 -23.31 -16.15
N PHE D 227 -17.82 -23.12 -16.66
CA PHE D 227 -16.59 -23.59 -16.01
C PHE D 227 -15.75 -22.42 -15.51
N GLU D 228 -15.06 -22.63 -14.39
CA GLU D 228 -14.12 -21.64 -13.87
C GLU D 228 -12.88 -22.35 -13.39
N LYS D 229 -11.72 -21.74 -13.63
CA LYS D 229 -10.48 -22.21 -13.05
C LYS D 229 -10.06 -21.15 -12.04
N LEU D 230 -9.97 -21.56 -10.79
CA LEU D 230 -9.52 -20.68 -9.74
C LEU D 230 -8.11 -21.07 -9.33
N ILE D 231 -7.30 -20.07 -9.00
CA ILE D 231 -5.92 -20.32 -8.58
C ILE D 231 -5.58 -19.49 -7.35
N PRO D 232 -4.64 -19.98 -6.51
CA PRO D 232 -4.28 -19.22 -5.32
C PRO D 232 -3.29 -18.11 -5.66
N ARG D 233 -3.64 -16.88 -5.29
CA ARG D 233 -2.86 -15.70 -5.67
C ARG D 233 -1.38 -15.80 -5.33
N ASN D 234 -0.53 -15.62 -6.35
CA ASN D 234 0.92 -15.76 -6.18
C ASN D 234 1.61 -14.40 -6.10
N ARG D 235 1.55 -13.80 -4.91
CA ARG D 235 2.14 -12.50 -4.65
C ARG D 235 3.65 -12.45 -4.92
N GLU D 236 4.34 -13.55 -4.63
CA GLU D 236 5.78 -13.61 -4.86
C GLU D 236 6.15 -13.32 -6.32
N GLU D 237 5.47 -13.98 -7.25
CA GLU D 237 5.71 -13.73 -8.67
C GLU D 237 5.19 -12.36 -9.10
N GLU D 238 4.17 -11.87 -8.41
CA GLU D 238 3.64 -10.53 -8.68
C GLU D 238 4.66 -9.46 -8.32
N GLN D 239 5.47 -9.71 -7.29
CA GLN D 239 6.62 -8.85 -6.97
C GLN D 239 7.40 -8.58 -8.25
N TYR D 240 7.86 -9.66 -8.87
CA TYR D 240 8.61 -9.62 -10.11
C TYR D 240 7.86 -8.92 -11.23
N LEU D 241 6.63 -9.38 -11.51
CA LEU D 241 5.80 -8.76 -12.54
C LEU D 241 5.64 -7.24 -12.34
N SER D 242 5.44 -6.82 -11.09
CA SER D 242 5.32 -5.41 -10.77
C SER D 242 6.58 -4.64 -11.14
N LEU D 243 7.73 -5.24 -10.85
CA LEU D 243 9.00 -4.58 -11.09
C LEU D 243 9.19 -4.34 -12.58
N VAL D 244 8.92 -5.37 -13.39
CA VAL D 244 8.95 -5.27 -14.84
C VAL D 244 8.02 -4.15 -15.34
N ASP D 245 6.78 -4.15 -14.87
CA ASP D 245 5.85 -3.09 -15.20
C ASP D 245 6.36 -1.69 -14.80
N ARG D 246 7.03 -1.59 -13.65
CA ARG D 246 7.55 -0.32 -13.20
C ARG D 246 8.72 0.15 -14.08
N ILE D 247 9.51 -0.82 -14.54
CA ILE D 247 10.67 -0.56 -15.39
C ILE D 247 10.26 0.01 -16.76
N ILE D 248 9.28 -0.63 -17.39
CA ILE D 248 8.72 -0.18 -18.68
C ILE D 248 8.11 1.22 -18.53
N ARG D 249 7.32 1.40 -17.48
CA ARG D 249 6.59 2.66 -17.25
C ARG D 249 7.47 3.83 -16.84
N GLU D 250 8.37 3.59 -15.89
CA GLU D 250 9.12 4.65 -15.23
C GLU D 250 10.63 4.57 -15.42
N GLY D 251 11.12 3.49 -15.99
CA GLY D 251 12.57 3.26 -16.09
C GLY D 251 13.32 4.22 -16.98
N ASN D 252 14.63 4.30 -16.78
CA ASN D 252 15.50 5.14 -17.60
C ASN D 252 16.04 4.40 -18.81
N VAL D 253 16.11 5.08 -19.96
CA VAL D 253 16.73 4.52 -21.16
C VAL D 253 18.23 4.50 -20.95
N LYS D 254 18.82 3.31 -21.08
CA LYS D 254 20.27 3.15 -21.00
C LYS D 254 20.75 2.25 -22.14
N HIS D 255 22.05 2.28 -22.39
CA HIS D 255 22.64 1.43 -23.41
C HIS D 255 23.81 0.64 -22.89
N ASP D 256 23.72 -0.69 -22.98
CA ASP D 256 24.81 -1.56 -22.53
C ASP D 256 26.00 -1.57 -23.50
N ARG D 257 27.04 -2.33 -23.15
CA ARG D 257 28.35 -2.29 -23.82
C ARG D 257 28.27 -2.36 -25.33
N THR D 258 27.49 -3.31 -25.85
CA THR D 258 27.30 -3.47 -27.29
C THR D 258 26.75 -2.19 -27.93
N GLY D 259 25.71 -1.63 -27.32
CA GLY D 259 25.04 -0.43 -27.80
C GLY D 259 23.54 -0.63 -27.85
N VAL D 260 23.11 -1.79 -27.36
CA VAL D 260 21.69 -2.17 -27.32
C VAL D 260 20.94 -1.35 -26.26
N GLY D 261 19.72 -0.94 -26.58
CA GLY D 261 18.89 -0.15 -25.67
C GLY D 261 18.34 -0.94 -24.51
N THR D 262 18.04 -0.23 -23.42
CA THR D 262 17.60 -0.88 -22.19
C THR D 262 16.76 0.12 -21.38
N LEU D 263 15.74 -0.38 -20.70
CA LEU D 263 15.00 0.42 -19.71
C LEU D 263 15.44 -0.03 -18.32
N SER D 264 15.78 0.92 -17.47
CA SER D 264 16.52 0.60 -16.25
C SER D 264 15.99 1.31 -15.00
N ILE D 265 16.02 0.57 -13.90
CA ILE D 265 15.70 1.10 -12.58
C ILE D 265 16.83 0.71 -11.62
N PHE D 266 17.01 1.47 -10.53
CA PHE D 266 18.13 1.20 -9.62
C PHE D 266 17.73 0.95 -8.18
N GLY D 267 18.01 -0.27 -7.70
CA GLY D 267 17.77 -0.65 -6.32
C GLY D 267 16.40 -1.24 -6.10
N ALA D 268 16.35 -2.52 -5.75
CA ALA D 268 15.08 -3.22 -5.55
C ALA D 268 15.31 -4.48 -4.71
N GLN D 269 14.24 -5.01 -4.13
CA GLN D 269 14.33 -6.21 -3.28
C GLN D 269 13.08 -7.07 -3.39
N MET D 270 13.27 -8.39 -3.48
CA MET D 270 12.16 -9.36 -3.57
C MET D 270 12.40 -10.53 -2.61
N ARG D 271 11.32 -11.16 -2.12
CA ARG D 271 11.42 -12.33 -1.25
C ARG D 271 10.70 -13.54 -1.83
N PHE D 272 11.24 -14.73 -1.56
CA PHE D 272 10.60 -15.98 -1.99
C PHE D 272 10.73 -17.06 -0.91
N SER D 273 9.59 -17.62 -0.49
CA SER D 273 9.59 -18.68 0.52
C SER D 273 10.10 -19.98 -0.10
N LEU D 274 10.99 -20.64 0.62
CA LEU D 274 11.53 -21.93 0.20
C LEU D 274 10.98 -23.07 1.07
N ARG D 275 10.08 -22.71 1.98
CA ARG D 275 9.48 -23.65 2.93
C ARG D 275 8.74 -24.80 2.25
N ASN D 276 8.74 -25.95 2.93
CA ASN D 276 7.98 -27.14 2.50
C ASN D 276 8.17 -27.46 1.02
N ASN D 277 9.43 -27.60 0.62
CA ASN D 277 9.80 -28.01 -0.73
C ASN D 277 9.37 -27.04 -1.84
N ARG D 278 9.03 -25.80 -1.49
CA ARG D 278 8.50 -24.83 -2.46
C ARG D 278 9.61 -24.20 -3.28
N LEU D 279 9.49 -24.26 -4.61
CA LEU D 279 10.51 -23.72 -5.51
C LEU D 279 9.98 -22.55 -6.36
N PRO D 280 10.58 -21.36 -6.22
CA PRO D 280 10.12 -20.17 -6.94
C PRO D 280 10.50 -20.17 -8.42
N LEU D 281 10.02 -21.16 -9.17
CA LEU D 281 10.17 -21.17 -10.62
C LEU D 281 9.01 -20.42 -11.25
N LEU D 282 9.29 -19.33 -11.95
CA LEU D 282 8.25 -18.44 -12.47
C LEU D 282 7.29 -19.15 -13.42
N THR D 283 6.00 -18.85 -13.29
CA THR D 283 4.95 -19.55 -14.02
C THR D 283 4.43 -18.80 -15.26
N THR D 284 4.66 -17.49 -15.31
CA THR D 284 4.15 -16.69 -16.43
C THR D 284 5.01 -16.81 -17.69
N LYS D 285 6.20 -17.39 -17.54
CA LYS D 285 7.07 -17.76 -18.66
C LYS D 285 7.99 -18.86 -18.16
N ARG D 286 7.89 -20.03 -18.78
CA ARG D 286 8.67 -21.20 -18.37
C ARG D 286 10.18 -20.92 -18.29
N VAL D 287 10.79 -21.32 -17.17
CA VAL D 287 12.22 -21.16 -16.96
C VAL D 287 12.94 -22.47 -17.37
N PHE D 288 14.14 -22.33 -17.91
CA PHE D 288 14.96 -23.48 -18.29
C PHE D 288 15.65 -24.11 -17.06
N TRP D 289 14.87 -24.90 -16.32
CA TRP D 289 15.29 -25.48 -15.05
C TRP D 289 16.49 -26.39 -15.18
N ARG D 290 16.50 -27.23 -16.22
CA ARG D 290 17.58 -28.18 -16.39
C ARG D 290 18.92 -27.47 -16.44
N GLY D 291 18.96 -26.36 -17.17
CA GLY D 291 20.15 -25.52 -17.24
C GLY D 291 20.45 -24.82 -15.93
N VAL D 292 19.41 -24.32 -15.25
CA VAL D 292 19.54 -23.73 -13.93
C VAL D 292 20.26 -24.70 -13.01
N CYS D 293 19.74 -25.92 -12.96
CA CYS D 293 20.27 -27.00 -12.13
C CYS D 293 21.71 -27.37 -12.50
N GLU D 294 21.98 -27.52 -13.80
CA GLU D 294 23.30 -27.93 -14.28
C GLU D 294 24.38 -26.89 -13.98
N GLU D 295 24.02 -25.62 -14.10
CA GLU D 295 24.96 -24.52 -13.91
C GLU D 295 25.32 -24.35 -12.44
N LEU D 296 24.33 -24.45 -11.56
CA LEU D 296 24.60 -24.31 -10.13
C LEU D 296 25.56 -25.39 -9.66
N LEU D 297 25.29 -26.63 -10.05
CA LEU D 297 26.15 -27.76 -9.69
C LEU D 297 27.57 -27.53 -10.24
N TRP D 298 27.63 -27.03 -11.47
CA TRP D 298 28.87 -26.60 -12.09
C TRP D 298 29.57 -25.49 -11.29
N PHE D 299 28.81 -24.54 -10.77
CA PHE D 299 29.36 -23.51 -9.87
C PHE D 299 29.92 -24.12 -8.60
N LEU D 300 29.07 -24.85 -7.87
CA LEU D 300 29.42 -25.46 -6.59
C LEU D 300 30.71 -26.27 -6.65
N ARG D 301 30.96 -26.88 -7.79
CA ARG D 301 32.16 -27.67 -8.01
C ARG D 301 33.40 -26.83 -8.30
N GLY D 302 33.22 -25.51 -8.37
CA GLY D 302 34.29 -24.58 -8.71
C GLY D 302 34.76 -24.74 -10.15
N GLU D 303 33.86 -25.17 -11.03
CA GLU D 303 34.21 -25.51 -12.39
C GLU D 303 34.32 -24.28 -13.29
N THR D 304 35.30 -24.25 -14.17
CA THR D 304 35.47 -23.12 -15.09
C THR D 304 35.46 -23.51 -16.58
N TYR D 305 35.41 -24.82 -16.86
CA TYR D 305 35.31 -25.32 -18.21
C TYR D 305 33.85 -25.37 -18.63
N ALA D 306 33.51 -24.56 -19.63
CA ALA D 306 32.12 -24.41 -20.07
C ALA D 306 31.63 -25.61 -20.87
N LYS D 307 32.55 -26.29 -21.55
CA LYS D 307 32.23 -27.49 -22.32
C LYS D 307 31.45 -28.53 -21.48
N LYS D 308 31.71 -28.57 -20.16
CA LYS D 308 31.03 -29.48 -19.25
C LYS D 308 29.53 -29.24 -19.18
N LEU D 309 29.12 -28.02 -19.48
CA LEU D 309 27.72 -27.66 -19.60
C LEU D 309 27.23 -27.90 -21.02
N SER D 310 28.05 -27.47 -21.98
CA SER D 310 27.77 -27.68 -23.40
C SER D 310 27.51 -29.15 -23.69
N ASP D 311 28.38 -30.01 -23.16
CA ASP D 311 28.26 -31.47 -23.27
C ASP D 311 26.91 -31.99 -22.78
N LYS D 312 26.43 -31.44 -21.67
CA LYS D 312 25.13 -31.83 -21.12
C LYS D 312 23.97 -31.08 -21.76
N GLY D 313 24.22 -30.48 -22.93
CA GLY D 313 23.18 -29.77 -23.67
C GLY D 313 22.75 -28.43 -23.09
N VAL D 314 23.60 -27.83 -22.26
CA VAL D 314 23.33 -26.50 -21.71
C VAL D 314 24.29 -25.48 -22.35
N HIS D 315 23.75 -24.63 -23.21
CA HIS D 315 24.57 -23.75 -24.05
C HIS D 315 24.55 -22.30 -23.63
N ILE D 316 24.12 -22.04 -22.40
CA ILE D 316 24.01 -20.68 -21.87
C ILE D 316 25.37 -19.94 -21.82
N TRP D 317 26.46 -20.68 -21.78
CA TRP D 317 27.81 -20.11 -21.75
C TRP D 317 28.54 -20.28 -23.07
N ASP D 318 27.83 -20.78 -24.09
CA ASP D 318 28.45 -21.10 -25.38
C ASP D 318 29.06 -19.90 -26.09
N ASP D 319 28.31 -18.81 -26.10
CA ASP D 319 28.76 -17.58 -26.77
C ASP D 319 29.91 -16.91 -26.06
N ASN D 320 29.91 -16.96 -24.73
CA ASN D 320 30.95 -16.33 -23.93
C ASN D 320 32.22 -17.17 -23.86
N GLY D 321 32.14 -18.41 -24.32
CA GLY D 321 33.27 -19.33 -24.26
C GLY D 321 33.97 -19.55 -25.60
N SER D 322 33.47 -18.91 -26.64
CA SER D 322 34.02 -19.06 -28.00
C SER D 322 35.34 -18.31 -28.16
N ARG D 323 36.17 -18.80 -29.08
CA ARG D 323 37.43 -18.13 -29.42
C ARG D 323 37.20 -16.65 -29.74
N ALA D 324 36.17 -16.40 -30.56
CA ALA D 324 35.76 -15.05 -30.93
C ALA D 324 35.63 -14.11 -29.72
N PHE D 325 34.86 -14.53 -28.72
CA PHE D 325 34.61 -13.73 -27.54
C PHE D 325 35.83 -13.60 -26.64
N LEU D 326 36.49 -14.73 -26.36
CA LEU D 326 37.63 -14.76 -25.45
C LEU D 326 38.75 -13.85 -25.94
N ASP D 327 38.95 -13.83 -27.25
CA ASP D 327 39.90 -12.92 -27.89
C ASP D 327 39.51 -11.47 -27.66
N SER D 328 38.22 -11.18 -27.82
CA SER D 328 37.71 -9.81 -27.65
C SER D 328 37.85 -9.33 -26.19
N ARG D 329 38.12 -10.26 -25.29
CA ARG D 329 38.40 -9.93 -23.89
C ARG D 329 39.89 -10.03 -23.61
N GLY D 330 40.67 -10.20 -24.68
CA GLY D 330 42.13 -10.27 -24.58
C GLY D 330 42.66 -11.52 -23.92
N LEU D 331 41.77 -12.49 -23.70
CA LEU D 331 42.14 -13.76 -23.09
C LEU D 331 42.56 -14.74 -24.18
N THR D 332 43.61 -14.37 -24.91
CA THR D 332 44.04 -15.07 -26.11
C THR D 332 44.73 -16.40 -25.85
N GLU D 333 45.06 -16.66 -24.59
CA GLU D 333 45.76 -17.88 -24.21
C GLU D 333 44.83 -18.92 -23.56
N TYR D 334 43.57 -18.56 -23.37
CA TYR D 334 42.60 -19.52 -22.89
C TYR D 334 42.17 -20.46 -24.00
N GLU D 335 42.12 -21.74 -23.66
CA GLU D 335 41.51 -22.77 -24.49
C GLU D 335 40.03 -22.42 -24.65
N GLU D 336 39.45 -22.79 -25.79
CA GLU D 336 38.03 -22.50 -26.03
C GLU D 336 37.14 -23.16 -24.99
N MET D 337 36.25 -22.36 -24.41
CA MET D 337 35.32 -22.77 -23.33
C MET D 337 35.91 -22.62 -21.93
N ASP D 338 37.23 -22.49 -21.83
CA ASP D 338 37.88 -22.13 -20.58
C ASP D 338 37.58 -20.64 -20.33
N LEU D 339 36.84 -20.38 -19.26
CA LEU D 339 36.26 -19.05 -19.02
C LEU D 339 37.02 -18.22 -18.00
N GLY D 340 38.12 -18.76 -17.51
CA GLY D 340 38.90 -18.08 -16.48
C GLY D 340 38.31 -18.28 -15.09
N PRO D 341 38.86 -17.56 -14.09
CA PRO D 341 38.45 -17.75 -12.70
C PRO D 341 37.06 -17.18 -12.37
N VAL D 342 36.02 -17.62 -13.08
CA VAL D 342 34.66 -17.09 -12.90
C VAL D 342 33.93 -17.70 -11.68
N TYR D 343 32.80 -17.10 -11.32
CA TYR D 343 31.90 -17.59 -10.26
C TYR D 343 32.44 -18.69 -9.33
N GLY D 344 32.12 -19.94 -9.66
CA GLY D 344 32.46 -21.10 -8.86
C GLY D 344 33.90 -21.16 -8.37
N PHE D 345 34.84 -20.77 -9.23
CA PHE D 345 36.24 -20.72 -8.85
C PHE D 345 36.46 -19.77 -7.68
N GLN D 346 35.77 -18.63 -7.69
CA GLN D 346 35.87 -17.68 -6.59
C GLN D 346 35.16 -18.20 -5.34
N TRP D 347 34.10 -18.98 -5.55
CA TRP D 347 33.36 -19.58 -4.45
C TRP D 347 34.23 -20.55 -3.67
N ARG D 348 34.96 -21.39 -4.40
CA ARG D 348 35.68 -22.51 -3.79
C ARG D 348 37.18 -22.26 -3.67
N HIS D 349 37.69 -21.32 -4.47
CA HIS D 349 39.12 -21.06 -4.55
C HIS D 349 39.42 -19.56 -4.64
N PHE D 350 38.79 -18.76 -3.80
CA PHE D 350 38.94 -17.29 -3.90
C PHE D 350 40.40 -16.85 -3.88
N GLY D 351 40.76 -15.98 -4.80
CA GLY D 351 42.10 -15.40 -4.83
C GLY D 351 43.21 -16.36 -5.25
N ALA D 352 42.84 -17.57 -5.63
CA ALA D 352 43.80 -18.53 -6.14
C ALA D 352 44.27 -18.11 -7.53
N ALA D 353 45.58 -18.19 -7.76
CA ALA D 353 46.16 -17.89 -9.07
C ALA D 353 45.61 -18.86 -10.11
N TYR D 354 45.08 -18.30 -11.19
CA TYR D 354 44.51 -19.11 -12.25
C TYR D 354 45.52 -19.27 -13.39
N THR D 355 45.58 -20.49 -13.95
CA THR D 355 46.40 -20.76 -15.13
C THR D 355 45.53 -21.28 -16.27
N HIS D 356 45.09 -22.54 -16.14
CA HIS D 356 44.10 -23.12 -17.05
C HIS D 356 43.11 -23.97 -16.24
N HIS D 357 41.96 -24.27 -16.85
CA HIS D 357 40.87 -25.02 -16.19
C HIS D 357 41.27 -26.42 -15.71
N ASP D 358 42.01 -27.14 -16.55
CA ASP D 358 42.36 -28.54 -16.27
C ASP D 358 43.50 -28.69 -15.24
N ALA D 359 44.04 -27.58 -14.76
CA ALA D 359 45.03 -27.59 -13.69
C ALA D 359 44.36 -28.00 -12.38
N ASN D 360 45.17 -28.44 -11.42
CA ASN D 360 44.66 -28.78 -10.10
C ASN D 360 44.69 -27.59 -9.14
N TYR D 361 43.56 -27.32 -8.50
CA TYR D 361 43.41 -26.18 -7.61
C TYR D 361 43.03 -26.59 -6.18
N ASP D 362 43.22 -27.87 -5.86
CA ASP D 362 42.85 -28.41 -4.55
C ASP D 362 43.58 -27.69 -3.42
N GLY D 363 42.82 -27.23 -2.44
CA GLY D 363 43.34 -26.53 -1.27
C GLY D 363 44.03 -25.20 -1.59
N GLN D 364 43.56 -24.52 -2.64
CA GLN D 364 44.14 -23.25 -3.06
C GLN D 364 43.11 -22.15 -3.08
N GLY D 365 43.49 -20.98 -2.59
CA GLY D 365 42.55 -19.88 -2.37
C GLY D 365 41.67 -20.17 -1.17
N VAL D 366 40.68 -19.31 -0.94
CA VAL D 366 39.74 -19.52 0.16
C VAL D 366 38.51 -20.30 -0.31
N ASP D 367 38.10 -21.31 0.47
CA ASP D 367 36.94 -22.13 0.15
C ASP D 367 35.74 -21.60 0.92
N GLN D 368 35.10 -20.58 0.37
CA GLN D 368 34.03 -19.86 1.06
C GLN D 368 32.81 -20.75 1.37
N ILE D 369 32.38 -21.53 0.38
CA ILE D 369 31.26 -22.45 0.55
C ILE D 369 31.50 -23.39 1.74
N LYS D 370 32.64 -24.09 1.74
CA LYS D 370 32.99 -24.99 2.86
C LYS D 370 32.97 -24.30 4.22
N ALA D 371 33.62 -23.13 4.30
CA ALA D 371 33.66 -22.30 5.50
C ALA D 371 32.25 -22.02 6.03
N ILE D 372 31.38 -21.55 5.15
CA ILE D 372 29.98 -21.31 5.49
C ILE D 372 29.27 -22.57 6.00
N VAL D 373 29.44 -23.69 5.29
CA VAL D 373 28.85 -24.96 5.71
C VAL D 373 29.31 -25.32 7.13
N GLU D 374 30.59 -25.08 7.42
CA GLU D 374 31.13 -25.36 8.75
C GLU D 374 30.59 -24.40 9.83
N THR D 375 30.44 -23.13 9.47
CA THR D 375 29.95 -22.11 10.40
C THR D 375 28.49 -22.33 10.77
N LEU D 376 27.68 -22.67 9.78
CA LEU D 376 26.25 -22.88 9.97
C LEU D 376 26.01 -24.03 10.92
N LYS D 377 26.82 -25.08 10.77
CA LYS D 377 26.71 -26.27 11.60
C LYS D 377 27.09 -26.02 13.06
N THR D 378 27.97 -25.07 13.32
CA THR D 378 28.42 -24.80 14.70
C THR D 378 27.92 -23.49 15.31
N ASN D 379 28.11 -22.37 14.63
CA ASN D 379 27.61 -21.09 15.14
C ASN D 379 26.63 -20.42 14.17
N PRO D 380 25.33 -20.77 14.29
CA PRO D 380 24.28 -20.33 13.34
C PRO D 380 23.92 -18.84 13.47
N ASP D 381 24.35 -18.21 14.55
CA ASP D 381 24.07 -16.79 14.78
C ASP D 381 25.08 -15.87 14.10
N ASP D 382 26.09 -16.45 13.46
CA ASP D 382 27.20 -15.69 12.87
C ASP D 382 26.75 -14.76 11.75
N ARG D 383 27.21 -13.50 11.81
CA ARG D 383 26.84 -12.48 10.83
C ARG D 383 27.88 -12.31 9.72
N ARG D 384 28.92 -13.14 9.71
CA ARG D 384 29.96 -13.07 8.68
C ARG D 384 29.81 -14.18 7.62
N MET D 385 28.68 -14.88 7.66
CA MET D 385 28.45 -16.03 6.79
C MET D 385 28.06 -15.62 5.39
N LEU D 386 29.02 -15.18 4.59
CA LEU D 386 28.72 -14.79 3.23
C LEU D 386 29.88 -15.03 2.28
N PHE D 387 29.56 -15.43 1.05
CA PHE D 387 30.58 -15.59 0.01
C PHE D 387 30.38 -14.58 -1.10
N THR D 388 31.39 -14.46 -1.95
CA THR D 388 31.39 -13.48 -3.03
C THR D 388 32.24 -13.93 -4.21
N ALA D 389 31.89 -13.46 -5.40
CA ALA D 389 32.67 -13.72 -6.60
C ALA D 389 33.35 -12.44 -7.11
N TRP D 390 33.00 -11.30 -6.51
CA TRP D 390 33.57 -10.03 -6.93
C TRP D 390 35.02 -9.86 -6.44
N ASN D 391 35.95 -10.32 -7.27
CA ASN D 391 37.36 -10.22 -6.95
C ASN D 391 38.09 -9.29 -7.93
N PRO D 392 38.22 -8.00 -7.58
CA PRO D 392 38.88 -7.01 -8.44
C PRO D 392 40.14 -7.50 -9.16
N SER D 393 40.98 -8.26 -8.44
CA SER D 393 42.21 -8.82 -9.00
C SER D 393 41.95 -9.85 -10.09
N ALA D 394 40.99 -10.74 -9.84
CA ALA D 394 40.66 -11.76 -10.81
C ALA D 394 39.87 -11.23 -11.99
N LEU D 395 39.13 -10.12 -11.79
CA LEU D 395 38.16 -9.62 -12.78
C LEU D 395 38.64 -9.60 -14.24
N PRO D 396 39.81 -9.01 -14.52
CA PRO D 396 40.33 -8.97 -15.91
C PRO D 396 40.64 -10.33 -16.53
N ARG D 397 40.86 -11.33 -15.67
CA ARG D 397 41.16 -12.69 -16.10
C ARG D 397 39.92 -13.53 -16.39
N MET D 398 38.74 -12.95 -16.11
CA MET D 398 37.46 -13.63 -16.34
C MET D 398 36.92 -13.29 -17.72
N ALA D 399 36.18 -14.23 -18.32
CA ALA D 399 35.47 -13.97 -19.58
C ALA D 399 34.41 -12.91 -19.34
N LEU D 400 33.87 -12.91 -18.12
CA LEU D 400 32.77 -12.04 -17.73
C LEU D 400 32.85 -11.73 -16.25
N PRO D 401 32.51 -10.48 -15.84
CA PRO D 401 32.33 -10.21 -14.41
C PRO D 401 31.06 -10.85 -13.91
N PRO D 402 31.02 -11.24 -12.62
CA PRO D 402 29.81 -11.82 -12.07
C PRO D 402 28.65 -10.80 -11.95
N CYS D 403 27.43 -11.26 -12.22
CA CYS D 403 26.21 -10.48 -11.99
C CYS D 403 25.74 -10.71 -10.58
N HIS D 404 25.38 -11.98 -10.32
CA HIS D 404 25.15 -12.46 -8.98
C HIS D 404 26.53 -12.65 -8.36
N LEU D 405 26.91 -11.67 -7.56
CA LEU D 405 28.29 -11.56 -7.11
C LEU D 405 28.49 -11.77 -5.60
N LEU D 406 27.39 -11.89 -4.87
CA LEU D 406 27.45 -12.00 -3.41
C LEU D 406 26.19 -12.58 -2.81
N ALA D 407 26.34 -13.46 -1.83
CA ALA D 407 25.22 -14.02 -1.09
C ALA D 407 25.57 -14.10 0.40
N GLN D 408 24.58 -13.83 1.26
CA GLN D 408 24.73 -13.94 2.72
C GLN D 408 23.67 -14.88 3.28
N PHE D 409 24.08 -15.72 4.23
CA PHE D 409 23.14 -16.65 4.85
C PHE D 409 22.71 -16.20 6.24
N TYR D 410 21.57 -16.73 6.68
CA TYR D 410 20.93 -16.34 7.92
C TYR D 410 20.17 -17.54 8.45
N VAL D 411 20.22 -17.74 9.77
CA VAL D 411 19.47 -18.84 10.40
C VAL D 411 18.48 -18.30 11.41
N SER D 412 17.24 -18.80 11.34
CA SER D 412 16.24 -18.54 12.38
C SER D 412 15.24 -19.69 12.47
N ASN D 413 14.99 -20.12 13.71
CA ASN D 413 14.10 -21.26 13.99
C ASN D 413 14.44 -22.51 13.17
N GLY D 414 15.75 -22.80 13.08
CA GLY D 414 16.24 -23.94 12.30
C GLY D 414 16.00 -23.82 10.80
N GLU D 415 15.74 -22.59 10.33
CA GLU D 415 15.52 -22.34 8.91
C GLU D 415 16.66 -21.49 8.32
N LEU D 416 17.11 -21.89 7.14
CA LEU D 416 18.16 -21.17 6.43
C LEU D 416 17.56 -20.21 5.42
N SER D 417 17.71 -18.92 5.70
CA SER D 417 17.41 -17.88 4.72
C SER D 417 18.70 -17.47 4.03
N CYS D 418 18.58 -16.94 2.81
CA CYS D 418 19.74 -16.50 2.05
C CYS D 418 19.45 -15.27 1.19
N MET D 419 20.28 -14.24 1.31
CA MET D 419 20.16 -13.08 0.45
C MET D 419 21.24 -13.03 -0.61
N LEU D 420 20.79 -12.80 -1.85
CA LEU D 420 21.65 -12.63 -3.00
C LEU D 420 21.67 -11.18 -3.47
N TYR D 421 22.87 -10.65 -3.70
CA TYR D 421 23.03 -9.34 -4.32
C TYR D 421 23.48 -9.49 -5.77
N GLN D 422 22.64 -9.00 -6.67
CA GLN D 422 22.93 -9.02 -8.10
C GLN D 422 23.09 -7.59 -8.59
N ARG D 423 24.21 -7.29 -9.24
CA ARG D 423 24.52 -5.92 -9.68
C ARG D 423 23.75 -5.49 -10.92
N SER D 424 23.62 -6.41 -11.86
CA SER D 424 23.00 -6.15 -13.13
C SER D 424 22.05 -7.32 -13.36
N CYS D 425 20.78 -7.00 -13.59
CA CYS D 425 19.76 -8.01 -13.60
C CYS D 425 18.87 -7.85 -14.81
N ASP D 426 19.02 -8.76 -15.76
CA ASP D 426 18.12 -8.82 -16.91
C ASP D 426 16.79 -9.46 -16.48
N MET D 427 15.76 -8.64 -16.34
CA MET D 427 14.44 -9.10 -15.89
C MET D 427 13.85 -10.18 -16.80
N GLY D 428 14.22 -10.12 -18.07
CA GLY D 428 13.77 -11.08 -19.09
C GLY D 428 14.24 -12.50 -18.89
N LEU D 429 15.56 -12.71 -18.78
CA LEU D 429 16.11 -14.06 -18.69
C LEU D 429 16.95 -14.32 -17.45
N GLY D 430 17.83 -13.39 -17.12
CA GLY D 430 18.70 -13.55 -15.96
C GLY D 430 17.93 -13.74 -14.68
N VAL D 431 17.13 -12.74 -14.34
CA VAL D 431 16.44 -12.68 -13.05
C VAL D 431 15.68 -13.97 -12.70
N PRO D 432 14.76 -14.45 -13.58
CA PRO D 432 14.06 -15.70 -13.27
C PRO D 432 14.99 -16.90 -13.12
N PHE D 433 16.02 -16.98 -13.96
CA PHE D 433 17.02 -18.03 -13.91
C PHE D 433 17.78 -18.00 -12.57
N ASN D 434 18.26 -16.82 -12.19
CA ASN D 434 19.01 -16.64 -10.95
C ASN D 434 18.18 -16.82 -9.69
N ILE D 435 16.87 -16.56 -9.80
CA ILE D 435 15.96 -16.80 -8.68
C ILE D 435 15.97 -18.28 -8.35
N ALA D 436 15.77 -19.10 -9.38
CA ALA D 436 15.79 -20.54 -9.23
C ALA D 436 17.16 -21.03 -8.78
N SER D 437 18.22 -20.46 -9.37
CA SER D 437 19.59 -20.82 -9.05
C SER D 437 19.89 -20.71 -7.58
N TYR D 438 19.57 -19.56 -6.98
CA TYR D 438 19.87 -19.36 -5.56
C TYR D 438 18.88 -20.07 -4.64
N ALA D 439 17.70 -20.37 -5.16
CA ALA D 439 16.77 -21.26 -4.47
C ALA D 439 17.42 -22.64 -4.27
N LEU D 440 17.95 -23.21 -5.36
CA LEU D 440 18.61 -24.51 -5.33
C LEU D 440 19.80 -24.49 -4.38
N LEU D 441 20.62 -23.45 -4.49
CA LEU D 441 21.78 -23.31 -3.63
C LEU D 441 21.37 -23.36 -2.16
N THR D 442 20.39 -22.53 -1.77
CA THR D 442 19.94 -22.47 -0.39
C THR D 442 19.38 -23.80 0.08
N ILE D 443 18.66 -24.48 -0.81
CA ILE D 443 18.12 -25.82 -0.53
C ILE D 443 19.27 -26.79 -0.24
N LEU D 444 20.23 -26.87 -1.17
CA LEU D 444 21.39 -27.73 -1.03
C LEU D 444 22.22 -27.42 0.22
N ILE D 445 22.53 -26.15 0.44
CA ILE D 445 23.32 -25.73 1.60
C ILE D 445 22.58 -26.06 2.90
N ALA D 446 21.26 -25.90 2.91
CA ALA D 446 20.43 -26.31 4.04
C ALA D 446 20.55 -27.80 4.29
N LYS D 447 20.55 -28.59 3.22
CA LYS D 447 20.73 -30.04 3.32
C LYS D 447 22.08 -30.41 3.91
N ALA D 448 23.11 -29.64 3.54
CA ALA D 448 24.49 -29.88 3.94
C ALA D 448 24.75 -29.54 5.40
N THR D 449 23.86 -28.75 5.99
CA THR D 449 24.06 -28.25 7.35
C THR D 449 23.00 -28.74 8.33
N GLY D 450 22.08 -29.58 7.86
CA GLY D 450 20.99 -30.11 8.68
C GLY D 450 20.03 -29.02 9.11
N LEU D 451 19.59 -28.21 8.15
CA LEU D 451 18.61 -27.15 8.38
C LEU D 451 17.50 -27.26 7.33
N ARG D 452 16.39 -26.56 7.58
CA ARG D 452 15.31 -26.51 6.62
C ARG D 452 15.45 -25.24 5.78
N PRO D 453 15.02 -25.28 4.51
CA PRO D 453 14.96 -24.07 3.69
C PRO D 453 14.02 -23.01 4.27
N GLY D 454 14.41 -21.75 4.15
CA GLY D 454 13.63 -20.65 4.69
C GLY D 454 13.14 -19.72 3.60
N GLU D 455 13.78 -18.57 3.48
CA GLU D 455 13.46 -17.59 2.43
C GLU D 455 14.69 -17.27 1.58
N LEU D 456 14.46 -16.91 0.32
CA LEU D 456 15.48 -16.34 -0.53
C LEU D 456 15.14 -14.86 -0.69
N VAL D 457 16.06 -13.98 -0.34
CA VAL D 457 15.86 -12.56 -0.61
C VAL D 457 16.75 -12.11 -1.76
N HIS D 458 16.13 -11.54 -2.78
CA HIS D 458 16.83 -11.04 -3.96
C HIS D 458 17.02 -9.52 -3.88
N THR D 459 18.27 -9.06 -3.99
CA THR D 459 18.55 -7.63 -4.08
C THR D 459 19.07 -7.30 -5.46
N LEU D 460 18.49 -6.28 -6.09
CA LEU D 460 18.83 -5.90 -7.44
C LEU D 460 19.50 -4.53 -7.47
N GLY D 461 20.52 -4.40 -8.32
CA GLY D 461 21.19 -3.13 -8.56
C GLY D 461 20.53 -2.43 -9.74
N ASP D 462 21.19 -2.47 -10.89
CA ASP D 462 20.63 -1.98 -12.14
C ASP D 462 19.69 -3.06 -12.68
N ALA D 463 18.40 -2.91 -12.41
CA ALA D 463 17.40 -3.84 -12.91
C ALA D 463 16.89 -3.30 -14.23
N HIS D 464 16.97 -4.10 -15.28
CA HIS D 464 16.66 -3.62 -16.63
C HIS D 464 15.83 -4.59 -17.47
N VAL D 465 15.09 -4.01 -18.41
CA VAL D 465 14.40 -4.75 -19.47
C VAL D 465 14.95 -4.25 -20.80
N TYR D 466 15.15 -5.19 -21.74
CA TYR D 466 15.67 -4.83 -23.04
C TYR D 466 14.59 -4.19 -23.91
N SER D 467 14.94 -3.08 -24.55
CA SER D 467 14.01 -2.26 -25.31
C SER D 467 13.08 -3.05 -26.23
N ASN D 468 13.63 -3.99 -27.00
CA ASN D 468 12.81 -4.76 -27.93
C ASN D 468 11.94 -5.82 -27.22
N HIS D 469 12.35 -6.21 -26.02
CA HIS D 469 11.58 -7.10 -25.15
C HIS D 469 10.36 -6.44 -24.50
N VAL D 470 10.22 -5.13 -24.63
CA VAL D 470 9.07 -4.43 -24.04
C VAL D 470 7.74 -5.00 -24.54
N GLU D 471 7.62 -5.14 -25.86
CA GLU D 471 6.42 -5.70 -26.49
C GLU D 471 6.04 -7.10 -25.96
N PRO D 472 7.01 -8.06 -25.97
CA PRO D 472 6.77 -9.38 -25.33
C PRO D 472 6.41 -9.30 -23.84
N CYS D 473 7.17 -8.50 -23.08
CA CYS D 473 6.97 -8.36 -21.64
C CYS D 473 5.59 -7.87 -21.29
N ASN D 474 5.06 -6.95 -22.11
CA ASN D 474 3.74 -6.39 -21.92
C ASN D 474 2.63 -7.42 -22.02
N GLU D 475 2.83 -8.44 -22.86
CA GLU D 475 1.88 -9.53 -23.02
C GLU D 475 1.92 -10.42 -21.79
N GLN D 476 3.12 -10.68 -21.28
CA GLN D 476 3.30 -11.49 -20.08
C GLN D 476 2.73 -10.79 -18.84
N LEU D 477 2.81 -9.46 -18.83
CA LEU D 477 2.31 -8.67 -17.72
C LEU D 477 0.83 -8.92 -17.46
N LYS D 478 0.11 -9.28 -18.52
CA LYS D 478 -1.32 -9.54 -18.41
C LYS D 478 -1.68 -10.95 -17.92
N ARG D 479 -0.67 -11.79 -17.66
CA ARG D 479 -0.92 -13.13 -17.12
C ARG D 479 -0.96 -13.13 -15.60
N VAL D 480 -1.94 -13.85 -15.06
CA VAL D 480 -2.06 -14.02 -13.62
C VAL D 480 -1.12 -15.16 -13.18
N PRO D 481 -0.16 -14.84 -12.30
CA PRO D 481 0.79 -15.84 -11.81
C PRO D 481 0.09 -17.04 -11.16
N ARG D 482 0.63 -18.22 -11.44
CA ARG D 482 0.11 -19.47 -10.89
C ARG D 482 0.97 -19.93 -9.73
N ALA D 483 0.50 -20.93 -8.99
CA ALA D 483 1.24 -21.42 -7.83
C ALA D 483 2.58 -21.99 -8.27
N PHE D 484 3.58 -21.81 -7.41
CA PHE D 484 4.92 -22.36 -7.65
C PHE D 484 4.94 -23.89 -7.58
N PRO D 485 5.90 -24.52 -8.29
CA PRO D 485 6.12 -25.96 -8.20
C PRO D 485 6.92 -26.35 -6.95
N TYR D 486 7.33 -27.61 -6.89
CA TYR D 486 8.09 -28.15 -5.75
C TYR D 486 9.33 -28.92 -6.20
N LEU D 487 10.34 -28.94 -5.33
CA LEU D 487 11.56 -29.70 -5.56
C LEU D 487 11.66 -30.86 -4.58
N VAL D 488 11.91 -32.05 -5.11
CA VAL D 488 12.12 -33.28 -4.31
C VAL D 488 13.38 -33.98 -4.78
N PHE D 489 14.00 -34.76 -3.91
CA PHE D 489 15.21 -35.48 -4.28
C PHE D 489 14.98 -36.98 -4.46
N ARG D 490 15.24 -37.47 -5.68
CA ARG D 490 15.24 -38.90 -6.00
C ARG D 490 16.14 -39.65 -5.04
N ARG D 491 17.34 -39.12 -4.84
CA ARG D 491 18.37 -39.73 -4.02
C ARG D 491 19.29 -38.67 -3.40
N GLU D 492 19.97 -39.06 -2.34
CA GLU D 492 20.99 -38.22 -1.73
C GLU D 492 22.34 -38.68 -2.24
N ARG D 493 23.37 -37.92 -1.90
CA ARG D 493 24.74 -38.28 -2.25
C ARG D 493 25.69 -37.94 -1.10
N GLU D 494 26.71 -38.76 -0.90
CA GLU D 494 27.61 -38.62 0.24
C GLU D 494 28.26 -37.24 0.32
N PHE D 495 28.79 -36.78 -0.82
CA PHE D 495 29.39 -35.44 -0.91
C PHE D 495 28.49 -34.48 -1.66
N LEU D 496 28.59 -33.18 -1.32
CA LEU D 496 27.81 -32.13 -1.95
C LEU D 496 28.11 -32.03 -3.44
N GLU D 497 29.39 -32.04 -3.78
CA GLU D 497 29.85 -31.92 -5.16
C GLU D 497 29.47 -33.10 -6.04
N ASP D 498 28.91 -34.16 -5.44
CA ASP D 498 28.55 -35.36 -6.19
C ASP D 498 27.12 -35.35 -6.75
N TYR D 499 26.34 -34.35 -6.34
CA TYR D 499 24.94 -34.23 -6.75
C TYR D 499 24.77 -33.96 -8.23
N GLU D 500 23.90 -34.73 -8.86
CA GLU D 500 23.61 -34.60 -10.28
C GLU D 500 22.20 -34.07 -10.52
N GLU D 501 21.97 -33.53 -11.71
CA GLU D 501 20.67 -32.97 -12.08
C GLU D 501 19.55 -34.02 -11.97
N GLY D 502 19.86 -35.27 -12.32
CA GLY D 502 18.90 -36.36 -12.22
C GLY D 502 18.59 -36.81 -10.80
N ASP D 503 19.32 -36.29 -9.81
CA ASP D 503 19.09 -36.62 -8.40
C ASP D 503 17.87 -35.92 -7.81
N MET D 504 17.41 -34.88 -8.49
CA MET D 504 16.30 -34.06 -8.01
C MET D 504 15.25 -33.85 -9.08
N GLU D 505 13.99 -33.74 -8.66
CA GLU D 505 12.87 -33.58 -9.58
C GLU D 505 11.98 -32.41 -9.22
N VAL D 506 11.64 -31.61 -10.23
CA VAL D 506 10.68 -30.51 -10.07
C VAL D 506 9.28 -31.01 -10.41
N ILE D 507 8.38 -30.93 -9.42
CA ILE D 507 7.05 -31.49 -9.57
C ILE D 507 5.98 -30.41 -9.55
N ASP D 508 4.89 -30.67 -10.28
CA ASP D 508 3.77 -29.74 -10.41
C ASP D 508 4.20 -28.37 -10.94
N TYR D 509 5.01 -28.37 -11.99
CA TYR D 509 5.35 -27.14 -12.68
C TYR D 509 4.45 -26.97 -13.89
N ALA D 510 3.48 -26.06 -13.77
CA ALA D 510 2.51 -25.82 -14.84
C ALA D 510 2.58 -24.39 -15.36
N PRO D 511 3.67 -24.02 -16.05
CA PRO D 511 3.78 -22.67 -16.58
C PRO D 511 2.84 -22.41 -17.76
N TYR D 512 2.67 -21.14 -18.11
CA TYR D 512 1.89 -20.74 -19.29
C TYR D 512 2.63 -21.05 -20.58
N PRO D 513 1.93 -21.10 -21.73
CA PRO D 513 2.62 -21.30 -23.00
C PRO D 513 3.41 -20.06 -23.38
N PRO D 514 4.27 -20.14 -24.41
CA PRO D 514 5.00 -18.92 -24.79
C PRO D 514 4.18 -17.93 -25.62
N ILE D 515 4.40 -16.63 -25.41
CA ILE D 515 3.96 -15.52 -26.31
C ILE D 515 4.21 -14.13 -25.71
PA NAP E . 4.20 41.98 1.32
O1A NAP E . 4.57 42.36 2.72
O2A NAP E . 5.39 41.52 0.27
O5B NAP E . 4.87 43.40 0.93
C5B NAP E . 5.18 43.70 -0.43
C4B NAP E . 6.68 43.90 -0.61
O4B NAP E . 7.29 42.67 -1.02
C3B NAP E . 6.92 44.83 -1.80
O3B NAP E . 7.18 46.16 -1.32
C2B NAP E . 8.19 44.28 -2.45
O2B NAP E . 9.25 45.25 -2.36
C1B NAP E . 8.55 43.07 -1.58
N9A NAP E . 9.06 41.98 -2.45
C8A NAP E . 8.51 40.78 -2.61
N7A NAP E . 9.25 40.06 -3.46
C5A NAP E . 10.28 40.81 -3.83
C6A NAP E . 11.36 40.60 -4.68
N6A NAP E . 11.51 39.45 -5.31
N1A NAP E . 12.26 41.59 -4.84
C2A NAP E . 12.11 42.75 -4.21
N3A NAP E . 11.10 42.98 -3.40
C4A NAP E . 10.17 42.03 -3.19
O3 NAP E . 2.94 42.76 0.59
PN NAP E . 1.56 41.99 0.32
O1N NAP E . 1.11 43.19 -0.45
O2N NAP E . 2.37 40.90 -0.28
O5D NAP E . 1.48 42.07 1.95
C5D NAP E . 0.89 43.20 2.59
C4D NAP E . -0.12 42.78 3.65
O4D NAP E . 0.37 41.60 4.32
C3D NAP E . -0.17 43.83 4.75
O3D NAP E . -1.32 44.67 4.57
C2D NAP E . -0.34 43.01 6.03
O2D NAP E . -1.60 43.33 6.64
C1D NAP E . -0.37 41.57 5.55
N1N NAP E . 0.32 40.70 6.53
C2N NAP E . -0.39 39.79 7.30
C3N NAP E . 0.26 38.98 8.21
C7N NAP E . -0.52 37.99 9.07
O7N NAP E . 0.05 37.09 9.69
N7N NAP E . -1.84 38.17 9.07
C4N NAP E . 1.65 39.07 8.36
C5N NAP E . 2.37 39.98 7.60
C6N NAP E . 1.72 40.79 6.67
P2B NAP E . 9.29 46.49 -3.40
O1X NAP E . 9.77 47.74 -2.80
O2X NAP E . 10.22 45.97 -4.63
O3X NAP E . 7.79 46.59 -4.01
N1 TMQ F . 0.65 37.59 13.54
C2 TMQ F . 1.41 36.53 13.23
N3 TMQ F . 2.43 36.64 12.36
C4 TMQ F . 2.70 37.81 11.79
C3A TMQ F . 0.88 38.79 12.99
C4A TMQ F . 1.93 38.93 12.09
C5 TMQ F . 2.21 40.17 11.51
C6 TMQ F . 1.41 41.27 11.84
C7 TMQ F . 0.37 41.13 12.74
C8 TMQ F . 0.10 39.89 13.32
C9 TMQ F . 1.68 42.50 11.26
N10 TMQ F . 2.92 43.05 11.82
C11 TMQ F . 2.92 43.84 12.90
C12 TMQ F . 3.66 43.47 14.03
C13 TMQ F . 3.66 44.28 15.15
C14 TMQ F . 2.92 45.46 15.14
C15 TMQ F . 2.19 45.84 14.03
C16 TMQ F . 2.19 45.03 12.89
C17 TMQ F . 3.25 40.30 10.61
O18 TMQ F . 4.36 44.00 16.29
O19 TMQ F . 2.93 46.26 16.24
O20 TMQ F . 1.50 47.01 14.11
C21 TMQ F . 5.23 42.89 16.04
C22 TMQ F . 2.17 45.63 17.28
C23 TMQ F . 0.27 46.79 14.83
N24 TMQ F . 1.14 35.35 13.79
N25 TMQ F . 3.69 37.99 10.93
S SO4 G . 27.78 -6.12 -17.85
O1 SO4 G . 27.49 -5.42 -19.09
O2 SO4 G . 28.79 -7.14 -18.11
O3 SO4 G . 26.53 -6.72 -17.37
O4 SO4 G . 28.30 -5.18 -16.87
S SO4 H . 3.40 51.14 -2.56
O1 SO4 H . 2.40 50.19 -3.02
O2 SO4 H . 3.39 51.18 -1.09
O3 SO4 H . 4.72 50.77 -3.04
O4 SO4 H . 3.08 52.47 -3.07
S SO4 I . 6.73 -13.09 16.66
O1 SO4 I . 5.60 -13.99 16.85
O2 SO4 I . 6.23 -11.73 16.46
O3 SO4 I . 7.59 -13.11 17.84
O4 SO4 I . 7.51 -13.53 15.50
S SO4 J . 52.24 -1.67 21.24
O1 SO4 J . 51.20 -1.39 22.23
O2 SO4 J . 53.54 -1.21 21.74
O3 SO4 J . 52.30 -3.10 20.98
O4 SO4 J . 51.94 -0.96 20.01
S SO4 K . 32.59 16.10 19.58
O1 SO4 K . 32.19 16.77 18.35
O2 SO4 K . 31.40 15.57 20.26
O3 SO4 K . 33.51 15.01 19.28
O4 SO4 K . 33.25 17.06 20.47
S SO4 L . 0.06 6.98 4.65
O1 SO4 L . -1.07 6.17 4.22
O2 SO4 L . -0.15 8.35 4.17
O3 SO4 L . 0.14 6.97 6.11
O4 SO4 L . 1.29 6.44 4.09
C1 EDO M . -2.82 19.98 7.56
O1 EDO M . -3.97 19.72 8.39
C2 EDO M . -3.27 20.42 6.17
O2 EDO M . -4.13 21.57 6.24
C1 EDO N . -9.30 24.56 17.97
O1 EDO N . -9.26 23.35 18.72
C2 EDO N . -10.73 24.87 17.54
O2 EDO N . -11.42 23.63 17.33
PA NAP O . -0.56 -34.26 25.26
O1A NAP O . -0.67 -33.85 26.70
O2A NAP O . -1.91 -34.25 24.32
O5B NAP O . -1.30 -35.60 25.76
C5B NAP O . -1.85 -36.51 24.80
C4B NAP O . -3.33 -36.76 25.08
O4B NAP O . -4.13 -35.91 24.24
C3B NAP O . -3.70 -38.18 24.64
O3B NAP O . -3.71 -39.05 25.77
C2B NAP O . -5.12 -38.03 24.08
O2B NAP O . -6.02 -38.78 24.90
C1B NAP O . -5.42 -36.54 24.25
N9A NAP O . -6.20 -36.06 23.08
C8A NAP O . -5.79 -35.19 22.16
N7A NAP O . -6.76 -35.00 21.26
C5A NAP O . -7.79 -35.76 21.61
C6A NAP O . -9.05 -35.97 21.08
N6A NAP O . -9.43 -35.35 19.97
N1A NAP O . -9.89 -36.82 21.70
C2A NAP O . -9.52 -37.45 22.80
N3A NAP O . -8.33 -37.27 23.34
C4A NAP O . -7.44 -36.43 22.78
O3 NAP O . 0.54 -35.42 24.85
PN NAP O . 1.53 -35.18 23.61
O1N NAP O . 1.96 -36.59 23.78
O2N NAP O . 0.34 -34.79 22.82
O5D NAP O . 2.16 -34.07 24.62
C5D NAP O . 2.53 -34.45 25.96
C4D NAP O . 3.78 -33.70 26.41
O4D NAP O . 3.54 -32.28 26.36
C3D NAP O . 4.03 -33.98 27.89
O3D NAP O . 5.05 -34.98 28.02
C2D NAP O . 4.56 -32.65 28.44
O2D NAP O . 5.90 -32.82 28.90
C1D NAP O . 4.55 -31.72 27.21
N1N NAP O . 4.15 -30.36 27.63
C2N NAP O . 5.12 -29.38 27.83
C3N NAP O . 4.75 -28.10 28.22
C7N NAP O . 5.82 -27.02 28.44
O7N NAP O . 5.54 -25.96 29.01
N7N NAP O . 7.03 -27.33 27.98
C4N NAP O . 3.41 -27.79 28.41
C5N NAP O . 2.44 -28.77 28.21
C6N NAP O . 2.80 -30.05 27.82
P2B NAP O . -6.58 -40.21 24.37
O1X NAP O . -7.63 -40.79 25.24
O2X NAP O . -7.06 -39.96 22.86
O3X NAP O . -5.27 -41.16 24.26
N1 TMQ P . 5.23 -24.41 32.17
C2 TMQ P . 4.39 -23.64 31.46
N3 TMQ P . 3.29 -24.15 30.90
C4 TMQ P . 3.01 -25.45 31.02
C3A TMQ P . 4.98 -25.72 32.34
C4A TMQ P . 3.85 -26.28 31.75
C5 TMQ P . 3.58 -27.63 31.90
C6 TMQ P . 4.44 -28.43 32.63
C7 TMQ P . 5.57 -27.89 33.22
C8 TMQ P . 5.85 -26.53 33.07
C9 TMQ P . 4.17 -29.79 32.79
N10 TMQ P . 3.33 -29.99 33.98
C11 TMQ P . 3.81 -29.81 35.22
C12 TMQ P . 3.43 -28.68 35.94
C13 TMQ P . 3.93 -28.49 37.22
C14 TMQ P . 4.80 -29.42 37.77
C15 TMQ P . 5.18 -30.55 37.06
C16 TMQ P . 4.68 -30.75 35.77
C17 TMQ P . 2.44 -28.18 31.31
O18 TMQ P . 3.61 -27.41 38.00
O19 TMQ P . 5.28 -29.24 39.02
O20 TMQ P . 6.03 -31.42 37.66
C21 TMQ P . 2.39 -26.83 37.53
C22 TMQ P . 5.41 -30.50 39.69
C23 TMQ P . 6.58 -32.31 36.70
N24 TMQ P . 4.67 -22.34 31.33
N25 TMQ P . 1.93 -26.01 30.48
S SO4 Q . -45.87 16.17 28.66
O1 SO4 Q . -47.22 16.04 29.21
O2 SO4 Q . -44.99 16.83 29.62
O3 SO4 Q . -45.36 14.84 28.35
O4 SO4 Q . -45.93 16.99 27.45
S SO4 R . -41.55 -17.01 21.79
O1 SO4 R . -42.90 -17.39 22.20
O2 SO4 R . -40.81 -16.54 22.96
O3 SO4 R . -40.87 -18.19 21.24
O4 SO4 R . -41.62 -15.95 20.79
S SO4 S . -50.60 4.01 4.12
O1 SO4 S . -51.30 4.88 3.18
O2 SO4 S . -51.57 3.44 5.07
O3 SO4 S . -49.93 2.94 3.39
O4 SO4 S . -49.61 4.79 4.86
S SO4 T . 1.40 -3.12 7.69
O1 SO4 T . 0.19 -2.62 7.03
O2 SO4 T . 1.48 -2.58 9.05
O3 SO4 T . 1.35 -4.58 7.74
O4 SO4 T . 2.57 -2.70 6.93
S SO4 U . -25.51 -1.09 32.41
O1 SO4 U . -26.56 -0.20 31.91
O2 SO4 U . -25.51 -1.01 33.87
O3 SO4 U . -25.75 -2.45 31.97
O4 SO4 U . -24.22 -0.65 31.89
C1 EDO V . -8.90 24.00 8.04
O1 EDO V . -8.93 23.75 9.46
C2 EDO V . -7.45 24.00 7.57
O2 EDO V . -6.81 22.76 7.91
S SO4 W . -31.79 -3.02 -10.92
O1 SO4 W . -32.37 -2.76 -9.61
O2 SO4 W . -30.34 -2.84 -10.92
O3 SO4 W . -32.40 -2.12 -11.90
O4 SO4 W . -32.12 -4.39 -11.29
PA NAP X . 14.25 30.67 -24.68
O1A NAP X . 13.56 30.71 -25.94
O2A NAP X . 13.42 31.04 -23.45
O5B NAP X . 13.99 32.19 -24.82
C5B NAP X . 14.09 33.21 -23.76
C4B NAP X . 13.52 34.66 -24.09
O4B NAP X . 12.11 34.69 -24.08
C3B NAP X . 13.90 35.69 -23.04
O3B NAP X . 15.13 36.26 -23.37
C2B NAP X . 12.86 36.77 -23.15
O2B NAP X . 13.23 37.70 -24.20
C1B NAP X . 11.65 35.90 -23.46
N9A NAP X . 11.20 35.41 -22.14
C8A NAP X . 11.41 34.21 -21.66
N7A NAP X . 10.88 34.10 -20.45
C5A NAP X . 10.33 35.25 -20.16
C6A NAP X . 9.65 35.72 -19.05
N6A NAP X . 9.44 34.95 -18.00
N1A NAP X . 9.21 36.97 -19.07
C2A NAP X . 9.41 37.75 -20.10
N3A NAP X . 10.06 37.32 -21.15
C4A NAP X . 10.52 36.09 -21.22
O3 NAP X . 15.76 31.03 -24.63
PN NAP X . 16.72 30.28 -23.64
O1N NAP X . 17.79 31.21 -23.92
O2N NAP X . 15.59 30.61 -22.81
O5D NAP X . 16.61 29.07 -24.60
C5D NAP X . 17.00 29.17 -25.93
C4D NAP X . 17.71 27.90 -26.35
O4D NAP X . 16.73 26.92 -26.44
C3D NAP X . 18.23 28.04 -27.76
O3D NAP X . 19.53 27.50 -27.77
C2D NAP X . 17.39 27.11 -28.57
O2D NAP X . 18.23 26.51 -29.52
C1D NAP X . 17.10 26.10 -27.51
N1N NAP X . 15.90 25.35 -27.89
C2N NAP X . 15.95 23.99 -27.98
C3N NAP X . 14.80 23.32 -28.34
C7N NAP X . 14.80 21.84 -28.46
O7N NAP X . 13.76 21.25 -28.53
N7N NAP X . 15.97 21.27 -28.43
C4N NAP X . 13.64 23.99 -28.60
C5N NAP X . 13.61 25.36 -28.51
C6N NAP X . 14.74 26.02 -28.16
P2B NAP X . 12.82 39.23 -24.37
O1X NAP X . 11.80 39.50 -25.36
O2X NAP X . 12.51 39.72 -22.97
O3X NAP X . 14.15 39.89 -24.69
N1 TMQ Y . 12.29 19.70 -32.25
C2 TMQ Y . 11.34 19.40 -31.35
N3 TMQ Y . 10.71 20.37 -30.66
C4 TMQ Y . 11.04 21.65 -30.86
C3A TMQ Y . 12.64 20.97 -32.48
C4A TMQ Y . 12.02 21.99 -31.78
C5 TMQ Y . 12.37 23.31 -32.00
C6 TMQ Y . 13.36 23.62 -32.93
C7 TMQ Y . 13.99 22.61 -33.63
C8 TMQ Y . 13.64 21.27 -33.41
C9 TMQ Y . 13.71 24.95 -33.16
N10 TMQ Y . 12.77 25.56 -34.10
C11 TMQ Y . 12.97 25.53 -35.43
C12 TMQ Y . 11.94 25.10 -36.27
C13 TMQ Y . 12.15 25.08 -37.65
C14 TMQ Y . 13.38 25.47 -38.15
C15 TMQ Y . 14.40 25.90 -37.32
C16 TMQ Y . 14.20 25.93 -35.95
C17 TMQ Y . 11.74 24.34 -31.30
O18 TMQ Y . 11.21 24.68 -38.54
O19 TMQ Y . 13.58 25.45 -39.50
O20 TMQ Y . 15.57 26.27 -37.91
C21 TMQ Y . 10.00 24.36 -37.85
C22 TMQ Y . 14.61 24.49 -39.81
C23 TMQ Y . 16.59 26.40 -36.90
N24 TMQ Y . 11.01 18.13 -31.14
N25 TMQ Y . 10.46 22.65 -30.21
S SO4 Z . -26.44 16.92 13.36
O1 SO4 Z . -26.56 18.38 13.46
O2 SO4 Z . -25.07 16.47 13.62
O3 SO4 Z . -26.80 16.53 12.00
O4 SO4 Z . -27.35 16.31 14.32
S SO4 AA . -13.29 17.86 -28.83
O1 SO4 AA . -14.58 17.22 -29.04
O2 SO4 AA . -12.92 17.79 -27.42
O3 SO4 AA . -12.27 17.18 -29.63
O4 SO4 AA . -13.36 19.27 -29.23
S SO4 BA . 19.85 38.52 -26.60
O1 SO4 BA . 19.75 38.15 -28.01
O2 SO4 BA . 18.54 38.94 -26.12
O3 SO4 BA . 20.32 37.38 -25.83
O4 SO4 BA . 20.79 39.63 -26.45
S SO4 CA . -43.63 10.21 1.07
O1 SO4 CA . -43.28 9.40 -0.09
O2 SO4 CA . -44.64 9.50 1.86
O3 SO4 CA . -42.46 10.45 1.90
O4 SO4 CA . -44.16 11.50 0.61
S SO4 DA . -22.38 13.64 -30.17
O1 SO4 DA . -22.15 14.99 -30.70
O2 SO4 DA . -23.80 13.43 -29.92
O3 SO4 DA . -21.92 12.65 -31.15
O4 SO4 DA . -21.62 13.48 -28.93
S SO4 EA . 2.95 1.73 -7.80
O1 SO4 EA . 1.87 1.24 -8.65
O2 SO4 EA . 2.69 3.11 -7.38
O3 SO4 EA . 3.01 0.91 -6.61
O4 SO4 EA . 4.21 1.65 -8.54
S SO4 FA . -30.62 34.00 -18.99
O1 SO4 FA . -31.61 35.07 -18.95
O2 SO4 FA . -30.91 33.03 -17.93
O3 SO4 FA . -30.69 33.32 -20.29
O4 SO4 FA . -29.29 34.57 -18.78
S SO4 GA . -48.93 5.84 -26.19
O1 SO4 GA . -50.08 6.12 -27.04
O2 SO4 GA . -49.37 5.04 -25.05
O3 SO4 GA . -47.91 5.10 -26.93
O4 SO4 GA . -48.39 7.12 -25.72
C1 EDO HA . -17.21 16.23 -25.62
O1 EDO HA . -16.23 16.78 -24.74
C2 EDO HA . -16.51 15.39 -26.70
O2 EDO HA . -15.11 15.35 -26.44
C1 EDO IA . -18.85 10.74 -27.06
O1 EDO IA . -19.20 11.75 -28.02
C2 EDO IA . -19.11 9.35 -27.64
O2 EDO IA . -19.39 8.44 -26.57
C1 EDO JA . -2.48 13.54 -24.42
O1 EDO JA . -2.88 12.60 -25.43
C2 EDO JA . -1.79 12.78 -23.29
O2 EDO JA . -2.19 13.30 -22.01
C1 EDO KA . -17.58 -17.33 -6.53
O1 EDO KA . -18.68 -17.11 -5.62
C2 EDO KA . -17.93 -16.90 -7.95
O2 EDO KA . -19.35 -16.89 -8.15
PA NAP LA . -17.62 -38.46 0.46
O1A NAP LA . -17.23 -39.20 -0.72
O2A NAP LA . -16.54 -38.12 1.53
O5B NAP LA . -17.20 -39.84 1.13
C5B NAP LA . -16.93 -40.11 2.59
C4B NAP LA . -16.19 -41.47 2.98
O4B NAP LA . -14.79 -41.56 2.61
C3B NAP LA . -16.14 -41.71 4.48
O3B NAP LA . -17.37 -42.25 4.91
C2B NAP LA . -15.10 -42.78 4.64
O2B NAP LA . -15.67 -44.04 4.31
C1B NAP LA . -14.08 -42.35 3.60
N9A NAP LA . -13.39 -41.39 4.41
C8A NAP LA . -13.56 -40.08 4.32
N7A NAP LA . -12.79 -39.48 5.22
C5A NAP LA . -12.16 -40.42 5.88
C6A NAP LA . -11.25 -40.39 6.91
N6A NAP LA . -10.86 -39.23 7.41
N1A NAP LA . -10.77 -41.54 7.37
C2A NAP LA . -11.16 -42.69 6.87
N3A NAP LA . -12.03 -42.75 5.88
C4A NAP LA . -12.54 -41.63 5.38
O3 NAP LA . -19.06 -38.71 1.03
PN NAP LA . -19.83 -37.45 1.54
O1N NAP LA . -20.85 -38.26 2.18
O2N NAP LA . -18.54 -37.17 2.14
O5D NAP LA . -20.00 -37.16 0.04
C5D NAP LA . -20.83 -37.94 -0.74
C4D NAP LA . -21.70 -37.05 -1.60
O4D NAP LA . -20.89 -36.10 -2.28
C3D NAP LA . -22.36 -37.83 -2.70
O3D NAP LA . -23.46 -37.08 -3.12
C2D NAP LA . -21.42 -37.61 -3.81
O2D NAP LA . -22.10 -37.84 -5.01
C1D NAP LA . -21.37 -36.15 -3.60
N1N NAP LA . -20.34 -35.83 -4.57
C2N NAP LA . -20.53 -34.80 -5.46
C3N NAP LA . -19.56 -34.52 -6.37
C7N NAP LA . -19.77 -33.41 -7.35
O7N NAP LA . -18.92 -33.10 -8.14
N7N NAP LA . -20.95 -32.83 -7.27
C4N NAP LA . -18.40 -35.24 -6.42
C5N NAP LA . -18.21 -36.27 -5.53
C6N NAP LA . -19.18 -36.57 -4.61
P2B NAP LA . -15.52 -45.45 5.06
O1X NAP LA . -16.31 -46.41 4.34
O2X NAP LA . -14.00 -45.86 5.18
O3X NAP LA . -16.00 -45.19 6.51
N1 TMQ MA . -18.02 -33.48 -12.11
C2 TMQ MA . -16.99 -32.81 -11.59
N3 TMQ MA . -16.25 -33.32 -10.60
C4 TMQ MA . -16.56 -34.52 -10.09
C3A TMQ MA . -18.37 -34.69 -11.64
C4A TMQ MA . -17.63 -35.24 -10.60
C5 TMQ MA . -17.97 -36.49 -10.08
C6 TMQ MA . -19.05 -37.19 -10.62
C7 TMQ MA . -19.78 -36.63 -11.66
C8 TMQ MA . -19.45 -35.38 -12.16
C9 TMQ MA . -19.38 -38.44 -10.11
N10 TMQ MA . -18.68 -39.48 -10.87
C11 TMQ MA . -19.29 -40.21 -11.81
C12 TMQ MA . -18.68 -40.38 -13.06
C13 TMQ MA . -19.32 -41.15 -14.02
C14 TMQ MA . -20.55 -41.72 -13.74
C15 TMQ MA . -21.16 -41.54 -12.51
C16 TMQ MA . -20.54 -40.79 -11.53
C17 TMQ MA . -17.23 -37.04 -9.05
O18 TMQ MA . -18.80 -41.36 -15.26
O19 TMQ MA . -21.18 -42.46 -14.70
O20 TMQ MA . -22.37 -42.15 -12.33
C21 TMQ MA . -19.22 -40.31 -16.15
C22 TMQ MA . -22.15 -41.66 -15.38
C23 TMQ MA . -23.41 -41.16 -12.36
N24 TMQ MA . -16.67 -31.61 -12.09
N25 TMQ MA . -15.87 -35.08 -9.09
S SO4 NA . 29.80 -8.95 13.89
O1 SO4 NA . 30.60 -8.78 15.09
O2 SO4 NA . 30.62 -8.64 12.73
O3 SO4 NA . 28.64 -8.03 13.95
O4 SO4 NA . 29.34 -10.33 13.78
S SO4 OA . 6.78 -31.64 -16.56
O1 SO4 OA . 6.75 -31.67 -18.02
O2 SO4 OA . 5.90 -32.68 -16.02
O3 SO4 OA . 8.15 -31.87 -16.11
O4 SO4 OA . 6.33 -30.33 -16.10
S SO4 PA . 15.69 -29.44 -22.33
O1 SO4 PA . 15.38 -30.20 -23.54
O2 SO4 PA . 15.10 -28.11 -22.44
O3 SO4 PA . 15.13 -30.13 -21.16
O4 SO4 PA . 17.14 -29.32 -22.19
S SO4 QA . -1.92 -23.95 -19.98
O1 SO4 QA . -3.26 -23.66 -20.48
O2 SO4 QA . -1.42 -22.77 -19.28
O3 SO4 QA . -1.97 -25.07 -19.04
O4 SO4 QA . -1.04 -24.27 -21.09
S SO4 RA . 21.56 -44.17 -9.25
O1 SO4 RA . 21.98 -42.77 -9.15
O2 SO4 RA . 20.61 -44.30 -10.34
O3 SO4 RA . 22.74 -44.99 -9.53
O4 SO4 RA . 20.95 -44.58 -8.00
S SO4 SA . 41.25 -23.33 -28.96
O1 SO4 SA . 40.45 -22.12 -29.15
O2 SO4 SA . 40.39 -24.46 -28.68
O3 SO4 SA . 41.99 -23.59 -30.20
O4 SO4 SA . 42.19 -23.14 -27.87
S SO4 TA . -22.81 -46.32 4.23
O1 SO4 TA . -24.20 -46.74 4.08
O2 SO4 TA . -22.61 -45.77 5.57
O3 SO4 TA . -21.96 -47.49 4.04
O4 SO4 TA . -22.50 -45.30 3.23
S SO4 UA . -3.80 -5.65 -3.63
O1 SO4 UA . -4.48 -6.46 -4.64
O2 SO4 UA . -3.95 -6.26 -2.31
O3 SO4 UA . -2.38 -5.54 -3.93
O4 SO4 UA . -4.40 -4.31 -3.63
C1 EDO VA . -20.53 -17.13 -16.24
O1 EDO VA . -20.03 -17.00 -17.59
C2 EDO VA . -21.63 -16.12 -16.00
O2 EDO VA . -22.74 -16.43 -16.84
C1 EDO WA . 9.63 7.59 -17.75
O1 EDO WA . 8.87 8.56 -17.02
C2 EDO WA . 11.12 7.84 -17.53
O2 EDO WA . 11.39 9.24 -17.65
C1 EDO XA . 14.39 9.37 -18.82
O1 EDO XA . 15.60 9.45 -18.06
C2 EDO XA . 14.38 8.11 -19.68
O2 EDO XA . 15.72 7.70 -19.96
C1 EDO YA . 15.80 2.00 -27.89
O1 EDO YA . 17.07 2.48 -27.45
C2 EDO YA . 14.73 2.90 -27.27
O2 EDO YA . 13.51 2.69 -27.99
C1 EDO ZA . -12.36 -15.61 -7.04
O1 EDO ZA . -12.17 -16.55 -5.98
C2 EDO ZA . -13.70 -15.86 -7.69
O2 EDO ZA . -14.65 -16.16 -6.67
#